data_6GFE
#
_entry.id   6GFE
#
_cell.length_a   65.780
_cell.length_b   160.510
_cell.length_c   87.300
_cell.angle_alpha   90.00
_cell.angle_beta   110.72
_cell.angle_gamma   90.00
#
_symmetry.space_group_name_H-M   'P 1 21 1'
#
loop_
_entity.id
_entity.type
_entity.pdbx_description
1 polymer 'Immunoglobulin gamma-4 heavy chain'
2 polymer 'Immunoglobulin gamma-4 light chain'
3 branched 2-acetamido-2-deoxy-beta-D-glucopyranose-(1-2)-alpha-D-mannopyranose-(1-6)-[alpha-D-mannopyranose-(1-3)]beta-D-mannopyranose-(1-4)-2-acetamido-2-deoxy-beta-D-glucopyranose-(1-4)-[alpha-L-fucopyranose-(1-6)]2-acetamido-2-deoxy-beta-D-glucopyranose
4 non-polymer 'CALCIUM ION'
5 non-polymer 'ACETATE ION'
6 water water
#
loop_
_entity_poly.entity_id
_entity_poly.type
_entity_poly.pdbx_seq_one_letter_code
_entity_poly.pdbx_strand_id
1 'polypeptide(L)'
;QVELQQSGPGLVKPSQTLSLTCAISGDSVSSRSASWSWIRQSPGRGLEWLGRTYYRSHWYYEYAQSVKSRITINPDTSKN
QFSLQLNSVTPEDTAVYYCARMDVPSFRYFDVWGQGTLVTVSSASTKGPSVFPLAPCSRSTSESTAALGCLVKDYFPEPV
TVSWNSGALTSGVHTFPAVLQSSGLYSLSSVVTVPSSSLGTKTYTCNVDHKPSNTKVDKRVESKYGPPCPPCPAPEFLGG
PSVFLFPPKPKDTLMISRTPEVTCVVVDVSQEDPEVQFNWYVDGVEVHNAKTKPREEQFNSTYRVVSVLTVLHQDWLNGK
EYKCKVSNKGLPSSIEKTISKAKGQPREPQVYTLPPSQEEMTKNQVSLTCLVKGFYPSDIAVEWESNGQPENNYKTTPPV
LDSDGSFFLYSRLTVDKSRWQEGNVFSCSVMHEALHNHYTQKSLSLSLGK
;
H,K
2 'polypeptide(L)'
;DIVLTQSPATLSLSPGERATLSCRASQSVRSNYLAWYQQKPGQAPRLLIYGASNRATGVPARFSGSGSGTDFTLTISSLE
PEDFAVYYCQQISNSPPTFGQGTKVEIKRTVAAPSVFIFPPSDEQLKSGTASVVCLLNNFYPREAKVQWKVDNALQSGNS
QESVTEQDSKDSTYSLSSTLTLSKADYEKHKVYACEVTHQGLSSPVTKSFNRGEC
;
L,M
#
loop_
_chem_comp.id
_chem_comp.type
_chem_comp.name
_chem_comp.formula
ACT non-polymer 'ACETATE ION' 'C2 H3 O2 -1'
BMA D-saccharide, beta linking beta-D-mannopyranose 'C6 H12 O6'
CA non-polymer 'CALCIUM ION' 'Ca 2'
FUC L-saccharide, alpha linking alpha-L-fucopyranose 'C6 H12 O5'
MAN D-saccharide, alpha linking alpha-D-mannopyranose 'C6 H12 O6'
NAG D-saccharide, beta linking 2-acetamido-2-deoxy-beta-D-glucopyranose 'C8 H15 N O6'
#
# COMPACT_ATOMS: atom_id res chain seq x y z
N GLN A 1 -18.20 41.10 -21.52
CA GLN A 1 -17.73 40.88 -20.15
C GLN A 1 -16.27 41.31 -20.01
N VAL A 2 -16.05 42.30 -19.14
CA VAL A 2 -14.76 42.93 -18.88
C VAL A 2 -13.75 41.92 -18.36
N GLU A 3 -12.53 41.96 -18.91
CA GLU A 3 -11.47 41.07 -18.47
C GLU A 3 -10.25 41.84 -18.03
N LEU A 4 -9.59 41.32 -16.98
CA LEU A 4 -8.35 41.87 -16.46
C LEU A 4 -7.28 40.81 -16.60
N GLN A 5 -6.18 41.16 -17.28
CA GLN A 5 -5.07 40.25 -17.53
C GLN A 5 -3.84 40.76 -16.80
N GLN A 6 -3.38 39.98 -15.81
CA GLN A 6 -2.21 40.33 -15.00
C GLN A 6 -0.94 39.80 -15.59
N SER A 7 0.15 40.55 -15.41
CA SER A 7 1.49 40.15 -15.86
C SER A 7 2.53 40.77 -14.92
N GLY A 8 3.76 40.24 -14.98
CA GLY A 8 4.83 40.68 -14.10
C GLY A 8 5.39 39.52 -13.30
N PRO A 9 6.70 39.57 -12.96
CA PRO A 9 7.29 38.45 -12.19
C PRO A 9 6.79 38.42 -10.75
N GLY A 10 6.59 37.22 -10.24
CA GLY A 10 6.15 37.00 -8.86
C GLY A 10 7.29 36.91 -7.88
N LEU A 11 8.46 36.43 -8.37
CA LEU A 11 9.64 36.30 -7.52
C LEU A 11 10.37 37.64 -7.37
N VAL A 12 10.48 38.13 -6.13
CA VAL A 12 11.10 39.44 -5.82
C VAL A 12 12.13 39.23 -4.73
N LYS A 13 13.33 39.77 -4.90
CA LYS A 13 14.36 39.65 -3.87
C LYS A 13 14.01 40.56 -2.70
N PRO A 14 14.31 40.16 -1.44
CA PRO A 14 14.03 41.08 -0.30
C PRO A 14 14.68 42.44 -0.51
N SER A 15 13.96 43.51 -0.11
CA SER A 15 14.33 44.93 -0.22
C SER A 15 14.13 45.51 -1.63
N GLN A 16 13.82 44.66 -2.61
CA GLN A 16 13.63 45.13 -3.98
C GLN A 16 12.15 45.43 -4.26
N THR A 17 11.83 45.78 -5.51
CA THR A 17 10.50 46.24 -5.88
C THR A 17 9.66 45.19 -6.63
N LEU A 18 8.41 45.03 -6.18
CA LEU A 18 7.41 44.19 -6.85
C LEU A 18 6.75 45.10 -7.89
N SER A 19 6.66 44.64 -9.14
CA SER A 19 6.03 45.39 -10.23
C SER A 19 5.11 44.48 -11.00
N LEU A 20 3.82 44.77 -10.97
CA LEU A 20 2.81 44.01 -11.70
C LEU A 20 1.99 44.95 -12.55
N THR A 21 1.39 44.43 -13.62
CA THR A 21 0.56 45.20 -14.52
C THR A 21 -0.76 44.47 -14.72
N CYS A 22 -1.87 45.24 -14.86
CA CYS A 22 -3.22 44.75 -15.10
C CYS A 22 -3.75 45.38 -16.39
N ALA A 23 -3.88 44.59 -17.47
CA ALA A 23 -4.36 45.06 -18.78
C ALA A 23 -5.87 44.91 -18.85
N ILE A 24 -6.60 46.01 -19.11
CA ILE A 24 -8.07 46.02 -19.14
C ILE A 24 -8.58 45.82 -20.57
N SER A 25 -9.60 44.96 -20.73
CA SER A 25 -10.30 44.75 -22.01
C SER A 25 -11.79 44.85 -21.72
N GLY A 26 -12.53 45.66 -22.50
CA GLY A 26 -13.96 45.79 -22.32
C GLY A 26 -14.44 46.98 -21.51
N ASP A 27 -13.50 47.78 -21.00
CA ASP A 27 -13.79 48.99 -20.22
C ASP A 27 -12.58 49.93 -20.35
N SER A 28 -12.75 51.18 -19.93
CA SER A 28 -11.69 52.17 -20.01
C SER A 28 -11.09 52.42 -18.63
N VAL A 29 -9.75 52.55 -18.58
CA VAL A 29 -9.04 52.87 -17.35
C VAL A 29 -9.52 54.25 -16.80
N SER A 30 -9.99 55.15 -17.71
CA SER A 30 -10.48 56.49 -17.36
C SER A 30 -11.94 56.53 -16.97
N SER A 31 -12.63 55.36 -16.88
CA SER A 31 -14.04 55.28 -16.50
C SER A 31 -14.36 56.06 -15.23
N ARG A 32 -15.39 56.92 -15.30
CA ARG A 32 -15.85 57.74 -14.18
C ARG A 32 -16.67 56.94 -13.17
N SER A 33 -16.97 55.66 -13.48
CA SER A 33 -17.75 54.81 -12.58
C SER A 33 -16.89 53.75 -11.88
N ALA A 34 -15.68 53.49 -12.40
CA ALA A 34 -14.80 52.44 -11.88
C ALA A 34 -13.60 52.95 -11.10
N SER A 35 -13.07 52.08 -10.21
CA SER A 35 -11.85 52.29 -9.45
C SER A 35 -10.99 51.06 -9.74
N TRP A 36 -9.76 51.29 -10.19
CA TRP A 36 -8.83 50.24 -10.59
C TRP A 36 -7.95 49.92 -9.39
N SER A 37 -8.18 48.73 -8.81
CA SER A 37 -7.64 48.34 -7.50
C SER A 37 -6.74 47.15 -7.47
N TRP A 38 -5.96 47.03 -6.38
CA TRP A 38 -5.10 45.89 -6.08
C TRP A 38 -5.44 45.39 -4.71
N ILE A 39 -5.60 44.07 -4.60
CA ILE A 39 -5.96 43.38 -3.36
C ILE A 39 -5.02 42.19 -3.24
N ARG A 40 -4.48 41.93 -2.04
CA ARG A 40 -3.64 40.74 -1.87
C ARG A 40 -4.29 39.75 -0.92
N GLN A 41 -3.87 38.49 -1.02
CA GLN A 41 -4.42 37.42 -0.20
C GLN A 41 -3.30 36.52 0.30
N SER A 42 -3.29 36.29 1.61
CA SER A 42 -2.31 35.38 2.21
C SER A 42 -3.00 34.59 3.32
N PRO A 43 -2.59 33.32 3.59
CA PRO A 43 -3.18 32.60 4.73
C PRO A 43 -2.83 33.38 6.00
N GLY A 44 -3.81 33.61 6.87
CA GLY A 44 -3.55 34.38 8.08
C GLY A 44 -3.96 35.83 8.02
N ARG A 45 -3.47 36.59 7.00
CA ARG A 45 -3.87 37.99 6.83
C ARG A 45 -5.17 38.10 6.03
N GLY A 46 -5.45 37.07 5.24
CA GLY A 46 -6.64 36.99 4.41
C GLY A 46 -6.59 37.98 3.26
N LEU A 47 -7.78 38.47 2.84
CA LEU A 47 -7.92 39.43 1.74
C LEU A 47 -7.72 40.83 2.28
N GLU A 48 -6.77 41.54 1.67
CA GLU A 48 -6.38 42.87 2.10
C GLU A 48 -6.29 43.81 0.89
N TRP A 49 -7.11 44.85 0.92
CA TRP A 49 -7.13 45.88 -0.12
C TRP A 49 -5.87 46.75 0.03
N LEU A 50 -5.18 46.99 -1.08
CA LEU A 50 -3.94 47.76 -1.11
C LEU A 50 -4.15 49.21 -1.55
N GLY A 51 -5.05 49.40 -2.50
CA GLY A 51 -5.32 50.74 -2.99
C GLY A 51 -5.98 50.78 -4.33
N ARG A 52 -6.20 52.00 -4.85
CA ARG A 52 -6.84 52.22 -6.13
C ARG A 52 -6.34 53.49 -6.82
N THR A 53 -6.54 53.54 -8.13
CA THR A 53 -6.36 54.71 -8.98
C THR A 53 -7.70 54.88 -9.68
N TYR A 54 -8.16 56.12 -9.85
CA TYR A 54 -9.44 56.40 -10.48
C TYR A 54 -9.47 57.82 -11.03
N TYR A 55 -10.18 58.00 -12.14
CA TYR A 55 -10.28 59.29 -12.83
C TYR A 55 -11.66 59.89 -12.67
N ARG A 56 -11.72 61.13 -12.17
CA ARG A 56 -12.95 61.90 -12.01
C ARG A 56 -12.61 63.33 -12.46
N SER A 57 -12.34 63.52 -13.78
CA SER A 57 -11.87 64.76 -14.43
C SER A 57 -10.43 65.12 -13.98
N HIS A 58 -9.83 64.24 -13.15
CA HIS A 58 -8.49 64.31 -12.59
C HIS A 58 -8.13 62.92 -12.05
N TRP A 59 -6.86 62.53 -12.10
CA TRP A 59 -6.40 61.23 -11.57
C TRP A 59 -6.23 61.29 -10.06
N TYR A 60 -6.91 60.38 -9.34
CA TYR A 60 -6.83 60.25 -7.88
C TYR A 60 -6.21 58.90 -7.52
N TYR A 61 -5.57 58.84 -6.32
CA TYR A 61 -4.85 57.66 -5.79
C TYR A 61 -5.15 57.50 -4.33
N GLU A 62 -5.58 56.31 -3.91
CA GLU A 62 -5.90 56.06 -2.52
C GLU A 62 -5.25 54.75 -2.11
N TYR A 63 -4.53 54.76 -0.99
CA TYR A 63 -3.79 53.58 -0.55
C TYR A 63 -4.09 53.17 0.87
N ALA A 64 -3.95 51.86 1.16
CA ALA A 64 -4.11 51.33 2.51
C ALA A 64 -2.97 51.91 3.36
N GLN A 65 -3.29 52.31 4.60
CA GLN A 65 -2.32 52.90 5.53
C GLN A 65 -1.04 52.06 5.72
N SER A 66 -1.18 50.73 5.82
CA SER A 66 -0.06 49.80 6.03
C SER A 66 1.02 49.81 4.93
N VAL A 67 0.63 50.11 3.68
CA VAL A 67 1.58 50.10 2.55
C VAL A 67 1.81 51.48 1.90
N LYS A 68 1.09 52.53 2.37
CA LYS A 68 1.13 53.89 1.83
C LYS A 68 2.54 54.44 1.52
N SER A 69 3.53 54.16 2.39
CA SER A 69 4.91 54.64 2.22
C SER A 69 5.68 53.93 1.11
N ARG A 70 5.20 52.76 0.62
CA ARG A 70 5.94 51.96 -0.36
C ARG A 70 5.21 51.69 -1.66
N ILE A 71 3.92 52.07 -1.76
CA ILE A 71 3.08 51.74 -2.89
C ILE A 71 2.80 52.89 -3.86
N THR A 72 2.66 52.53 -5.14
CA THR A 72 2.24 53.40 -6.22
C THR A 72 1.37 52.57 -7.17
N ILE A 73 0.23 53.12 -7.58
CA ILE A 73 -0.67 52.49 -8.56
C ILE A 73 -0.80 53.50 -9.69
N ASN A 74 -0.26 53.21 -10.86
CA ASN A 74 -0.28 54.16 -11.97
C ASN A 74 -1.10 53.71 -13.16
N PRO A 75 -2.04 54.55 -13.63
CA PRO A 75 -2.78 54.19 -14.84
C PRO A 75 -1.98 54.52 -16.10
N ASP A 76 -2.27 53.82 -17.20
CA ASP A 76 -1.63 54.08 -18.48
C ASP A 76 -2.77 54.15 -19.47
N THR A 77 -3.14 55.36 -19.91
CA THR A 77 -4.27 55.55 -20.85
C THR A 77 -3.94 55.11 -22.29
N SER A 78 -2.64 55.01 -22.64
CA SER A 78 -2.21 54.60 -23.98
C SER A 78 -2.39 53.09 -24.17
N LYS A 79 -2.09 52.29 -23.14
CA LYS A 79 -2.18 50.83 -23.17
C LYS A 79 -3.42 50.28 -22.46
N ASN A 80 -4.25 51.19 -21.87
CA ASN A 80 -5.47 50.89 -21.11
C ASN A 80 -5.16 49.86 -20.01
N GLN A 81 -4.21 50.21 -19.17
CA GLN A 81 -3.75 49.34 -18.10
C GLN A 81 -3.41 50.14 -16.86
N PHE A 82 -3.10 49.43 -15.78
CA PHE A 82 -2.70 50.09 -14.54
C PHE A 82 -1.74 49.16 -13.83
N SER A 83 -0.79 49.75 -13.13
CA SER A 83 0.25 48.94 -12.52
C SER A 83 0.24 49.03 -11.01
N LEU A 84 1.00 48.13 -10.39
CA LEU A 84 1.23 48.10 -8.96
C LEU A 84 2.74 48.14 -8.81
N GLN A 85 3.23 49.04 -7.97
CA GLN A 85 4.64 49.10 -7.61
C GLN A 85 4.68 49.07 -6.08
N LEU A 86 5.36 48.07 -5.50
CA LEU A 86 5.50 47.95 -4.04
C LEU A 86 6.98 47.84 -3.74
N ASN A 87 7.55 48.90 -3.12
CA ASN A 87 8.98 48.99 -2.83
C ASN A 87 9.37 48.29 -1.56
N SER A 88 10.68 48.05 -1.38
CA SER A 88 11.31 47.54 -0.17
C SER A 88 10.56 46.34 0.38
N VAL A 89 10.32 45.31 -0.46
CA VAL A 89 9.55 44.15 -0.01
C VAL A 89 10.28 43.34 1.06
N THR A 90 9.50 42.70 1.92
CA THR A 90 10.00 41.81 2.97
C THR A 90 9.22 40.47 2.82
N PRO A 91 9.63 39.38 3.50
CA PRO A 91 8.83 38.14 3.46
C PRO A 91 7.35 38.33 3.83
N GLU A 92 7.00 39.41 4.58
CA GLU A 92 5.59 39.70 4.94
C GLU A 92 4.76 40.08 3.69
N ASP A 93 5.42 40.43 2.58
CA ASP A 93 4.73 40.77 1.33
C ASP A 93 4.41 39.56 0.47
N THR A 94 4.87 38.36 0.86
CA THR A 94 4.58 37.12 0.13
C THR A 94 3.06 36.90 0.19
N ALA A 95 2.39 36.81 -0.98
CA ALA A 95 0.93 36.67 -1.09
C ALA A 95 0.55 36.49 -2.56
N VAL A 96 -0.74 36.25 -2.80
CA VAL A 96 -1.29 36.23 -4.16
C VAL A 96 -1.83 37.66 -4.34
N TYR A 97 -1.41 38.35 -5.41
CA TYR A 97 -1.87 39.71 -5.69
C TYR A 97 -2.86 39.70 -6.82
N TYR A 98 -4.02 40.33 -6.62
CA TYR A 98 -5.06 40.44 -7.63
C TYR A 98 -5.29 41.89 -8.01
N CYS A 99 -5.53 42.15 -9.30
CA CYS A 99 -6.04 43.46 -9.67
C CYS A 99 -7.57 43.26 -9.76
N ALA A 100 -8.34 44.34 -9.56
CA ALA A 100 -9.80 44.23 -9.59
C ALA A 100 -10.46 45.53 -9.97
N ARG A 101 -11.66 45.42 -10.57
CA ARG A 101 -12.47 46.58 -10.87
C ARG A 101 -13.46 46.78 -9.74
N MET A 102 -13.45 47.98 -9.11
CA MET A 102 -14.46 48.33 -8.16
C MET A 102 -15.43 49.15 -9.01
N ASP A 103 -16.70 48.77 -9.07
CA ASP A 103 -17.59 49.47 -10.00
C ASP A 103 -18.87 49.95 -9.38
N VAL A 104 -19.43 51.02 -9.99
CA VAL A 104 -20.73 51.64 -9.66
C VAL A 104 -20.64 52.42 -8.34
N PRO A 105 -20.61 53.78 -8.39
CA PRO A 105 -20.49 54.57 -7.14
C PRO A 105 -21.50 54.26 -6.05
N SER A 106 -22.70 53.81 -6.43
CA SER A 106 -23.79 53.47 -5.51
C SER A 106 -23.55 52.16 -4.73
N PHE A 107 -22.76 51.22 -5.30
CA PHE A 107 -22.53 49.91 -4.66
C PHE A 107 -21.06 49.59 -4.37
N ARG A 108 -20.16 49.98 -5.28
CA ARG A 108 -18.71 49.80 -5.18
C ARG A 108 -18.31 48.35 -4.89
N TYR A 109 -18.85 47.43 -5.69
CA TYR A 109 -18.51 46.01 -5.56
C TYR A 109 -17.29 45.72 -6.44
N PHE A 110 -16.60 44.59 -6.20
CA PHE A 110 -15.47 44.19 -7.03
C PHE A 110 -16.00 43.09 -7.96
N ASP A 111 -16.47 43.48 -9.16
CA ASP A 111 -17.10 42.50 -10.05
C ASP A 111 -16.15 41.76 -10.97
N VAL A 112 -15.02 42.38 -11.33
CA VAL A 112 -14.05 41.78 -12.25
C VAL A 112 -12.70 41.72 -11.58
N TRP A 113 -12.04 40.55 -11.64
CA TRP A 113 -10.74 40.32 -11.03
C TRP A 113 -9.77 39.73 -12.03
N GLY A 114 -8.50 40.04 -11.82
CA GLY A 114 -7.43 39.44 -12.61
C GLY A 114 -7.26 37.99 -12.13
N GLN A 115 -6.39 37.22 -12.80
CA GLN A 115 -6.20 35.81 -12.45
C GLN A 115 -5.36 35.62 -11.16
N GLY A 116 -4.71 36.68 -10.71
CA GLY A 116 -3.84 36.61 -9.54
C GLY A 116 -2.42 36.26 -9.91
N THR A 117 -1.47 36.85 -9.19
CA THR A 117 -0.05 36.56 -9.36
C THR A 117 0.48 36.12 -8.03
N LEU A 118 1.09 34.92 -7.99
CA LEU A 118 1.70 34.43 -6.74
C LEU A 118 3.04 35.15 -6.59
N VAL A 119 3.18 35.95 -5.54
CA VAL A 119 4.38 36.72 -5.28
C VAL A 119 5.18 36.06 -4.15
N THR A 120 6.43 35.68 -4.43
CA THR A 120 7.34 35.06 -3.45
C THR A 120 8.50 36.02 -3.21
N VAL A 121 8.74 36.36 -1.94
CA VAL A 121 9.86 37.22 -1.59
C VAL A 121 10.97 36.31 -1.11
N SER A 122 12.03 36.21 -1.94
CA SER A 122 13.17 35.32 -1.66
C SER A 122 14.39 35.73 -2.48
N SER A 123 15.58 35.51 -1.92
CA SER A 123 16.85 35.77 -2.61
C SER A 123 17.25 34.61 -3.52
N ALA A 124 16.59 33.43 -3.35
CA ALA A 124 16.89 32.22 -4.13
C ALA A 124 16.65 32.37 -5.64
N SER A 125 17.48 31.73 -6.44
CA SER A 125 17.39 31.82 -7.90
C SER A 125 16.29 30.91 -8.47
N THR A 126 15.79 31.26 -9.64
CA THR A 126 14.78 30.50 -10.37
C THR A 126 15.43 29.21 -10.87
N LYS A 127 14.72 28.07 -10.70
CA LYS A 127 15.19 26.74 -11.10
CA LYS A 127 15.19 26.75 -11.11
C LYS A 127 14.03 25.98 -11.71
N GLY A 128 14.24 25.46 -12.92
CA GLY A 128 13.23 24.68 -13.63
C GLY A 128 13.13 23.28 -13.06
N PRO A 129 11.95 22.64 -13.19
CA PRO A 129 11.79 21.29 -12.60
C PRO A 129 12.40 20.17 -13.38
N SER A 130 12.64 19.05 -12.66
CA SER A 130 12.96 17.74 -13.24
C SER A 130 11.69 16.91 -13.10
N VAL A 131 11.41 16.05 -14.09
CA VAL A 131 10.14 15.31 -14.11
C VAL A 131 10.42 13.84 -14.31
N PHE A 132 9.89 13.02 -13.41
CA PHE A 132 10.09 11.57 -13.41
C PHE A 132 8.77 10.81 -13.51
N PRO A 133 8.74 9.65 -14.21
CA PRO A 133 7.48 8.94 -14.34
C PRO A 133 7.09 8.13 -13.12
N LEU A 134 5.79 8.04 -12.88
CA LEU A 134 5.21 7.22 -11.80
C LEU A 134 4.39 6.13 -12.49
N ALA A 135 4.91 4.92 -12.47
CA ALA A 135 4.25 3.80 -13.12
C ALA A 135 4.26 2.57 -12.20
N PRO A 136 3.17 1.76 -12.16
CA PRO A 136 3.18 0.57 -11.29
C PRO A 136 4.32 -0.40 -11.60
N CYS A 137 4.75 -1.19 -10.59
CA CYS A 137 5.82 -2.17 -10.73
C CYS A 137 5.48 -3.24 -11.79
N SER A 138 4.25 -3.78 -11.75
CA SER A 138 3.77 -4.82 -12.66
C SER A 138 2.51 -4.35 -13.38
N SER A 142 -6.23 -7.90 -13.62
CA SER A 142 -7.25 -8.09 -12.61
C SER A 142 -8.10 -6.82 -12.42
N GLU A 143 -7.45 -5.69 -12.03
CA GLU A 143 -8.11 -4.40 -11.83
C GLU A 143 -8.43 -3.74 -13.17
N SER A 144 -9.63 -3.18 -13.29
CA SER A 144 -10.12 -2.51 -14.49
C SER A 144 -9.49 -1.12 -14.70
N THR A 145 -9.11 -0.44 -13.59
CA THR A 145 -8.51 0.90 -13.65
C THR A 145 -7.09 0.91 -13.10
N ALA A 146 -6.20 1.61 -13.79
CA ALA A 146 -4.79 1.74 -13.42
C ALA A 146 -4.46 3.20 -13.13
N ALA A 147 -3.46 3.43 -12.29
CA ALA A 147 -3.01 4.80 -12.03
C ALA A 147 -1.61 5.02 -12.61
N LEU A 148 -1.37 6.22 -13.16
CA LEU A 148 -0.07 6.63 -13.69
C LEU A 148 0.15 8.04 -13.16
N GLY A 149 1.35 8.53 -13.30
CA GLY A 149 1.62 9.90 -12.91
C GLY A 149 3.00 10.39 -13.22
N CYS A 150 3.30 11.62 -12.79
N CYS A 150 3.28 11.60 -12.74
CA CYS A 150 4.62 12.20 -12.93
CA CYS A 150 4.57 12.24 -12.88
C CYS A 150 5.00 13.04 -11.71
C CYS A 150 4.93 12.88 -11.57
N LEU A 151 6.21 12.80 -11.18
CA LEU A 151 6.76 13.46 -10.01
C LEU A 151 7.52 14.66 -10.58
N VAL A 152 7.14 15.86 -10.16
CA VAL A 152 7.67 17.15 -10.60
C VAL A 152 8.46 17.72 -9.43
N LYS A 153 9.79 17.85 -9.55
CA LYS A 153 10.53 18.29 -8.38
C LYS A 153 11.73 19.19 -8.68
N ASP A 154 12.33 19.73 -7.61
CA ASP A 154 13.53 20.58 -7.66
C ASP A 154 13.31 21.92 -8.39
N TYR A 155 12.11 22.46 -8.32
CA TYR A 155 11.85 23.74 -8.97
C TYR A 155 11.64 24.87 -7.98
N PHE A 156 11.83 26.10 -8.45
CA PHE A 156 11.64 27.30 -7.65
C PHE A 156 11.50 28.50 -8.60
N PRO A 157 10.58 29.45 -8.33
CA PRO A 157 9.54 29.43 -7.28
C PRO A 157 8.31 28.68 -7.81
N GLU A 158 7.23 28.71 -7.05
CA GLU A 158 5.95 28.21 -7.53
C GLU A 158 5.42 29.29 -8.52
N PRO A 159 4.47 28.96 -9.43
CA PRO A 159 3.80 27.68 -9.62
C PRO A 159 4.27 26.92 -10.86
N VAL A 160 3.80 25.68 -11.00
CA VAL A 160 3.92 24.87 -12.20
C VAL A 160 2.46 24.58 -12.63
N THR A 161 2.24 24.34 -13.92
CA THR A 161 0.95 23.93 -14.47
C THR A 161 1.20 22.55 -15.07
N VAL A 162 0.40 21.56 -14.71
CA VAL A 162 0.60 20.22 -15.28
C VAL A 162 -0.58 19.85 -16.15
N SER A 163 -0.31 19.35 -17.38
CA SER A 163 -1.37 18.80 -18.22
C SER A 163 -1.02 17.37 -18.61
N TRP A 164 -1.97 16.66 -19.17
CA TRP A 164 -1.73 15.30 -19.64
C TRP A 164 -2.16 15.24 -21.11
N ASN A 165 -1.33 14.60 -21.94
CA ASN A 165 -1.56 14.48 -23.41
C ASN A 165 -1.91 15.83 -24.04
N SER A 166 -1.10 16.85 -23.69
CA SER A 166 -1.19 18.23 -24.18
C SER A 166 -2.56 18.91 -23.89
N GLY A 167 -3.24 18.44 -22.84
CA GLY A 167 -4.53 18.98 -22.41
C GLY A 167 -5.72 18.14 -22.85
N ALA A 168 -5.48 17.04 -23.60
CA ALA A 168 -6.58 16.16 -24.05
C ALA A 168 -7.16 15.35 -22.90
N LEU A 169 -6.30 14.99 -21.93
CA LEU A 169 -6.70 14.16 -20.80
C LEU A 169 -6.92 14.99 -19.55
N THR A 170 -8.18 15.11 -19.11
CA THR A 170 -8.53 15.92 -17.93
C THR A 170 -9.26 15.09 -16.88
N SER A 171 -10.05 14.09 -17.32
CA SER A 171 -10.81 13.21 -16.44
C SER A 171 -9.91 12.31 -15.61
N GLY A 172 -10.17 12.28 -14.31
CA GLY A 172 -9.42 11.48 -13.35
C GLY A 172 -8.04 12.01 -12.99
N VAL A 173 -7.70 13.24 -13.44
CA VAL A 173 -6.40 13.90 -13.16
C VAL A 173 -6.45 14.54 -11.76
N HIS A 174 -5.42 14.28 -10.96
CA HIS A 174 -5.25 14.94 -9.66
C HIS A 174 -3.84 15.48 -9.59
N THR A 175 -3.69 16.82 -9.54
CA THR A 175 -2.39 17.45 -9.37
C THR A 175 -2.33 17.97 -7.94
N PHE A 176 -1.44 17.39 -7.15
CA PHE A 176 -1.33 17.73 -5.75
C PHE A 176 -0.71 19.09 -5.49
N PRO A 177 -1.03 19.72 -4.34
CA PRO A 177 -0.34 20.98 -3.99
C PRO A 177 1.16 20.70 -3.79
N ALA A 178 2.00 21.65 -4.17
CA ALA A 178 3.44 21.50 -3.99
C ALA A 178 3.82 21.62 -2.51
N VAL A 179 4.91 20.97 -2.13
CA VAL A 179 5.48 21.04 -0.79
C VAL A 179 6.91 21.57 -0.91
N LEU A 180 7.26 22.54 -0.07
CA LEU A 180 8.61 23.09 -0.05
C LEU A 180 9.50 22.11 0.74
N GLN A 181 10.50 21.55 0.06
CA GLN A 181 11.42 20.56 0.65
C GLN A 181 12.53 21.28 1.45
N SER A 182 13.33 20.50 2.22
CA SER A 182 14.42 21.03 3.06
C SER A 182 15.49 21.72 2.22
N SER A 183 15.56 21.36 0.92
CA SER A 183 16.47 21.95 -0.08
C SER A 183 16.05 23.39 -0.47
N GLY A 184 14.82 23.78 -0.13
CA GLY A 184 14.24 25.06 -0.52
C GLY A 184 13.63 25.02 -1.90
N LEU A 185 13.46 23.80 -2.45
CA LEU A 185 12.86 23.58 -3.77
C LEU A 185 11.52 22.88 -3.61
N TYR A 186 10.59 23.10 -4.55
CA TYR A 186 9.26 22.50 -4.44
C TYR A 186 9.19 21.15 -5.11
N SER A 187 8.23 20.32 -4.67
CA SER A 187 7.97 19.02 -5.26
C SER A 187 6.47 18.74 -5.24
N LEU A 188 5.96 18.08 -6.28
CA LEU A 188 4.57 17.64 -6.33
C LEU A 188 4.46 16.47 -7.26
N SER A 189 3.31 15.77 -7.20
N SER A 189 3.35 15.75 -7.19
CA SER A 189 2.97 14.67 -8.09
CA SER A 189 3.00 14.68 -8.11
C SER A 189 1.63 14.96 -8.75
C SER A 189 1.67 15.02 -8.77
N SER A 190 1.49 14.57 -10.02
CA SER A 190 0.25 14.69 -10.77
C SER A 190 -0.06 13.25 -11.16
N VAL A 191 -1.26 12.81 -10.89
CA VAL A 191 -1.68 11.45 -11.20
C VAL A 191 -2.93 11.44 -12.06
N VAL A 192 -3.19 10.29 -12.70
CA VAL A 192 -4.37 10.10 -13.51
C VAL A 192 -4.74 8.62 -13.45
N THR A 193 -6.03 8.30 -13.39
CA THR A 193 -6.51 6.92 -13.44
C THR A 193 -7.07 6.72 -14.82
N VAL A 194 -6.71 5.59 -15.44
CA VAL A 194 -7.09 5.26 -16.82
C VAL A 194 -7.52 3.79 -16.91
N PRO A 195 -8.26 3.37 -17.99
CA PRO A 195 -8.60 1.93 -18.11
C PRO A 195 -7.33 1.10 -18.30
N SER A 196 -7.22 -0.01 -17.56
CA SER A 196 -6.09 -0.95 -17.62
C SER A 196 -5.89 -1.55 -19.03
N SER A 197 -6.99 -1.73 -19.78
CA SER A 197 -7.00 -2.26 -21.15
C SER A 197 -6.26 -1.34 -22.14
N SER A 198 -6.32 -0.02 -21.92
CA SER A 198 -5.71 1.01 -22.75
C SER A 198 -4.17 1.10 -22.64
N LEU A 199 -3.58 0.56 -21.54
CA LEU A 199 -2.15 0.65 -21.24
C LEU A 199 -1.21 0.14 -22.36
N GLY A 200 -1.64 -0.88 -23.10
CA GLY A 200 -0.85 -1.47 -24.18
C GLY A 200 -0.88 -0.72 -25.48
N THR A 201 -1.97 0.00 -25.76
CA THR A 201 -2.16 0.74 -27.02
C THR A 201 -2.02 2.26 -26.89
N LYS A 202 -2.55 2.86 -25.81
CA LYS A 202 -2.55 4.30 -25.58
C LYS A 202 -1.30 4.83 -24.85
N THR A 203 -0.82 6.00 -25.28
CA THR A 203 0.34 6.66 -24.67
C THR A 203 -0.14 7.74 -23.69
N TYR A 204 0.61 7.93 -22.61
CA TYR A 204 0.29 8.92 -21.59
C TYR A 204 1.52 9.77 -21.31
N THR A 205 1.40 11.08 -21.54
CA THR A 205 2.52 11.99 -21.38
C THR A 205 2.11 13.17 -20.52
N CYS A 206 2.90 13.49 -19.47
N CYS A 206 2.88 13.49 -19.50
CA CYS A 206 2.60 14.64 -18.63
CA CYS A 206 2.55 14.66 -18.71
C CYS A 206 3.43 15.85 -19.08
C CYS A 206 3.37 15.84 -19.25
N ASN A 207 2.78 17.02 -19.19
CA ASN A 207 3.41 18.24 -19.69
C ASN A 207 3.44 19.22 -18.54
N VAL A 208 4.63 19.65 -18.18
CA VAL A 208 4.84 20.54 -17.05
C VAL A 208 5.33 21.90 -17.53
N ASP A 209 4.56 22.93 -17.24
CA ASP A 209 4.93 24.30 -17.61
C ASP A 209 5.41 25.03 -16.37
N HIS A 210 6.64 25.60 -16.44
CA HIS A 210 7.20 26.41 -15.37
C HIS A 210 7.58 27.76 -15.96
N LYS A 211 6.63 28.69 -15.96
CA LYS A 211 6.81 30.04 -16.52
C LYS A 211 8.02 30.82 -15.94
N PRO A 212 8.33 30.79 -14.62
CA PRO A 212 9.52 31.53 -14.13
C PRO A 212 10.84 31.17 -14.78
N SER A 213 11.06 29.89 -15.10
CA SER A 213 12.29 29.43 -15.75
C SER A 213 12.15 29.36 -17.28
N ASN A 214 10.95 29.70 -17.82
CA ASN A 214 10.64 29.63 -19.27
C ASN A 214 10.86 28.20 -19.83
N THR A 215 10.52 27.18 -19.03
CA THR A 215 10.68 25.80 -19.46
C THR A 215 9.36 25.05 -19.47
N LYS A 216 9.23 24.15 -20.43
CA LYS A 216 8.10 23.26 -20.61
C LYS A 216 8.73 21.87 -20.72
N VAL A 217 8.36 20.98 -19.81
CA VAL A 217 8.96 19.63 -19.76
C VAL A 217 7.91 18.59 -20.07
N ASP A 218 8.25 17.64 -20.97
CA ASP A 218 7.36 16.53 -21.31
C ASP A 218 7.95 15.24 -20.80
N LYS A 219 7.08 14.33 -20.31
CA LYS A 219 7.54 13.03 -19.82
C LYS A 219 6.54 11.95 -20.13
N ARG A 220 6.93 11.02 -21.02
CA ARG A 220 6.08 9.88 -21.39
C ARG A 220 6.13 8.89 -20.23
N VAL A 221 4.98 8.38 -19.83
CA VAL A 221 4.87 7.45 -18.71
C VAL A 221 4.59 6.07 -19.27
N GLU A 222 5.62 5.22 -19.27
CA GLU A 222 5.54 3.87 -19.82
C GLU A 222 5.40 2.80 -18.76
N SER A 223 4.41 1.92 -18.97
CA SER A 223 4.08 0.81 -18.08
C SER A 223 4.53 -0.53 -18.69
N LYS A 224 4.71 -1.56 -17.83
CA LYS A 224 5.12 -2.90 -18.20
C LYS A 224 4.05 -3.63 -19.03
N GLY A 240 -22.66 -7.45 -4.93
CA GLY A 240 -22.39 -6.04 -5.17
C GLY A 240 -23.59 -5.12 -5.01
N PRO A 241 -24.62 -5.20 -5.90
CA PRO A 241 -25.77 -4.27 -5.80
C PRO A 241 -26.54 -4.25 -4.50
N SER A 242 -27.04 -3.05 -4.13
CA SER A 242 -27.83 -2.78 -2.93
C SER A 242 -29.15 -2.15 -3.36
N VAL A 243 -30.24 -2.46 -2.64
CA VAL A 243 -31.57 -1.95 -2.95
C VAL A 243 -32.13 -1.13 -1.78
N PHE A 244 -32.75 0.03 -2.10
CA PHE A 244 -33.37 0.92 -1.13
C PHE A 244 -34.78 1.24 -1.60
N LEU A 245 -35.76 1.08 -0.70
CA LEU A 245 -37.17 1.30 -1.02
C LEU A 245 -37.71 2.44 -0.17
N PHE A 246 -38.15 3.52 -0.84
CA PHE A 246 -38.62 4.74 -0.17
C PHE A 246 -40.13 4.91 -0.20
N PRO A 247 -40.74 5.33 0.93
CA PRO A 247 -42.20 5.56 0.94
C PRO A 247 -42.60 6.85 0.23
N PRO A 248 -43.92 7.13 0.02
CA PRO A 248 -44.27 8.43 -0.54
C PRO A 248 -44.08 9.52 0.51
N LYS A 249 -44.04 10.78 0.09
CA LYS A 249 -43.90 11.90 1.01
C LYS A 249 -45.26 12.05 1.72
N PRO A 250 -45.30 12.27 3.08
CA PRO A 250 -46.61 12.38 3.76
C PRO A 250 -47.60 13.36 3.12
N LYS A 251 -47.14 14.54 2.67
CA LYS A 251 -47.99 15.55 2.02
C LYS A 251 -48.66 15.02 0.75
N ASP A 252 -47.95 14.22 -0.06
CA ASP A 252 -48.48 13.64 -1.31
C ASP A 252 -49.69 12.73 -1.08
N THR A 253 -49.63 11.85 -0.05
CA THR A 253 -50.69 10.89 0.30
C THR A 253 -51.98 11.56 0.80
N LEU A 254 -51.87 12.76 1.39
CA LEU A 254 -52.97 13.51 2.01
C LEU A 254 -53.65 14.54 1.12
N MET A 255 -53.05 14.84 -0.05
CA MET A 255 -53.60 15.80 -1.00
C MET A 255 -53.96 15.08 -2.29
N ILE A 256 -55.25 15.15 -2.69
CA ILE A 256 -55.77 14.51 -3.90
C ILE A 256 -55.13 15.12 -5.18
N SER A 257 -54.72 16.40 -5.12
CA SER A 257 -54.06 17.13 -6.21
C SER A 257 -52.58 16.72 -6.39
N ARG A 258 -52.01 16.00 -5.41
CA ARG A 258 -50.62 15.51 -5.42
C ARG A 258 -50.58 14.03 -5.82
N THR A 259 -49.41 13.56 -6.28
CA THR A 259 -49.27 12.17 -6.73
C THR A 259 -48.29 11.40 -5.83
N PRO A 260 -48.79 10.53 -4.93
CA PRO A 260 -47.87 9.76 -4.09
C PRO A 260 -47.22 8.63 -4.88
N GLU A 261 -45.95 8.37 -4.56
CA GLU A 261 -45.21 7.30 -5.25
C GLU A 261 -44.20 6.64 -4.34
N VAL A 262 -43.99 5.33 -4.56
CA VAL A 262 -42.98 4.54 -3.86
C VAL A 262 -41.79 4.41 -4.81
N THR A 263 -40.57 4.61 -4.28
CA THR A 263 -39.37 4.59 -5.12
C THR A 263 -38.40 3.48 -4.77
N CYS A 264 -38.08 2.65 -5.77
CA CYS A 264 -37.11 1.58 -5.63
C CYS A 264 -35.81 2.03 -6.30
N VAL A 265 -34.73 2.09 -5.53
CA VAL A 265 -33.41 2.52 -5.99
C VAL A 265 -32.39 1.37 -5.89
N VAL A 266 -31.69 1.09 -6.99
CA VAL A 266 -30.63 0.09 -7.02
C VAL A 266 -29.30 0.78 -7.26
N VAL A 267 -28.36 0.59 -6.33
CA VAL A 267 -27.02 1.18 -6.41
C VAL A 267 -25.98 0.06 -6.53
N ASP A 268 -24.72 0.42 -6.85
CA ASP A 268 -23.59 -0.48 -7.02
C ASP A 268 -23.81 -1.53 -8.12
N VAL A 269 -24.52 -1.13 -9.18
CA VAL A 269 -24.73 -1.98 -10.36
C VAL A 269 -23.41 -1.84 -11.15
N SER A 270 -22.80 -2.96 -11.51
CA SER A 270 -21.52 -2.94 -12.24
C SER A 270 -21.75 -2.82 -13.74
N GLN A 271 -20.76 -2.29 -14.47
CA GLN A 271 -20.81 -2.13 -15.93
C GLN A 271 -20.82 -3.50 -16.62
N GLU A 272 -20.03 -4.46 -16.07
CA GLU A 272 -19.90 -5.84 -16.57
C GLU A 272 -21.21 -6.64 -16.46
N ASP A 273 -21.97 -6.44 -15.36
CA ASP A 273 -23.25 -7.12 -15.13
C ASP A 273 -24.41 -6.09 -14.99
N PRO A 274 -24.86 -5.45 -16.11
CA PRO A 274 -25.94 -4.46 -15.99
C PRO A 274 -27.33 -5.07 -16.22
N GLU A 275 -28.31 -4.24 -16.64
CA GLU A 275 -29.71 -4.58 -16.93
C GLU A 275 -30.40 -5.26 -15.74
N VAL A 276 -31.08 -4.45 -14.91
CA VAL A 276 -31.80 -4.92 -13.72
C VAL A 276 -33.29 -5.12 -14.02
N GLN A 277 -33.88 -6.17 -13.41
CA GLN A 277 -35.29 -6.49 -13.59
C GLN A 277 -36.09 -6.00 -12.38
N PHE A 278 -37.10 -5.15 -12.64
CA PHE A 278 -37.97 -4.58 -11.60
C PHE A 278 -39.37 -5.21 -11.61
N ASN A 279 -39.69 -5.99 -10.56
CA ASN A 279 -41.01 -6.61 -10.40
C ASN A 279 -41.66 -6.10 -9.12
N TRP A 280 -42.86 -5.53 -9.24
CA TRP A 280 -43.61 -4.97 -8.12
C TRP A 280 -44.75 -5.89 -7.64
N TYR A 281 -45.14 -5.75 -6.35
CA TYR A 281 -46.22 -6.53 -5.74
C TYR A 281 -47.05 -5.68 -4.77
N VAL A 282 -48.30 -5.33 -5.15
CA VAL A 282 -49.20 -4.59 -4.27
C VAL A 282 -50.02 -5.67 -3.54
N ASP A 283 -49.73 -5.87 -2.23
CA ASP A 283 -50.34 -6.93 -1.41
C ASP A 283 -50.16 -8.34 -2.07
N GLY A 284 -49.00 -8.56 -2.69
CA GLY A 284 -48.64 -9.80 -3.37
C GLY A 284 -49.06 -9.90 -4.83
N VAL A 285 -49.92 -8.98 -5.30
CA VAL A 285 -50.43 -8.94 -6.68
C VAL A 285 -49.49 -8.11 -7.57
N GLU A 286 -48.96 -8.74 -8.65
CA GLU A 286 -48.06 -8.04 -9.56
C GLU A 286 -48.74 -6.92 -10.35
N VAL A 287 -48.11 -5.74 -10.38
CA VAL A 287 -48.57 -4.55 -11.09
C VAL A 287 -47.58 -4.18 -12.19
N HIS A 288 -48.05 -3.59 -13.31
CA HIS A 288 -47.17 -3.27 -14.43
C HIS A 288 -47.23 -1.79 -14.87
N ASN A 289 -47.60 -0.88 -13.96
CA ASN A 289 -47.69 0.56 -14.25
C ASN A 289 -46.48 1.39 -13.74
N ALA A 290 -45.42 0.72 -13.22
CA ALA A 290 -44.22 1.41 -12.72
C ALA A 290 -43.44 2.03 -13.86
N LYS A 291 -42.78 3.16 -13.58
CA LYS A 291 -41.96 3.87 -14.56
C LYS A 291 -40.50 3.70 -14.16
N THR A 292 -39.79 2.84 -14.92
CA THR A 292 -38.39 2.52 -14.67
C THR A 292 -37.51 3.41 -15.55
N LYS A 293 -36.60 4.16 -14.90
CA LYS A 293 -35.68 5.07 -15.58
C LYS A 293 -34.43 4.32 -16.04
N PRO A 294 -33.78 4.73 -17.16
CA PRO A 294 -32.57 4.01 -17.59
C PRO A 294 -31.38 4.20 -16.63
N ARG A 295 -30.43 3.25 -16.69
CA ARG A 295 -29.17 3.19 -15.95
C ARG A 295 -28.44 4.53 -15.96
N GLU A 296 -27.97 5.01 -14.79
CA GLU A 296 -27.21 6.25 -14.74
C GLU A 296 -25.86 5.99 -14.13
N GLU A 297 -24.79 6.27 -14.91
CA GLU A 297 -23.43 6.07 -14.45
C GLU A 297 -23.10 7.09 -13.36
N GLN A 298 -22.50 6.59 -12.29
CA GLN A 298 -22.11 7.39 -11.14
C GLN A 298 -20.64 7.80 -11.25
N PHE A 299 -20.23 8.83 -10.47
CA PHE A 299 -18.82 9.28 -10.46
C PHE A 299 -17.85 8.20 -9.98
N ASN A 300 -18.33 7.22 -9.16
CA ASN A 300 -17.50 6.12 -8.64
C ASN A 300 -17.48 4.89 -9.56
N SER A 301 -17.86 5.06 -10.85
CA SER A 301 -17.86 4.07 -11.94
C SER A 301 -18.92 2.93 -11.80
N THR A 302 -19.86 3.08 -10.85
CA THR A 302 -20.96 2.12 -10.70
C THR A 302 -22.17 2.71 -11.43
N TYR A 303 -23.28 1.98 -11.46
CA TYR A 303 -24.54 2.42 -12.06
C TYR A 303 -25.63 2.47 -11.00
N ARG A 304 -26.59 3.37 -11.20
CA ARG A 304 -27.75 3.53 -10.33
C ARG A 304 -29.01 3.46 -11.19
N VAL A 305 -30.00 2.63 -10.78
CA VAL A 305 -31.26 2.44 -11.52
C VAL A 305 -32.44 2.71 -10.57
N VAL A 306 -33.41 3.49 -11.06
CA VAL A 306 -34.57 3.91 -10.27
C VAL A 306 -35.90 3.52 -10.94
N SER A 307 -36.79 2.88 -10.17
CA SER A 307 -38.14 2.52 -10.62
C SER A 307 -39.12 3.23 -9.69
N VAL A 308 -40.09 3.94 -10.28
CA VAL A 308 -41.08 4.73 -9.53
C VAL A 308 -42.48 4.15 -9.75
N LEU A 309 -43.18 3.79 -8.66
CA LEU A 309 -44.53 3.25 -8.74
C LEU A 309 -45.52 4.22 -8.11
N THR A 310 -46.45 4.78 -8.94
CA THR A 310 -47.52 5.68 -8.49
C THR A 310 -48.42 4.83 -7.62
N VAL A 311 -48.75 5.35 -6.45
CA VAL A 311 -49.55 4.69 -5.45
C VAL A 311 -50.89 5.42 -5.35
N LEU A 312 -51.98 4.69 -5.04
CA LEU A 312 -53.29 5.30 -4.85
C LEU A 312 -53.32 5.81 -3.40
N HIS A 313 -53.72 7.08 -3.21
CA HIS A 313 -53.79 7.75 -1.90
C HIS A 313 -54.41 6.86 -0.82
N GLN A 314 -55.65 6.37 -1.06
CA GLN A 314 -56.39 5.51 -0.15
C GLN A 314 -55.75 4.16 0.08
N ASP A 315 -55.06 3.61 -0.97
CA ASP A 315 -54.38 2.32 -0.88
C ASP A 315 -53.24 2.37 0.15
N TRP A 316 -52.42 3.45 0.10
CA TRP A 316 -51.32 3.67 1.03
C TRP A 316 -51.90 3.88 2.45
N LEU A 317 -52.89 4.79 2.57
CA LEU A 317 -53.56 5.13 3.82
C LEU A 317 -54.27 3.93 4.49
N ASN A 318 -54.69 2.91 3.68
CA ASN A 318 -55.36 1.71 4.19
C ASN A 318 -54.39 0.59 4.57
N GLY A 319 -53.09 0.85 4.47
CA GLY A 319 -52.06 -0.11 4.87
C GLY A 319 -51.60 -1.13 3.86
N LYS A 320 -51.80 -0.87 2.55
CA LYS A 320 -51.35 -1.80 1.50
C LYS A 320 -49.83 -1.94 1.50
N GLU A 321 -49.33 -3.15 1.19
CA GLU A 321 -47.90 -3.43 1.15
C GLU A 321 -47.36 -3.33 -0.26
N TYR A 322 -46.22 -2.64 -0.41
CA TYR A 322 -45.58 -2.44 -1.71
C TYR A 322 -44.23 -3.14 -1.68
N LYS A 323 -44.12 -4.22 -2.45
CA LYS A 323 -42.91 -5.04 -2.53
C LYS A 323 -42.18 -4.77 -3.83
N CYS A 324 -40.87 -4.55 -3.74
CA CYS A 324 -40.00 -4.33 -4.89
C CYS A 324 -39.03 -5.49 -4.96
N LYS A 325 -39.06 -6.23 -6.07
CA LYS A 325 -38.18 -7.36 -6.36
C LYS A 325 -37.19 -6.92 -7.43
N VAL A 326 -35.88 -7.04 -7.14
CA VAL A 326 -34.81 -6.64 -8.04
C VAL A 326 -33.95 -7.85 -8.41
N SER A 327 -33.82 -8.12 -9.71
CA SER A 327 -33.01 -9.22 -10.22
C SER A 327 -31.88 -8.68 -11.11
N ASN A 328 -30.65 -9.15 -10.84
CA ASN A 328 -29.43 -8.78 -11.56
C ASN A 328 -28.38 -9.89 -11.40
N LYS A 329 -27.46 -10.02 -12.39
CA LYS A 329 -26.39 -11.03 -12.38
C LYS A 329 -25.45 -10.95 -11.16
N GLY A 330 -25.39 -9.78 -10.53
CA GLY A 330 -24.59 -9.53 -9.33
C GLY A 330 -25.13 -10.22 -8.09
N LEU A 331 -26.43 -10.62 -8.12
CA LEU A 331 -27.10 -11.31 -7.01
C LEU A 331 -27.65 -12.67 -7.45
N PRO A 332 -27.33 -13.79 -6.74
CA PRO A 332 -27.95 -15.07 -7.13
C PRO A 332 -29.42 -15.11 -6.69
N SER A 333 -29.70 -14.75 -5.41
CA SER A 333 -31.03 -14.65 -4.83
C SER A 333 -31.50 -13.21 -5.08
N SER A 334 -32.67 -13.06 -5.75
CA SER A 334 -33.27 -11.77 -6.09
C SER A 334 -33.56 -10.96 -4.81
N ILE A 335 -33.08 -9.70 -4.75
CA ILE A 335 -33.24 -8.82 -3.59
C ILE A 335 -34.66 -8.29 -3.55
N GLU A 336 -35.32 -8.43 -2.40
CA GLU A 336 -36.68 -7.97 -2.15
C GLU A 336 -36.73 -7.01 -0.98
N LYS A 337 -37.56 -5.97 -1.10
CA LYS A 337 -37.82 -4.99 -0.05
C LYS A 337 -39.32 -4.74 -0.05
N THR A 338 -39.94 -4.63 1.14
CA THR A 338 -41.38 -4.36 1.27
C THR A 338 -41.57 -3.14 2.16
N ILE A 339 -42.48 -2.24 1.75
CA ILE A 339 -42.82 -1.04 2.51
C ILE A 339 -44.34 -0.88 2.64
N SER A 340 -44.80 -0.30 3.75
CA SER A 340 -46.20 0.01 4.03
C SER A 340 -46.27 1.04 5.14
N LYS A 341 -47.43 1.70 5.31
CA LYS A 341 -47.69 2.64 6.39
C LYS A 341 -47.73 1.85 7.72
N ALA A 342 -47.36 2.50 8.84
CA ALA A 342 -47.40 1.89 10.16
C ALA A 342 -48.84 1.45 10.50
N LYS A 343 -48.98 0.26 11.07
CA LYS A 343 -50.27 -0.29 11.46
C LYS A 343 -50.60 0.24 12.85
N GLY A 344 -51.86 0.49 13.09
CA GLY A 344 -52.34 0.99 14.36
C GLY A 344 -53.37 2.08 14.16
N GLN A 345 -54.19 2.30 15.18
CA GLN A 345 -55.27 3.30 15.15
C GLN A 345 -54.77 4.74 15.01
N PRO A 346 -55.20 5.47 13.93
CA PRO A 346 -54.77 6.86 13.75
C PRO A 346 -55.28 7.80 14.85
N ARG A 347 -54.37 8.65 15.38
CA ARG A 347 -54.64 9.60 16.45
C ARG A 347 -54.37 11.02 15.98
N GLU A 348 -55.32 11.93 16.25
CA GLU A 348 -55.27 13.32 15.81
C GLU A 348 -54.18 14.14 16.52
N PRO A 349 -53.34 14.88 15.76
CA PRO A 349 -52.34 15.73 16.43
C PRO A 349 -52.93 17.01 17.03
N GLN A 350 -52.44 17.41 18.22
CA GLN A 350 -52.77 18.66 18.90
C GLN A 350 -51.65 19.62 18.50
N VAL A 351 -52.00 20.82 18.02
CA VAL A 351 -51.02 21.80 17.53
C VAL A 351 -51.03 23.06 18.39
N TYR A 352 -49.87 23.40 18.98
CA TYR A 352 -49.71 24.60 19.82
C TYR A 352 -48.56 25.46 19.35
N THR A 353 -48.78 26.79 19.27
CA THR A 353 -47.72 27.72 18.90
C THR A 353 -47.19 28.38 20.16
N LEU A 354 -45.86 28.52 20.27
CA LEU A 354 -45.21 29.13 21.43
C LEU A 354 -44.36 30.29 20.96
N PRO A 355 -44.54 31.50 21.55
CA PRO A 355 -43.73 32.65 21.13
C PRO A 355 -42.27 32.52 21.59
N PRO A 356 -41.35 33.40 21.15
CA PRO A 356 -39.97 33.32 21.65
C PRO A 356 -39.92 33.59 23.15
N SER A 357 -38.90 33.06 23.81
CA SER A 357 -38.66 33.33 25.22
C SER A 357 -38.24 34.81 25.30
N GLN A 358 -38.57 35.51 26.40
CA GLN A 358 -38.16 36.92 26.60
C GLN A 358 -36.63 37.03 26.61
N GLU A 359 -35.93 35.97 27.08
CA GLU A 359 -34.46 35.91 27.10
C GLU A 359 -33.84 35.92 25.70
N GLU A 360 -34.60 35.47 24.69
CA GLU A 360 -34.14 35.43 23.30
C GLU A 360 -34.31 36.79 22.60
N MET A 361 -35.09 37.72 23.21
CA MET A 361 -35.38 39.05 22.65
C MET A 361 -34.16 40.00 22.62
N THR A 362 -33.01 39.55 23.15
CA THR A 362 -31.75 40.32 23.13
C THR A 362 -31.01 40.07 21.80
N LYS A 363 -31.50 39.11 20.98
CA LYS A 363 -30.89 38.71 19.71
C LYS A 363 -31.55 39.37 18.50
N ASN A 364 -30.84 39.41 17.36
CA ASN A 364 -31.37 39.95 16.11
C ASN A 364 -32.37 39.00 15.50
N GLN A 365 -32.26 37.69 15.85
CA GLN A 365 -33.17 36.65 15.37
C GLN A 365 -33.82 35.91 16.54
N VAL A 366 -35.10 35.59 16.40
CA VAL A 366 -35.87 34.88 17.44
C VAL A 366 -36.50 33.60 16.90
N SER A 367 -36.86 32.69 17.82
CA SER A 367 -37.44 31.40 17.47
C SER A 367 -38.94 31.37 17.71
N LEU A 368 -39.69 30.91 16.71
CA LEU A 368 -41.13 30.70 16.79
C LEU A 368 -41.28 29.19 16.83
N THR A 369 -41.97 28.67 17.87
CA THR A 369 -42.08 27.23 18.10
C THR A 369 -43.48 26.70 17.81
N CYS A 370 -43.53 25.52 17.19
N CYS A 370 -43.56 25.51 17.17
CA CYS A 370 -44.77 24.81 16.93
CA CYS A 370 -44.80 24.81 16.85
C CYS A 370 -44.63 23.43 17.53
C CYS A 370 -44.75 23.39 17.41
N LEU A 371 -45.44 23.15 18.56
CA LEU A 371 -45.47 21.85 19.22
C LEU A 371 -46.63 21.07 18.61
N VAL A 372 -46.33 19.89 18.08
CA VAL A 372 -47.32 19.01 17.45
C VAL A 372 -47.24 17.69 18.23
N LYS A 373 -48.33 17.29 18.90
CA LYS A 373 -48.27 16.09 19.73
C LYS A 373 -49.54 15.22 19.68
N GLY A 374 -49.42 13.98 20.12
CA GLY A 374 -50.55 13.05 20.19
C GLY A 374 -50.93 12.43 18.87
N PHE A 375 -50.05 12.51 17.84
CA PHE A 375 -50.37 11.95 16.53
C PHE A 375 -49.87 10.52 16.33
N TYR A 376 -50.59 9.78 15.48
CA TYR A 376 -50.28 8.42 15.04
C TYR A 376 -50.99 8.16 13.69
N PRO A 377 -50.30 7.62 12.65
CA PRO A 377 -48.88 7.22 12.62
C PRO A 377 -47.95 8.45 12.58
N SER A 378 -46.62 8.22 12.62
CA SER A 378 -45.64 9.31 12.64
C SER A 378 -45.55 10.15 11.35
N ASP A 379 -46.13 9.66 10.21
CA ASP A 379 -46.12 10.35 8.91
C ASP A 379 -46.88 11.64 9.02
N ILE A 380 -46.17 12.76 8.83
CA ILE A 380 -46.73 14.10 9.01
C ILE A 380 -45.94 15.11 8.19
N ALA A 381 -46.58 16.23 7.86
CA ALA A 381 -45.94 17.34 7.15
C ALA A 381 -46.20 18.60 7.96
N VAL A 382 -45.15 19.40 8.19
CA VAL A 382 -45.22 20.66 8.95
C VAL A 382 -44.54 21.74 8.10
N GLU A 383 -45.23 22.85 7.91
CA GLU A 383 -44.75 23.99 7.13
C GLU A 383 -45.11 25.28 7.85
N TRP A 384 -44.43 26.37 7.50
CA TRP A 384 -44.67 27.69 8.06
C TRP A 384 -44.98 28.69 6.96
N GLU A 385 -45.83 29.67 7.27
CA GLU A 385 -46.18 30.72 6.33
C GLU A 385 -46.46 32.04 7.04
N SER A 386 -46.37 33.15 6.29
CA SER A 386 -46.65 34.50 6.77
C SER A 386 -47.12 35.34 5.60
N ASN A 387 -48.23 36.09 5.79
CA ASN A 387 -48.83 36.96 4.78
C ASN A 387 -49.13 36.23 3.46
N GLY A 388 -49.65 35.01 3.57
CA GLY A 388 -50.00 34.13 2.46
C GLY A 388 -48.83 33.58 1.65
N GLN A 389 -47.61 33.69 2.18
CA GLN A 389 -46.40 33.20 1.51
C GLN A 389 -45.62 32.22 2.39
N PRO A 390 -44.99 31.16 1.81
CA PRO A 390 -44.23 30.22 2.65
C PRO A 390 -43.00 30.83 3.29
N GLU A 391 -42.73 30.43 4.54
CA GLU A 391 -41.55 30.84 5.30
C GLU A 391 -40.67 29.59 5.27
N ASN A 392 -39.43 29.72 4.78
CA ASN A 392 -38.54 28.57 4.61
C ASN A 392 -37.42 28.44 5.66
N ASN A 393 -37.20 29.46 6.50
CA ASN A 393 -36.12 29.43 7.48
C ASN A 393 -36.49 28.63 8.75
N TYR A 394 -36.90 27.37 8.56
CA TYR A 394 -37.29 26.50 9.66
C TYR A 394 -36.65 25.13 9.61
N LYS A 395 -36.68 24.44 10.76
CA LYS A 395 -36.22 23.06 10.91
C LYS A 395 -37.24 22.38 11.82
N THR A 396 -37.56 21.14 11.52
CA THR A 396 -38.51 20.37 12.29
C THR A 396 -37.80 19.14 12.83
N THR A 397 -38.04 18.81 14.10
CA THR A 397 -37.41 17.63 14.68
C THR A 397 -38.07 16.38 14.07
N PRO A 398 -37.40 15.21 14.09
CA PRO A 398 -38.11 13.99 13.66
C PRO A 398 -39.21 13.68 14.69
N PRO A 399 -40.27 12.91 14.32
CA PRO A 399 -41.26 12.52 15.33
C PRO A 399 -40.59 11.71 16.44
N VAL A 400 -41.02 11.90 17.69
CA VAL A 400 -40.45 11.20 18.85
C VAL A 400 -41.58 10.39 19.51
N LEU A 401 -41.30 9.15 19.89
CA LEU A 401 -42.31 8.30 20.53
C LEU A 401 -42.58 8.69 21.99
N ASP A 402 -43.84 9.01 22.30
CA ASP A 402 -44.27 9.35 23.67
C ASP A 402 -44.67 8.06 24.42
N SER A 403 -44.70 8.14 25.77
CA SER A 403 -45.03 7.02 26.66
C SER A 403 -46.44 6.43 26.44
N ASP A 404 -47.33 7.15 25.73
CA ASP A 404 -48.67 6.68 25.43
C ASP A 404 -48.79 6.04 24.02
N GLY A 405 -47.65 5.83 23.37
CA GLY A 405 -47.60 5.23 22.04
C GLY A 405 -47.81 6.20 20.88
N SER A 406 -48.17 7.46 21.17
CA SER A 406 -48.35 8.47 20.13
C SER A 406 -47.01 9.20 19.93
N PHE A 407 -46.95 10.09 18.94
CA PHE A 407 -45.73 10.82 18.62
C PHE A 407 -45.89 12.32 18.84
N PHE A 408 -44.75 12.99 19.04
CA PHE A 408 -44.70 14.44 19.12
C PHE A 408 -43.47 14.93 18.37
N LEU A 409 -43.48 16.20 18.00
CA LEU A 409 -42.32 16.85 17.39
C LEU A 409 -42.43 18.34 17.67
N TYR A 410 -41.36 19.06 17.37
CA TYR A 410 -41.35 20.50 17.44
C TYR A 410 -40.82 21.01 16.11
N SER A 411 -41.36 22.15 15.66
CA SER A 411 -40.85 22.83 14.48
C SER A 411 -40.43 24.21 14.95
N ARG A 412 -39.25 24.66 14.52
N ARG A 412 -39.24 24.65 14.53
CA ARG A 412 -38.69 25.95 14.91
CA ARG A 412 -38.68 25.94 14.91
C ARG A 412 -38.46 26.84 13.69
C ARG A 412 -38.47 26.83 13.69
N LEU A 413 -39.18 27.98 13.62
CA LEU A 413 -39.01 28.95 12.54
C LEU A 413 -38.19 30.10 13.10
N THR A 414 -37.07 30.42 12.44
CA THR A 414 -36.22 31.53 12.84
C THR A 414 -36.65 32.75 12.04
N VAL A 415 -36.97 33.85 12.74
CA VAL A 415 -37.40 35.10 12.11
C VAL A 415 -36.59 36.27 12.64
N ASP A 416 -36.48 37.35 11.85
CA ASP A 416 -35.83 38.57 12.32
C ASP A 416 -36.70 39.14 13.44
N LYS A 417 -36.07 39.56 14.55
CA LYS A 417 -36.76 40.12 15.71
C LYS A 417 -37.70 41.28 15.31
N SER A 418 -37.23 42.17 14.39
CA SER A 418 -38.00 43.30 13.88
C SER A 418 -39.34 42.85 13.30
N ARG A 419 -39.34 41.77 12.46
CA ARG A 419 -40.56 41.20 11.84
C ARG A 419 -41.55 40.71 12.89
N TRP A 420 -41.04 40.07 13.95
CA TRP A 420 -41.87 39.60 15.05
C TRP A 420 -42.45 40.78 15.83
N GLN A 421 -41.61 41.79 16.13
CA GLN A 421 -42.02 42.98 16.89
C GLN A 421 -43.00 43.89 16.13
N GLU A 422 -42.96 43.84 14.80
CA GLU A 422 -43.84 44.63 13.93
C GLU A 422 -45.30 44.13 13.93
N GLY A 423 -45.54 42.96 14.54
CA GLY A 423 -46.86 42.35 14.65
C GLY A 423 -47.24 41.45 13.50
N ASN A 424 -46.26 41.04 12.65
CA ASN A 424 -46.54 40.12 11.54
C ASN A 424 -47.07 38.78 12.09
N VAL A 425 -48.10 38.23 11.44
CA VAL A 425 -48.73 36.97 11.86
C VAL A 425 -48.03 35.80 11.16
N PHE A 426 -47.55 34.84 11.96
CA PHE A 426 -46.88 33.66 11.44
C PHE A 426 -47.76 32.47 11.70
N SER A 427 -47.74 31.48 10.81
CA SER A 427 -48.60 30.32 11.00
C SER A 427 -47.90 29.02 10.74
N CYS A 428 -48.21 28.04 11.59
N CYS A 428 -48.14 28.02 11.62
CA CYS A 428 -47.70 26.68 11.54
CA CYS A 428 -47.59 26.68 11.42
C CYS A 428 -48.84 25.84 10.95
C CYS A 428 -48.70 25.72 11.00
N SER A 429 -48.59 25.23 9.77
CA SER A 429 -49.57 24.36 9.11
C SER A 429 -49.12 22.93 9.27
N VAL A 430 -50.08 22.05 9.54
CA VAL A 430 -49.82 20.65 9.78
C VAL A 430 -50.76 19.81 8.93
N MET A 431 -50.19 18.82 8.25
CA MET A 431 -50.95 17.86 7.45
C MET A 431 -50.73 16.47 8.03
N HIS A 432 -51.83 15.82 8.42
CA HIS A 432 -51.81 14.47 8.99
C HIS A 432 -53.13 13.81 8.61
N GLU A 433 -53.13 12.48 8.47
CA GLU A 433 -54.32 11.72 8.10
C GLU A 433 -55.47 11.81 9.10
N ALA A 434 -55.18 11.92 10.41
CA ALA A 434 -56.21 11.98 11.44
C ALA A 434 -56.82 13.38 11.67
N LEU A 435 -56.39 14.38 10.88
CA LEU A 435 -56.97 15.72 10.98
C LEU A 435 -58.15 15.83 10.03
N HIS A 436 -59.10 16.74 10.34
CA HIS A 436 -60.24 17.01 9.47
C HIS A 436 -59.70 17.71 8.22
N ASN A 437 -60.03 17.14 7.02
CA ASN A 437 -59.55 17.59 5.70
C ASN A 437 -58.01 17.50 5.59
N HIS A 438 -57.40 16.61 6.40
CA HIS A 438 -55.95 16.35 6.51
C HIS A 438 -55.14 17.62 6.78
N TYR A 439 -55.77 18.68 7.33
CA TYR A 439 -55.11 19.96 7.54
C TYR A 439 -55.60 20.74 8.75
N THR A 440 -54.65 21.43 9.41
CA THR A 440 -54.86 22.39 10.50
C THR A 440 -53.79 23.46 10.43
N GLN A 441 -54.16 24.68 10.83
CA GLN A 441 -53.27 25.81 10.85
C GLN A 441 -53.43 26.53 12.20
N LYS A 442 -52.31 26.93 12.81
CA LYS A 442 -52.31 27.64 14.07
C LYS A 442 -51.45 28.88 13.92
N SER A 443 -52.03 30.04 14.24
CA SER A 443 -51.35 31.33 14.11
C SER A 443 -50.59 31.73 15.37
N LEU A 444 -49.58 32.60 15.21
CA LEU A 444 -48.70 33.11 16.26
C LEU A 444 -48.29 34.53 15.87
N SER A 445 -48.55 35.50 16.75
CA SER A 445 -48.20 36.91 16.56
C SER A 445 -47.98 37.56 17.91
N LEU A 446 -47.23 38.68 17.94
CA LEU A 446 -46.94 39.39 19.17
C LEU A 446 -48.21 40.10 19.69
N SER A 447 -48.56 39.82 20.96
CA SER A 447 -49.73 40.38 21.66
C SER A 447 -49.64 41.90 21.83
N GLN B 1 39.18 -50.08 -32.45
CA GLN B 1 39.87 -49.58 -31.26
C GLN B 1 39.89 -50.62 -30.12
N VAL B 2 40.94 -50.57 -29.28
CA VAL B 2 41.07 -51.50 -28.15
C VAL B 2 40.45 -50.83 -26.93
N GLU B 3 39.62 -51.57 -26.17
CA GLU B 3 38.97 -51.07 -24.94
C GLU B 3 38.94 -52.13 -23.87
N LEU B 4 38.99 -51.68 -22.62
CA LEU B 4 38.96 -52.54 -21.43
C LEU B 4 37.79 -52.11 -20.57
N GLN B 5 36.92 -53.05 -20.25
CA GLN B 5 35.71 -52.77 -19.44
C GLN B 5 35.81 -53.54 -18.13
N GLN B 6 35.87 -52.80 -17.01
CA GLN B 6 35.99 -53.38 -15.67
C GLN B 6 34.65 -53.60 -15.04
N SER B 7 34.55 -54.65 -14.21
CA SER B 7 33.35 -54.98 -13.45
C SER B 7 33.74 -55.69 -12.14
N GLY B 8 32.80 -55.76 -11.20
CA GLY B 8 33.04 -56.37 -9.90
C GLY B 8 32.79 -55.40 -8.77
N PRO B 9 32.37 -55.89 -7.58
CA PRO B 9 32.10 -54.98 -6.45
C PRO B 9 33.37 -54.38 -5.86
N GLY B 10 33.29 -53.12 -5.47
CA GLY B 10 34.41 -52.39 -4.88
C GLY B 10 34.44 -52.51 -3.36
N LEU B 11 33.27 -52.73 -2.73
CA LEU B 11 33.19 -52.88 -1.26
C LEU B 11 33.58 -54.28 -0.84
N VAL B 12 34.64 -54.37 0.00
CA VAL B 12 35.16 -55.67 0.48
C VAL B 12 35.31 -55.58 1.99
N LYS B 13 34.83 -56.58 2.72
CA LYS B 13 34.98 -56.59 4.18
C LYS B 13 36.44 -56.91 4.53
N PRO B 14 37.01 -56.34 5.61
CA PRO B 14 38.39 -56.71 5.99
C PRO B 14 38.55 -58.22 6.13
N SER B 15 39.71 -58.76 5.69
CA SER B 15 40.09 -60.18 5.66
C SER B 15 39.43 -60.98 4.53
N GLN B 16 38.50 -60.38 3.79
CA GLN B 16 37.82 -61.08 2.70
C GLN B 16 38.51 -60.81 1.34
N THR B 17 37.92 -61.31 0.26
CA THR B 17 38.55 -61.28 -1.07
C THR B 17 37.96 -60.25 -2.02
N LEU B 18 38.85 -59.48 -2.66
CA LEU B 18 38.51 -58.54 -3.72
C LEU B 18 38.53 -59.33 -5.03
N SER B 19 37.47 -59.22 -5.84
CA SER B 19 37.38 -59.92 -7.13
C SER B 19 36.88 -58.98 -8.22
N LEU B 20 37.74 -58.68 -9.20
CA LEU B 20 37.41 -57.79 -10.31
C LEU B 20 37.67 -58.49 -11.61
N THR B 21 36.98 -58.06 -12.68
CA THR B 21 37.15 -58.63 -14.01
C THR B 21 37.36 -57.50 -15.01
N CYS B 22 38.19 -57.77 -16.02
CA CYS B 22 38.49 -56.83 -17.10
C CYS B 22 38.11 -57.55 -18.41
N ALA B 23 37.16 -57.01 -19.18
CA ALA B 23 36.73 -57.58 -20.46
C ALA B 23 37.42 -56.83 -21.60
N ILE B 24 38.15 -57.57 -22.48
CA ILE B 24 38.90 -56.99 -23.58
C ILE B 24 38.09 -56.97 -24.88
N SER B 25 38.15 -55.86 -25.61
CA SER B 25 37.56 -55.72 -26.95
C SER B 25 38.64 -55.14 -27.87
N GLY B 26 38.82 -55.75 -29.04
CA GLY B 26 39.78 -55.29 -30.05
C GLY B 26 41.16 -55.90 -30.02
N ASP B 27 41.40 -56.82 -29.06
CA ASP B 27 42.67 -57.53 -28.95
C ASP B 27 42.38 -58.86 -28.25
N SER B 28 43.33 -59.78 -28.31
CA SER B 28 43.16 -61.09 -27.72
C SER B 28 43.90 -61.20 -26.39
N VAL B 29 43.27 -61.83 -25.41
CA VAL B 29 43.91 -62.09 -24.11
C VAL B 29 45.19 -62.95 -24.29
N SER B 30 45.24 -63.78 -25.37
CA SER B 30 46.37 -64.65 -25.67
C SER B 30 47.46 -63.97 -26.52
N SER B 31 47.36 -62.64 -26.76
CA SER B 31 48.34 -61.88 -27.55
C SER B 31 49.76 -62.11 -27.06
N ARG B 32 50.65 -62.42 -28.00
CA ARG B 32 52.04 -62.68 -27.70
C ARG B 32 52.86 -61.42 -27.42
N SER B 33 52.32 -60.23 -27.73
CA SER B 33 53.03 -58.97 -27.48
C SER B 33 52.53 -58.25 -26.21
N ALA B 34 51.33 -58.61 -25.74
CA ALA B 34 50.70 -57.95 -24.60
C ALA B 34 50.89 -58.66 -23.26
N SER B 35 50.76 -57.88 -22.17
CA SER B 35 50.73 -58.36 -20.78
C SER B 35 49.49 -57.71 -20.15
N TRP B 36 48.57 -58.53 -19.69
CA TRP B 36 47.30 -58.10 -19.11
C TRP B 36 47.52 -57.84 -17.64
N SER B 37 47.46 -56.55 -17.28
CA SER B 37 47.92 -56.04 -16.00
C SER B 37 46.89 -55.41 -15.09
N TRP B 38 47.24 -55.33 -13.79
CA TRP B 38 46.44 -54.62 -12.80
C TRP B 38 47.37 -53.66 -12.08
N ILE B 39 46.90 -52.42 -11.92
CA ILE B 39 47.64 -51.34 -11.27
C ILE B 39 46.66 -50.66 -10.33
N ARG B 40 47.11 -50.33 -9.11
CA ARG B 40 46.22 -49.60 -8.21
C ARG B 40 46.76 -48.20 -7.92
N GLN B 41 45.87 -47.30 -7.48
CA GLN B 41 46.23 -45.94 -7.18
C GLN B 41 45.58 -45.48 -5.88
N SER B 42 46.38 -44.94 -4.99
CA SER B 42 45.86 -44.39 -3.74
C SER B 42 46.62 -43.13 -3.38
N PRO B 43 46.00 -42.13 -2.69
CA PRO B 43 46.78 -40.95 -2.27
C PRO B 43 47.86 -41.44 -1.29
N GLY B 44 49.09 -41.01 -1.50
CA GLY B 44 50.17 -41.45 -0.62
C GLY B 44 51.03 -42.58 -1.17
N ARG B 45 50.40 -43.70 -1.60
CA ARG B 45 51.17 -44.81 -2.20
C ARG B 45 51.35 -44.55 -3.71
N GLY B 46 50.45 -43.75 -4.29
CA GLY B 46 50.45 -43.40 -5.70
C GLY B 46 50.10 -44.58 -6.59
N LEU B 47 50.62 -44.60 -7.81
CA LEU B 47 50.41 -45.68 -8.78
C LEU B 47 51.33 -46.84 -8.48
N GLU B 48 50.75 -48.02 -8.31
CA GLU B 48 51.46 -49.23 -7.95
C GLU B 48 51.02 -50.40 -8.81
N TRP B 49 51.97 -50.97 -9.56
CA TRP B 49 51.74 -52.13 -10.41
C TRP B 49 51.59 -53.38 -9.51
N LEU B 50 50.55 -54.17 -9.76
CA LEU B 50 50.23 -55.37 -8.97
C LEU B 50 50.71 -56.66 -9.63
N GLY B 51 50.61 -56.71 -10.94
CA GLY B 51 51.03 -57.90 -11.65
C GLY B 51 50.47 -58.02 -13.04
N ARG B 52 50.80 -59.15 -13.69
CA ARG B 52 50.33 -59.44 -15.05
C ARG B 52 50.16 -60.92 -15.29
N THR B 53 49.32 -61.25 -16.28
CA THR B 53 49.20 -62.56 -16.90
C THR B 53 49.56 -62.34 -18.36
N TYR B 54 50.28 -63.27 -18.96
CA TYR B 54 50.75 -63.15 -20.34
C TYR B 54 51.00 -64.52 -20.95
N TYR B 55 50.65 -64.68 -22.22
CA TYR B 55 50.76 -65.94 -22.93
C TYR B 55 51.92 -65.89 -23.93
N ARG B 56 52.87 -66.83 -23.81
CA ARG B 56 54.01 -66.96 -24.71
C ARG B 56 54.16 -68.47 -24.96
N SER B 57 53.16 -69.08 -25.66
CA SER B 57 53.02 -70.53 -25.95
C SER B 57 52.71 -71.32 -24.64
N HIS B 58 52.59 -70.58 -23.51
CA HIS B 58 52.27 -71.06 -22.17
C HIS B 58 51.83 -69.83 -21.36
N TRP B 59 50.88 -70.01 -20.42
CA TRP B 59 50.45 -68.91 -19.56
C TRP B 59 51.44 -68.68 -18.42
N TYR B 60 51.86 -67.43 -18.27
CA TYR B 60 52.76 -66.99 -17.21
C TYR B 60 52.12 -65.92 -16.35
N TYR B 61 52.59 -65.80 -15.12
CA TYR B 61 52.04 -64.91 -14.10
C TYR B 61 53.16 -64.26 -13.34
N GLU B 62 53.14 -62.92 -13.23
CA GLU B 62 54.17 -62.20 -12.51
C GLU B 62 53.50 -61.20 -11.58
N TYR B 63 53.89 -61.19 -10.32
CA TYR B 63 53.26 -60.36 -9.32
C TYR B 63 54.23 -59.49 -8.55
N ALA B 64 53.75 -58.32 -8.08
CA ALA B 64 54.54 -57.43 -7.23
C ALA B 64 54.81 -58.19 -5.91
N GLN B 65 56.04 -58.07 -5.40
CA GLN B 65 56.46 -58.74 -4.16
C GLN B 65 55.53 -58.49 -2.97
N SER B 66 55.05 -57.24 -2.81
CA SER B 66 54.16 -56.84 -1.71
C SER B 66 52.84 -57.59 -1.63
N VAL B 67 52.29 -58.04 -2.78
CA VAL B 67 50.99 -58.72 -2.83
C VAL B 67 51.06 -60.19 -3.27
N LYS B 68 52.25 -60.68 -3.63
CA LYS B 68 52.50 -62.03 -4.18
C LYS B 68 51.81 -63.17 -3.42
N SER B 69 51.77 -63.11 -2.08
CA SER B 69 51.15 -64.16 -1.26
C SER B 69 49.61 -64.16 -1.31
N ARG B 70 48.98 -63.07 -1.79
CA ARG B 70 47.52 -62.92 -1.76
C ARG B 70 46.86 -62.73 -3.13
N ILE B 71 47.65 -62.57 -4.19
CA ILE B 71 47.11 -62.23 -5.51
C ILE B 71 47.11 -63.37 -6.52
N THR B 72 46.11 -63.33 -7.41
CA THR B 72 45.97 -64.22 -8.56
C THR B 72 45.38 -63.38 -9.70
N ILE B 73 45.94 -63.51 -10.91
CA ILE B 73 45.42 -62.85 -12.11
C ILE B 73 45.17 -63.98 -13.10
N ASN B 74 43.91 -64.26 -13.43
CA ASN B 74 43.58 -65.39 -14.30
C ASN B 74 42.96 -64.97 -15.62
N PRO B 75 43.51 -65.46 -16.74
CA PRO B 75 42.89 -65.17 -18.05
C PRO B 75 41.71 -66.10 -18.33
N ASP B 76 40.78 -65.64 -19.17
CA ASP B 76 39.64 -66.44 -19.57
C ASP B 76 39.59 -66.34 -21.10
N THR B 77 40.04 -67.39 -21.80
CA THR B 77 40.09 -67.38 -23.28
C THR B 77 38.70 -67.56 -23.91
N SER B 78 37.70 -68.02 -23.14
CA SER B 78 36.33 -68.19 -23.68
C SER B 78 35.61 -66.85 -23.79
N LYS B 79 35.83 -65.95 -22.80
CA LYS B 79 35.17 -64.64 -22.74
C LYS B 79 36.09 -63.47 -23.10
N ASN B 80 37.38 -63.75 -23.33
CA ASN B 80 38.39 -62.72 -23.64
C ASN B 80 38.47 -61.71 -22.48
N GLN B 81 38.62 -62.26 -21.27
CA GLN B 81 38.65 -61.47 -20.04
C GLN B 81 39.83 -61.92 -19.17
N PHE B 82 40.18 -61.11 -18.16
CA PHE B 82 41.18 -61.51 -17.17
C PHE B 82 40.72 -60.96 -15.86
N SER B 83 40.88 -61.74 -14.78
N SER B 83 40.98 -61.69 -14.79
CA SER B 83 40.39 -61.37 -13.45
CA SER B 83 40.51 -61.33 -13.46
C SER B 83 41.48 -61.15 -12.40
C SER B 83 41.62 -60.85 -12.54
N LEU B 84 41.21 -60.27 -11.42
CA LEU B 84 42.09 -59.93 -10.31
C LEU B 84 41.42 -60.56 -9.08
N GLN B 85 42.17 -61.33 -8.32
CA GLN B 85 41.70 -61.84 -7.03
C GLN B 85 42.75 -61.42 -6.00
N LEU B 86 42.35 -60.67 -4.97
CA LEU B 86 43.28 -60.25 -3.91
C LEU B 86 42.66 -60.67 -2.58
N ASN B 87 43.28 -61.65 -1.92
CA ASN B 87 42.79 -62.25 -0.67
C ASN B 87 43.19 -61.44 0.55
N SER B 88 42.53 -61.74 1.69
CA SER B 88 42.86 -61.21 3.01
C SER B 88 43.09 -59.70 2.97
N VAL B 89 42.14 -58.93 2.42
CA VAL B 89 42.32 -57.49 2.31
C VAL B 89 42.36 -56.79 3.67
N THR B 90 43.05 -55.66 3.73
CA THR B 90 43.14 -54.81 4.90
C THR B 90 42.81 -53.38 4.44
N PRO B 91 42.58 -52.41 5.35
CA PRO B 91 42.35 -51.02 4.91
C PRO B 91 43.47 -50.45 4.01
N GLU B 92 44.70 -51.03 4.04
CA GLU B 92 45.81 -50.60 3.18
C GLU B 92 45.53 -50.94 1.70
N ASP B 93 44.56 -51.81 1.44
CA ASP B 93 44.17 -52.19 0.07
C ASP B 93 43.15 -51.24 -0.54
N THR B 94 42.61 -50.28 0.25
CA THR B 94 41.65 -49.30 -0.27
C THR B 94 42.37 -48.46 -1.33
N ALA B 95 41.85 -48.45 -2.56
CA ALA B 95 42.45 -47.74 -3.70
C ALA B 95 41.52 -47.83 -4.92
N VAL B 96 41.90 -47.14 -6.00
CA VAL B 96 41.23 -47.28 -7.29
C VAL B 96 42.06 -48.35 -8.02
N TYR B 97 41.42 -49.41 -8.50
CA TYR B 97 42.10 -50.49 -9.21
C TYR B 97 41.82 -50.38 -10.70
N TYR B 98 42.88 -50.39 -11.51
CA TYR B 98 42.77 -50.32 -12.97
C TYR B 98 43.30 -51.59 -13.61
N CYS B 99 42.63 -52.06 -14.66
CA CYS B 99 43.25 -53.09 -15.49
C CYS B 99 43.90 -52.33 -16.64
N ALA B 100 44.97 -52.88 -17.23
CA ALA B 100 45.66 -52.19 -18.33
C ALA B 100 46.37 -53.14 -19.25
N ARG B 101 46.54 -52.72 -20.51
CA ARG B 101 47.33 -53.47 -21.45
C ARG B 101 48.74 -52.91 -21.46
N MET B 102 49.73 -53.78 -21.21
CA MET B 102 51.13 -53.41 -21.38
C MET B 102 51.45 -53.99 -22.75
N ASP B 103 51.94 -53.19 -23.70
CA ASP B 103 52.13 -53.72 -25.06
C ASP B 103 53.47 -53.38 -25.69
N VAL B 104 53.90 -54.20 -26.69
CA VAL B 104 55.09 -54.06 -27.53
C VAL B 104 56.35 -54.39 -26.72
N PRO B 105 56.99 -55.56 -26.97
CA PRO B 105 58.18 -55.94 -26.17
C PRO B 105 59.31 -54.91 -26.12
N SER B 106 59.47 -54.11 -27.17
CA SER B 106 60.50 -53.08 -27.29
C SER B 106 60.25 -51.87 -26.38
N PHE B 107 58.97 -51.57 -26.04
CA PHE B 107 58.63 -50.38 -25.25
C PHE B 107 57.90 -50.66 -23.94
N ARG B 108 56.98 -51.65 -23.96
CA ARG B 108 56.18 -52.10 -22.82
C ARG B 108 55.46 -50.94 -22.11
N TYR B 109 54.77 -50.11 -22.89
CA TYR B 109 53.99 -49.01 -22.34
C TYR B 109 52.59 -49.52 -21.98
N PHE B 110 51.86 -48.76 -21.14
CA PHE B 110 50.46 -49.10 -20.77
C PHE B 110 49.57 -48.18 -21.64
N ASP B 111 49.18 -48.65 -22.83
CA ASP B 111 48.44 -47.78 -23.74
C ASP B 111 46.93 -47.79 -23.56
N VAL B 112 46.38 -48.91 -23.06
CA VAL B 112 44.93 -49.02 -22.87
C VAL B 112 44.65 -49.34 -21.40
N TRP B 113 43.68 -48.63 -20.80
CA TRP B 113 43.32 -48.78 -19.39
C TRP B 113 41.83 -48.95 -19.24
N GLY B 114 41.43 -49.69 -18.21
CA GLY B 114 40.02 -49.81 -17.83
C GLY B 114 39.59 -48.50 -17.18
N GLN B 115 38.30 -48.36 -16.86
CA GLN B 115 37.78 -47.13 -16.27
C GLN B 115 38.15 -46.96 -14.78
N GLY B 116 38.62 -48.03 -14.15
CA GLY B 116 38.95 -48.01 -12.74
C GLY B 116 37.79 -48.41 -11.87
N THR B 117 38.06 -49.13 -10.78
CA THR B 117 37.06 -49.54 -9.82
C THR B 117 37.51 -49.00 -8.46
N LEU B 118 36.65 -48.21 -7.80
CA LEU B 118 36.98 -47.71 -6.48
C LEU B 118 36.74 -48.85 -5.48
N VAL B 119 37.80 -49.28 -4.82
CA VAL B 119 37.71 -50.39 -3.86
C VAL B 119 37.81 -49.85 -2.43
N THR B 120 36.78 -50.12 -1.63
CA THR B 120 36.72 -49.69 -0.23
C THR B 120 36.76 -50.92 0.66
N VAL B 121 37.71 -50.96 1.59
CA VAL B 121 37.82 -52.05 2.56
C VAL B 121 37.16 -51.57 3.83
N SER B 122 35.97 -52.13 4.12
CA SER B 122 35.16 -51.72 5.27
C SER B 122 34.15 -52.77 5.64
N SER B 123 33.87 -52.89 6.95
CA SER B 123 32.86 -53.83 7.47
C SER B 123 31.46 -53.22 7.40
N ALA B 124 31.35 -51.92 7.14
CA ALA B 124 30.06 -51.21 7.09
C ALA B 124 29.15 -51.70 5.97
N SER B 125 27.84 -51.70 6.25
CA SER B 125 26.82 -52.17 5.32
C SER B 125 26.53 -51.17 4.20
N THR B 126 26.08 -51.67 3.05
CA THR B 126 25.67 -50.85 1.92
C THR B 126 24.38 -50.11 2.29
N LYS B 127 24.30 -48.81 1.93
CA LYS B 127 23.12 -47.98 2.19
C LYS B 127 22.91 -47.08 0.96
N GLY B 128 21.69 -47.10 0.45
CA GLY B 128 21.30 -46.32 -0.72
C GLY B 128 21.14 -44.85 -0.37
N PRO B 129 21.32 -43.92 -1.33
CA PRO B 129 21.19 -42.51 -0.97
C PRO B 129 19.76 -42.00 -0.88
N SER B 130 19.59 -40.92 -0.14
CA SER B 130 18.36 -40.15 -0.11
C SER B 130 18.69 -38.98 -1.05
N VAL B 131 17.79 -38.65 -2.00
CA VAL B 131 18.03 -37.58 -2.97
C VAL B 131 17.01 -36.44 -2.73
N PHE B 132 17.51 -35.21 -2.47
CA PHE B 132 16.66 -34.03 -2.23
C PHE B 132 16.90 -32.92 -3.25
N PRO B 133 15.84 -32.20 -3.71
CA PRO B 133 16.08 -31.13 -4.69
C PRO B 133 16.68 -29.89 -4.02
N LEU B 134 17.54 -29.19 -4.75
CA LEU B 134 18.15 -27.93 -4.33
C LEU B 134 17.54 -26.87 -5.27
N ALA B 135 16.64 -26.05 -4.73
CA ALA B 135 15.94 -25.02 -5.50
C ALA B 135 15.89 -23.74 -4.68
N PRO B 136 16.02 -22.54 -5.33
CA PRO B 136 15.97 -21.29 -4.54
C PRO B 136 14.66 -21.10 -3.79
N CYS B 137 14.71 -20.37 -2.66
CA CYS B 137 13.54 -20.08 -1.82
C CYS B 137 12.47 -19.29 -2.60
N SER B 138 12.90 -18.24 -3.35
CA SER B 138 12.02 -17.39 -4.14
C SER B 138 12.44 -17.38 -5.61
N SER B 144 19.62 -13.32 -14.95
CA SER B 144 19.55 -14.04 -16.22
C SER B 144 19.83 -15.55 -16.06
N THR B 145 20.65 -15.93 -15.07
CA THR B 145 21.01 -17.34 -14.81
C THR B 145 20.53 -17.79 -13.43
N ALA B 146 19.96 -19.01 -13.38
CA ALA B 146 19.46 -19.61 -12.15
C ALA B 146 20.25 -20.88 -11.84
N ALA B 147 20.34 -21.24 -10.56
CA ALA B 147 21.02 -22.47 -10.17
C ALA B 147 20.01 -23.41 -9.55
N LEU B 148 20.17 -24.70 -9.88
CA LEU B 148 19.36 -25.80 -9.38
C LEU B 148 20.32 -26.93 -9.03
N GLY B 149 19.87 -27.85 -8.21
CA GLY B 149 20.72 -28.99 -7.87
C GLY B 149 20.00 -30.11 -7.16
N CYS B 150 20.77 -31.10 -6.73
N CYS B 150 20.76 -31.13 -6.75
CA CYS B 150 20.32 -32.27 -5.98
CA CYS B 150 20.27 -32.29 -6.00
C CYS B 150 21.32 -32.57 -4.91
C CYS B 150 21.28 -32.71 -4.94
N LEU B 151 20.83 -32.82 -3.69
CA LEU B 151 21.66 -33.21 -2.54
C LEU B 151 21.51 -34.75 -2.44
N VAL B 152 22.63 -35.46 -2.56
CA VAL B 152 22.70 -36.93 -2.53
C VAL B 152 23.35 -37.29 -1.20
N LYS B 153 22.52 -37.73 -0.26
CA LYS B 153 22.93 -37.88 1.11
C LYS B 153 22.78 -39.27 1.70
N ASP B 154 23.65 -39.58 2.69
CA ASP B 154 23.61 -40.77 3.54
C ASP B 154 23.66 -42.10 2.81
N TYR B 155 24.69 -42.28 1.98
CA TYR B 155 24.91 -43.50 1.25
C TYR B 155 26.28 -44.07 1.56
N PHE B 156 26.44 -45.36 1.28
CA PHE B 156 27.69 -46.08 1.48
C PHE B 156 27.65 -47.33 0.62
N PRO B 157 28.76 -47.71 -0.02
CA PRO B 157 30.04 -46.99 -0.14
C PRO B 157 29.97 -46.02 -1.32
N GLU B 158 31.10 -45.38 -1.63
CA GLU B 158 31.21 -44.60 -2.85
C GLU B 158 31.33 -45.65 -4.00
N PRO B 159 31.06 -45.31 -5.28
CA PRO B 159 30.62 -44.01 -5.79
C PRO B 159 29.13 -43.97 -6.14
N VAL B 160 28.66 -42.76 -6.44
CA VAL B 160 27.34 -42.50 -7.04
C VAL B 160 27.67 -41.83 -8.39
N THR B 161 26.78 -42.00 -9.37
CA THR B 161 26.88 -41.35 -10.67
C THR B 161 25.68 -40.43 -10.73
N VAL B 162 25.92 -39.16 -11.02
CA VAL B 162 24.88 -38.15 -11.14
C VAL B 162 24.92 -37.63 -12.57
N SER B 163 23.75 -37.62 -13.21
CA SER B 163 23.61 -37.03 -14.54
C SER B 163 22.38 -36.13 -14.50
N TRP B 164 22.26 -35.24 -15.50
CA TRP B 164 21.11 -34.34 -15.60
C TRP B 164 20.41 -34.59 -16.91
N ASN B 165 19.06 -34.71 -16.85
CA ASN B 165 18.20 -34.99 -18.00
C ASN B 165 18.69 -36.17 -18.84
N SER B 166 19.01 -37.28 -18.15
CA SER B 166 19.51 -38.55 -18.73
C SER B 166 20.79 -38.41 -19.55
N GLY B 167 21.59 -37.38 -19.26
CA GLY B 167 22.85 -37.13 -19.95
C GLY B 167 22.77 -36.05 -21.02
N ALA B 168 21.57 -35.48 -21.26
CA ALA B 168 21.40 -34.42 -22.26
C ALA B 168 22.01 -33.09 -21.79
N LEU B 169 21.97 -32.84 -20.47
CA LEU B 169 22.48 -31.62 -19.88
C LEU B 169 23.85 -31.83 -19.23
N THR B 170 24.90 -31.27 -19.84
CA THR B 170 26.27 -31.40 -19.33
C THR B 170 26.90 -30.05 -19.03
N SER B 171 26.54 -29.01 -19.81
CA SER B 171 27.06 -27.65 -19.63
C SER B 171 26.60 -27.02 -18.33
N GLY B 172 27.55 -26.46 -17.59
CA GLY B 172 27.28 -25.80 -16.32
C GLY B 172 27.02 -26.72 -15.15
N VAL B 173 27.19 -28.05 -15.34
CA VAL B 173 27.00 -29.07 -14.29
C VAL B 173 28.27 -29.17 -13.44
N HIS B 174 28.10 -29.14 -12.12
CA HIS B 174 29.20 -29.35 -11.17
C HIS B 174 28.73 -30.38 -10.16
N THR B 175 29.35 -31.57 -10.16
CA THR B 175 29.08 -32.60 -9.17
C THR B 175 30.28 -32.63 -8.23
N PHE B 176 30.04 -32.25 -6.99
CA PHE B 176 31.08 -32.13 -6.00
C PHE B 176 31.61 -33.48 -5.51
N PRO B 177 32.90 -33.53 -5.08
CA PRO B 177 33.40 -34.77 -4.47
C PRO B 177 32.60 -35.08 -3.20
N ALA B 178 32.38 -36.36 -2.91
CA ALA B 178 31.65 -36.73 -1.71
C ALA B 178 32.52 -36.52 -0.47
N VAL B 179 31.88 -36.24 0.67
CA VAL B 179 32.53 -36.09 1.96
C VAL B 179 31.99 -37.17 2.88
N LEU B 180 32.89 -37.88 3.58
CA LEU B 180 32.52 -38.89 4.55
C LEU B 180 32.12 -38.16 5.84
N GLN B 181 30.84 -38.28 6.23
CA GLN B 181 30.30 -37.60 7.42
C GLN B 181 30.64 -38.39 8.68
N SER B 182 30.41 -37.79 9.87
CA SER B 182 30.73 -38.42 11.16
C SER B 182 29.95 -39.72 11.38
N SER B 183 28.82 -39.87 10.68
CA SER B 183 27.96 -41.05 10.67
C SER B 183 28.58 -42.24 9.91
N GLY B 184 29.64 -41.98 9.14
CA GLY B 184 30.30 -42.97 8.30
C GLY B 184 29.60 -43.14 6.96
N LEU B 185 28.69 -42.20 6.63
CA LEU B 185 27.96 -42.19 5.36
C LEU B 185 28.41 -41.01 4.52
N TYR B 186 28.36 -41.14 3.19
CA TYR B 186 28.80 -40.07 2.31
C TYR B 186 27.68 -39.12 1.95
N SER B 187 28.07 -37.90 1.55
CA SER B 187 27.13 -36.89 1.10
C SER B 187 27.79 -36.04 0.01
N LEU B 188 27.02 -35.64 -1.00
CA LEU B 188 27.49 -34.74 -2.05
C LEU B 188 26.33 -34.00 -2.64
N SER B 189 26.61 -32.90 -3.33
CA SER B 189 25.64 -32.12 -4.08
C SER B 189 26.06 -32.10 -5.54
N SER B 190 25.08 -31.94 -6.43
CA SER B 190 25.33 -31.78 -7.86
C SER B 190 24.48 -30.59 -8.24
N VAL B 191 25.09 -29.62 -8.92
CA VAL B 191 24.41 -28.37 -9.30
C VAL B 191 24.53 -28.12 -10.78
N VAL B 192 23.64 -27.27 -11.30
CA VAL B 192 23.66 -26.84 -12.68
C VAL B 192 23.11 -25.41 -12.74
N THR B 193 23.72 -24.57 -13.59
CA THR B 193 23.23 -23.21 -13.81
C THR B 193 22.57 -23.23 -15.18
N VAL B 194 21.38 -22.66 -15.26
CA VAL B 194 20.57 -22.65 -16.49
C VAL B 194 19.97 -21.24 -16.73
N PRO B 195 19.53 -20.92 -17.97
CA PRO B 195 18.88 -19.60 -18.18
C PRO B 195 17.59 -19.52 -17.37
N SER B 196 17.38 -18.39 -16.67
CA SER B 196 16.18 -18.13 -15.86
C SER B 196 14.89 -18.16 -16.70
N SER B 197 14.97 -17.78 -17.99
CA SER B 197 13.84 -17.78 -18.94
C SER B 197 13.30 -19.19 -19.21
N SER B 198 14.19 -20.20 -19.21
CA SER B 198 13.87 -21.61 -19.46
C SER B 198 13.10 -22.30 -18.32
N LEU B 199 13.15 -21.74 -17.09
CA LEU B 199 12.52 -22.33 -15.89
C LEU B 199 11.02 -22.66 -16.03
N GLY B 200 10.28 -21.86 -16.78
CA GLY B 200 8.84 -22.05 -16.99
C GLY B 200 8.46 -23.11 -17.99
N THR B 201 9.32 -23.35 -18.99
CA THR B 201 9.06 -24.31 -20.07
C THR B 201 9.86 -25.62 -19.96
N LYS B 202 11.15 -25.53 -19.60
CA LYS B 202 12.07 -26.68 -19.53
C LYS B 202 12.07 -27.38 -18.16
N THR B 203 12.13 -28.72 -18.18
CA THR B 203 12.18 -29.54 -16.96
C THR B 203 13.63 -29.93 -16.67
N TYR B 204 13.97 -30.02 -15.37
CA TYR B 204 15.31 -30.40 -14.94
C TYR B 204 15.25 -31.53 -13.94
N THR B 205 15.85 -32.66 -14.32
CA THR B 205 15.82 -33.87 -13.49
C THR B 205 17.21 -34.43 -13.27
N CYS B 206 17.55 -34.67 -12.00
N CYS B 206 17.50 -34.72 -11.99
CA CYS B 206 18.83 -35.27 -11.68
CA CYS B 206 18.76 -35.27 -11.49
C CYS B 206 18.65 -36.78 -11.56
C CYS B 206 18.67 -36.81 -11.44
N ASN B 207 19.53 -37.52 -12.21
CA ASN B 207 19.53 -38.99 -12.23
C ASN B 207 20.68 -39.48 -11.36
N VAL B 208 20.35 -40.17 -10.26
CA VAL B 208 21.35 -40.66 -9.28
C VAL B 208 21.37 -42.17 -9.34
N ASP B 209 22.55 -42.74 -9.63
CA ASP B 209 22.75 -44.17 -9.72
C ASP B 209 23.73 -44.58 -8.60
N HIS B 210 23.34 -45.53 -7.74
CA HIS B 210 24.21 -46.07 -6.68
C HIS B 210 24.22 -47.58 -6.87
N LYS B 211 25.13 -48.07 -7.72
CA LYS B 211 25.21 -49.51 -8.06
C LYS B 211 25.30 -50.42 -6.83
N PRO B 212 26.08 -50.09 -5.75
CA PRO B 212 26.13 -51.02 -4.59
C PRO B 212 24.77 -51.35 -3.95
N SER B 213 23.83 -50.40 -3.93
CA SER B 213 22.50 -50.63 -3.35
C SER B 213 21.44 -50.86 -4.41
N ASN B 214 21.86 -51.01 -5.68
CA ASN B 214 20.96 -51.20 -6.83
C ASN B 214 19.82 -50.15 -6.86
N THR B 215 20.18 -48.87 -6.61
CA THR B 215 19.20 -47.79 -6.62
C THR B 215 19.49 -46.78 -7.71
N LYS B 216 18.42 -46.40 -8.42
CA LYS B 216 18.44 -45.42 -9.49
C LYS B 216 17.29 -44.47 -9.17
N VAL B 217 17.61 -43.20 -8.92
CA VAL B 217 16.63 -42.19 -8.55
C VAL B 217 16.60 -41.10 -9.63
N ASP B 218 15.40 -40.70 -10.06
CA ASP B 218 15.23 -39.59 -11.01
C ASP B 218 14.44 -38.54 -10.26
N LYS B 219 15.11 -37.44 -9.84
CA LYS B 219 14.47 -36.39 -9.05
C LYS B 219 14.26 -35.12 -9.85
N ARG B 220 13.00 -34.73 -10.05
CA ARG B 220 12.66 -33.50 -10.75
C ARG B 220 12.89 -32.32 -9.81
N VAL B 221 13.58 -31.30 -10.31
CA VAL B 221 13.89 -30.13 -9.49
C VAL B 221 12.99 -28.98 -9.93
N GLU B 222 11.99 -28.68 -9.10
CA GLU B 222 10.99 -27.62 -9.34
C GLU B 222 11.13 -26.45 -8.37
N SER B 223 10.82 -25.23 -8.86
CA SER B 223 10.72 -23.91 -8.19
C SER B 223 10.85 -22.77 -9.18
N GLY B 240 -20.35 -13.02 7.24
CA GLY B 240 -19.74 -13.14 8.56
C GLY B 240 -20.20 -12.08 9.56
N PRO B 241 -19.41 -11.84 10.64
CA PRO B 241 -19.82 -10.85 11.64
C PRO B 241 -19.71 -9.38 11.24
N SER B 242 -20.44 -8.50 11.95
CA SER B 242 -20.41 -7.03 11.77
C SER B 242 -19.97 -6.41 13.09
N VAL B 243 -19.23 -5.28 13.02
CA VAL B 243 -18.72 -4.59 14.20
C VAL B 243 -19.26 -3.17 14.26
N PHE B 244 -19.69 -2.73 15.46
CA PHE B 244 -20.19 -1.38 15.72
C PHE B 244 -19.45 -0.83 16.93
N LEU B 245 -18.94 0.40 16.79
CA LEU B 245 -18.16 1.03 17.85
C LEU B 245 -18.87 2.28 18.32
N PHE B 246 -19.25 2.31 19.61
CA PHE B 246 -20.03 3.39 20.20
C PHE B 246 -19.24 4.31 21.11
N PRO B 247 -19.53 5.64 21.02
CA PRO B 247 -18.85 6.59 21.89
C PRO B 247 -19.38 6.55 23.34
N PRO B 248 -18.75 7.25 24.31
CA PRO B 248 -19.32 7.29 25.65
C PRO B 248 -20.63 8.07 25.68
N LYS B 249 -21.42 7.88 26.75
CA LYS B 249 -22.64 8.64 26.99
C LYS B 249 -22.21 10.09 27.32
N PRO B 250 -22.88 11.12 26.74
CA PRO B 250 -22.45 12.51 27.00
C PRO B 250 -22.29 12.89 28.47
N LYS B 251 -23.24 12.48 29.34
CA LYS B 251 -23.17 12.79 30.77
C LYS B 251 -21.92 12.18 31.44
N ASP B 252 -21.51 10.97 31.00
CA ASP B 252 -20.34 10.27 31.54
C ASP B 252 -19.02 11.00 31.28
N THR B 253 -18.86 11.63 30.10
CA THR B 253 -17.60 12.34 29.79
C THR B 253 -17.52 13.69 30.52
N LEU B 254 -18.69 14.24 30.90
CA LEU B 254 -18.83 15.58 31.48
C LEU B 254 -18.82 15.63 33.00
N MET B 255 -18.95 14.48 33.66
CA MET B 255 -18.95 14.38 35.12
C MET B 255 -17.79 13.53 35.56
N ILE B 256 -16.89 14.13 36.36
CA ILE B 256 -15.68 13.48 36.87
C ILE B 256 -16.03 12.27 37.78
N SER B 257 -17.22 12.28 38.42
CA SER B 257 -17.71 11.21 39.29
C SER B 257 -18.25 10.01 38.48
N ARG B 258 -18.45 10.19 37.16
CA ARG B 258 -18.96 9.17 36.24
C ARG B 258 -17.80 8.55 35.46
N THR B 259 -18.04 7.37 34.86
CA THR B 259 -17.01 6.63 34.14
C THR B 259 -17.36 6.51 32.64
N PRO B 260 -16.70 7.31 31.77
CA PRO B 260 -17.00 7.20 30.35
C PRO B 260 -16.35 5.96 29.75
N GLU B 261 -17.03 5.35 28.80
CA GLU B 261 -16.52 4.15 28.15
C GLU B 261 -16.89 4.07 26.69
N VAL B 262 -16.03 3.46 25.89
N VAL B 262 -16.03 3.44 25.90
CA VAL B 262 -16.29 3.20 24.48
CA VAL B 262 -16.22 3.19 24.47
C VAL B 262 -16.70 1.73 24.40
C VAL B 262 -16.65 1.71 24.37
N THR B 263 -17.71 1.42 23.59
CA THR B 263 -18.28 0.06 23.47
C THR B 263 -18.13 -0.53 22.08
N CYS B 264 -17.49 -1.70 22.00
N CYS B 264 -17.45 -1.69 21.96
CA CYS B 264 -17.30 -2.40 20.74
CA CYS B 264 -17.24 -2.40 20.70
C CYS B 264 -18.22 -3.60 20.74
C CYS B 264 -18.13 -3.65 20.65
N VAL B 265 -19.17 -3.62 19.80
CA VAL B 265 -20.20 -4.65 19.68
C VAL B 265 -20.00 -5.47 18.41
N VAL B 266 -19.99 -6.80 18.56
CA VAL B 266 -19.87 -7.72 17.43
C VAL B 266 -21.17 -8.50 17.32
N VAL B 267 -21.84 -8.39 16.16
CA VAL B 267 -23.10 -9.07 15.89
C VAL B 267 -22.89 -10.09 14.77
N ASP B 268 -23.89 -10.95 14.55
CA ASP B 268 -23.92 -12.00 13.53
C ASP B 268 -22.77 -13.03 13.69
N VAL B 269 -22.42 -13.31 14.95
CA VAL B 269 -21.44 -14.35 15.28
C VAL B 269 -22.25 -15.65 15.23
N SER B 270 -21.66 -16.70 14.67
CA SER B 270 -22.32 -18.00 14.56
C SER B 270 -21.91 -18.85 15.76
N GLN B 271 -22.75 -19.82 16.18
CA GLN B 271 -22.43 -20.71 17.31
C GLN B 271 -21.07 -21.41 17.16
N GLU B 272 -20.77 -21.94 15.96
CA GLU B 272 -19.50 -22.66 15.71
C GLU B 272 -18.27 -21.76 15.60
N ASP B 273 -18.46 -20.41 15.54
CA ASP B 273 -17.33 -19.49 15.43
C ASP B 273 -16.42 -19.56 16.65
N PRO B 274 -15.09 -19.52 16.46
CA PRO B 274 -14.18 -19.50 17.62
C PRO B 274 -14.36 -18.21 18.43
N GLU B 275 -13.72 -18.16 19.61
CA GLU B 275 -13.77 -17.03 20.54
C GLU B 275 -13.45 -15.71 19.84
N VAL B 276 -14.32 -14.71 20.02
CA VAL B 276 -14.09 -13.38 19.45
C VAL B 276 -13.03 -12.70 20.31
N GLN B 277 -11.92 -12.27 19.68
CA GLN B 277 -10.82 -11.59 20.34
C GLN B 277 -10.88 -10.09 20.04
N PHE B 278 -10.62 -9.29 21.06
CA PHE B 278 -10.62 -7.83 20.94
C PHE B 278 -9.24 -7.29 21.27
N ASN B 279 -8.72 -6.40 20.41
CA ASN B 279 -7.48 -5.66 20.63
C ASN B 279 -7.90 -4.19 20.60
N TRP B 280 -7.52 -3.42 21.63
CA TRP B 280 -7.88 -2.01 21.75
C TRP B 280 -6.65 -1.11 21.69
N TYR B 281 -6.80 0.08 21.08
CA TYR B 281 -5.70 1.02 20.89
C TYR B 281 -6.18 2.45 21.16
N VAL B 282 -5.31 3.24 21.81
CA VAL B 282 -5.57 4.64 22.16
C VAL B 282 -4.48 5.43 21.43
N ASP B 283 -4.87 6.19 20.37
CA ASP B 283 -3.94 6.90 19.47
C ASP B 283 -2.84 5.95 18.90
N GLY B 284 -3.23 4.72 18.58
CA GLY B 284 -2.35 3.70 18.04
C GLY B 284 -1.62 2.82 19.05
N VAL B 285 -1.63 3.22 20.35
CA VAL B 285 -0.96 2.52 21.44
C VAL B 285 -1.91 1.46 22.04
N GLU B 286 -1.48 0.18 22.02
CA GLU B 286 -2.30 -0.91 22.55
C GLU B 286 -2.52 -0.82 24.06
N VAL B 287 -3.79 -0.97 24.48
CA VAL B 287 -4.21 -0.96 25.89
C VAL B 287 -4.80 -2.32 26.26
N HIS B 288 -4.63 -2.75 27.53
CA HIS B 288 -5.06 -4.08 27.96
C HIS B 288 -6.08 -4.11 29.10
N ASN B 289 -6.79 -2.98 29.35
CA ASN B 289 -7.74 -2.86 30.46
C ASN B 289 -9.22 -2.99 30.07
N ALA B 290 -9.51 -3.40 28.81
CA ALA B 290 -10.89 -3.57 28.37
C ALA B 290 -11.57 -4.75 29.09
N LYS B 291 -12.89 -4.65 29.29
CA LYS B 291 -13.69 -5.70 29.93
C LYS B 291 -14.60 -6.31 28.86
N THR B 292 -14.26 -7.53 28.47
CA THR B 292 -14.98 -8.27 27.43
C THR B 292 -16.00 -9.21 28.07
N LYS B 293 -17.27 -9.07 27.68
CA LYS B 293 -18.34 -9.88 28.22
C LYS B 293 -18.48 -11.20 27.40
N PRO B 294 -18.95 -12.31 28.00
CA PRO B 294 -19.12 -13.53 27.19
C PRO B 294 -20.24 -13.40 26.15
N ARG B 295 -20.10 -14.13 25.04
CA ARG B 295 -21.02 -14.28 23.90
C ARG B 295 -22.44 -14.48 24.42
N GLU B 296 -23.44 -13.86 23.78
CA GLU B 296 -24.84 -14.02 24.15
C GLU B 296 -25.69 -14.35 22.92
N GLU B 297 -26.50 -15.44 22.99
CA GLU B 297 -27.38 -15.79 21.85
C GLU B 297 -28.54 -14.82 21.77
N GLN B 298 -28.85 -14.39 20.54
CA GLN B 298 -29.93 -13.46 20.21
C GLN B 298 -31.16 -14.26 19.74
N PHE B 299 -32.35 -13.63 19.74
CA PHE B 299 -33.60 -14.29 19.32
C PHE B 299 -33.57 -14.81 17.88
N ASN B 300 -32.71 -14.23 17.01
CA ASN B 300 -32.55 -14.67 15.62
C ASN B 300 -31.46 -15.76 15.44
N SER B 301 -31.07 -16.43 16.56
CA SER B 301 -30.11 -17.54 16.62
C SER B 301 -28.63 -17.15 16.39
N THR B 302 -28.32 -15.86 16.12
CA THR B 302 -26.93 -15.38 15.99
C THR B 302 -26.45 -15.06 17.42
N TYR B 303 -25.15 -14.83 17.58
CA TYR B 303 -24.56 -14.46 18.86
C TYR B 303 -24.02 -13.02 18.79
N ARG B 304 -23.98 -12.37 19.96
CA ARG B 304 -23.52 -10.99 20.09
C ARG B 304 -22.47 -10.94 21.21
N VAL B 305 -21.34 -10.27 20.95
CA VAL B 305 -20.22 -10.15 21.91
C VAL B 305 -19.89 -8.66 22.11
N VAL B 306 -19.69 -8.24 23.37
CA VAL B 306 -19.46 -6.83 23.70
C VAL B 306 -18.16 -6.67 24.51
N SER B 307 -17.31 -5.72 24.11
CA SER B 307 -16.08 -5.35 24.82
C SER B 307 -16.22 -3.87 25.19
N VAL B 308 -15.97 -3.55 26.46
CA VAL B 308 -16.11 -2.19 26.98
C VAL B 308 -14.74 -1.65 27.43
N LEU B 309 -14.36 -0.46 26.94
CA LEU B 309 -13.09 0.17 27.34
C LEU B 309 -13.34 1.47 28.07
N THR B 310 -12.88 1.55 29.31
CA THR B 310 -12.98 2.77 30.11
C THR B 310 -12.03 3.80 29.50
N VAL B 311 -12.49 5.05 29.37
CA VAL B 311 -11.68 6.14 28.81
C VAL B 311 -11.53 7.27 29.83
N LEU B 312 -10.45 8.05 29.70
CA LEU B 312 -10.23 9.20 30.60
C LEU B 312 -10.99 10.41 30.03
N HIS B 313 -11.77 11.11 30.87
CA HIS B 313 -12.61 12.25 30.48
C HIS B 313 -11.88 13.24 29.57
N GLN B 314 -10.72 13.74 30.04
CA GLN B 314 -9.93 14.72 29.29
C GLN B 314 -9.36 14.16 27.98
N ASP B 315 -9.03 12.86 27.91
CA ASP B 315 -8.52 12.27 26.66
C ASP B 315 -9.58 12.26 25.58
N TRP B 316 -10.83 11.89 25.97
CA TRP B 316 -11.93 11.88 25.03
C TRP B 316 -12.18 13.33 24.55
N LEU B 317 -12.28 14.29 25.49
CA LEU B 317 -12.53 15.70 25.16
C LEU B 317 -11.43 16.36 24.35
N ASN B 318 -10.19 15.84 24.47
CA ASN B 318 -9.04 16.36 23.73
C ASN B 318 -8.86 15.72 22.35
N GLY B 319 -9.80 14.85 21.96
CA GLY B 319 -9.81 14.23 20.65
C GLY B 319 -8.98 12.98 20.44
N LYS B 320 -8.67 12.22 21.51
CA LYS B 320 -7.94 10.96 21.36
C LYS B 320 -8.78 9.95 20.55
N GLU B 321 -8.09 9.11 19.77
CA GLU B 321 -8.74 8.10 18.92
C GLU B 321 -8.73 6.75 19.60
N TYR B 322 -9.88 6.07 19.58
CA TYR B 322 -10.07 4.76 20.20
C TYR B 322 -10.37 3.74 19.13
N LYS B 323 -9.53 2.72 19.06
CA LYS B 323 -9.64 1.71 18.02
C LYS B 323 -9.91 0.34 18.60
N CYS B 324 -10.91 -0.35 18.05
N CYS B 324 -10.93 -0.38 18.08
CA CYS B 324 -11.28 -1.71 18.41
CA CYS B 324 -11.23 -1.75 18.48
C CYS B 324 -10.99 -2.60 17.19
C CYS B 324 -11.08 -2.68 17.26
N LYS B 325 -10.15 -3.64 17.38
CA LYS B 325 -9.83 -4.61 16.33
C LYS B 325 -10.41 -5.94 16.79
N VAL B 326 -11.28 -6.53 15.95
CA VAL B 326 -12.02 -7.75 16.23
C VAL B 326 -11.54 -8.88 15.31
N SER B 327 -11.20 -10.04 15.90
CA SER B 327 -10.79 -11.21 15.14
C SER B 327 -11.29 -12.47 15.85
N ASN B 328 -11.21 -13.64 15.19
CA ASN B 328 -11.63 -14.90 15.80
C ASN B 328 -10.36 -15.70 16.09
N LYS B 329 -10.29 -16.33 17.29
CA LYS B 329 -9.15 -17.12 17.74
C LYS B 329 -8.73 -18.17 16.68
N GLY B 330 -7.44 -18.17 16.35
CA GLY B 330 -6.86 -19.07 15.35
C GLY B 330 -6.77 -18.49 13.96
N LEU B 331 -7.86 -17.86 13.49
CA LEU B 331 -8.00 -17.23 12.16
C LEU B 331 -7.15 -15.93 12.05
N PRO B 332 -6.64 -15.57 10.85
CA PRO B 332 -5.78 -14.37 10.75
C PRO B 332 -6.49 -13.05 10.39
N SER B 333 -7.66 -13.09 9.72
CA SER B 333 -8.39 -11.88 9.29
C SER B 333 -8.98 -11.07 10.46
N SER B 334 -9.30 -9.79 10.22
CA SER B 334 -9.87 -8.91 11.25
C SER B 334 -10.70 -7.75 10.68
N ILE B 335 -11.53 -7.16 11.55
CA ILE B 335 -12.38 -5.99 11.33
C ILE B 335 -11.93 -4.94 12.36
N GLU B 336 -11.73 -3.69 11.93
CA GLU B 336 -11.30 -2.58 12.77
C GLU B 336 -12.27 -1.43 12.63
N LYS B 337 -12.50 -0.70 13.74
CA LYS B 337 -13.28 0.52 13.77
C LYS B 337 -12.54 1.49 14.68
N THR B 338 -12.55 2.78 14.33
CA THR B 338 -11.93 3.85 15.13
C THR B 338 -12.98 4.93 15.42
N ILE B 339 -13.01 5.40 16.68
CA ILE B 339 -13.91 6.45 17.11
C ILE B 339 -13.17 7.54 17.89
N SER B 340 -13.66 8.77 17.79
CA SER B 340 -13.14 9.94 18.51
C SER B 340 -14.24 10.99 18.51
N LYS B 341 -14.09 12.01 19.35
CA LYS B 341 -15.05 13.10 19.42
C LYS B 341 -15.21 13.81 18.07
N ALA B 342 -16.42 14.35 17.79
CA ALA B 342 -16.68 15.07 16.54
C ALA B 342 -15.67 16.20 16.36
N LYS B 343 -15.14 16.33 15.14
CA LYS B 343 -14.18 17.38 14.80
C LYS B 343 -14.98 18.61 14.44
N GLY B 344 -14.50 19.77 14.84
CA GLY B 344 -15.17 21.04 14.62
C GLY B 344 -15.17 21.85 15.90
N GLN B 345 -15.31 23.16 15.78
CA GLN B 345 -15.26 24.04 16.93
C GLN B 345 -16.47 23.89 17.86
N PRO B 346 -16.26 23.53 19.16
CA PRO B 346 -17.39 23.47 20.10
C PRO B 346 -18.05 24.84 20.27
N ARG B 347 -19.35 24.82 20.48
CA ARG B 347 -20.15 26.03 20.62
C ARG B 347 -21.10 25.84 21.82
N GLU B 348 -21.20 26.86 22.67
CA GLU B 348 -22.02 26.85 23.88
C GLU B 348 -23.52 26.83 23.57
N PRO B 349 -24.31 25.88 24.11
CA PRO B 349 -25.76 25.91 23.84
C PRO B 349 -26.45 27.11 24.51
N GLN B 350 -27.47 27.65 23.82
CA GLN B 350 -28.34 28.69 24.35
C GLN B 350 -29.55 27.92 24.86
N VAL B 351 -29.96 28.15 26.12
CA VAL B 351 -31.07 27.40 26.73
C VAL B 351 -32.24 28.33 27.06
N TYR B 352 -33.42 28.06 26.50
CA TYR B 352 -34.63 28.86 26.73
C TYR B 352 -35.77 27.99 27.20
N THR B 353 -36.51 28.45 28.23
CA THR B 353 -37.68 27.72 28.71
C THR B 353 -38.93 28.42 28.19
N LEU B 354 -39.93 27.64 27.74
CA LEU B 354 -41.17 28.17 27.19
C LEU B 354 -42.34 27.59 27.99
N PRO B 355 -43.25 28.45 28.52
CA PRO B 355 -44.40 27.92 29.28
C PRO B 355 -45.41 27.21 28.37
N PRO B 356 -46.45 26.54 28.93
CA PRO B 356 -47.44 25.90 28.07
C PRO B 356 -48.21 26.95 27.26
N SER B 357 -48.75 26.53 26.11
CA SER B 357 -49.62 27.39 25.32
C SER B 357 -50.92 27.54 26.14
N GLN B 358 -51.59 28.72 26.07
CA GLN B 358 -52.86 28.95 26.77
C GLN B 358 -53.92 27.93 26.30
N GLU B 359 -53.84 27.48 25.03
CA GLU B 359 -54.75 26.49 24.46
C GLU B 359 -54.62 25.12 25.11
N GLU B 360 -53.45 24.84 25.72
CA GLU B 360 -53.22 23.57 26.41
C GLU B 360 -53.75 23.58 27.86
N MET B 361 -54.12 24.77 28.37
CA MET B 361 -54.62 24.94 29.74
C MET B 361 -56.03 24.33 29.97
N THR B 362 -56.64 23.74 28.92
CA THR B 362 -57.93 23.05 29.00
C THR B 362 -57.71 21.57 29.43
N LYS B 363 -56.42 21.14 29.49
CA LYS B 363 -56.05 19.76 29.83
C LYS B 363 -55.61 19.62 31.30
N ASN B 364 -55.67 18.38 31.82
CA ASN B 364 -55.24 18.06 33.19
C ASN B 364 -53.72 18.08 33.29
N GLN B 365 -53.05 17.86 32.16
CA GLN B 365 -51.58 17.87 32.09
C GLN B 365 -51.14 18.85 31.00
N VAL B 366 -50.07 19.62 31.28
CA VAL B 366 -49.55 20.65 30.37
C VAL B 366 -48.07 20.39 30.06
N SER B 367 -47.58 21.00 28.97
CA SER B 367 -46.22 20.82 28.49
C SER B 367 -45.33 22.00 28.84
N LEU B 368 -44.17 21.71 29.43
CA LEU B 368 -43.13 22.69 29.72
C LEU B 368 -42.04 22.40 28.70
N THR B 369 -41.64 23.41 27.94
CA THR B 369 -40.69 23.26 26.85
C THR B 369 -39.33 23.86 27.15
N CYS B 370 -38.26 23.13 26.77
N CYS B 370 -38.24 23.14 26.77
CA CYS B 370 -36.91 23.60 26.90
CA CYS B 370 -36.84 23.56 26.96
C CYS B 370 -36.28 23.55 25.51
C CYS B 370 -36.13 23.53 25.59
N LEU B 371 -35.94 24.71 24.97
CA LEU B 371 -35.29 24.83 23.66
C LEU B 371 -33.80 25.01 23.94
N VAL B 372 -33.00 24.11 23.36
CA VAL B 372 -31.53 24.11 23.52
C VAL B 372 -30.99 24.24 22.10
N LYS B 373 -30.30 25.35 21.78
CA LYS B 373 -29.84 25.60 20.41
C LYS B 373 -28.42 26.14 20.30
N GLY B 374 -27.88 26.09 19.09
CA GLY B 374 -26.57 26.64 18.75
C GLY B 374 -25.39 25.90 19.35
N PHE B 375 -25.58 24.62 19.71
CA PHE B 375 -24.51 23.84 20.31
C PHE B 375 -23.74 22.98 19.33
N TYR B 376 -22.47 22.75 19.65
CA TYR B 376 -21.56 21.90 18.90
C TYR B 376 -20.51 21.36 19.89
N PRO B 377 -20.17 20.05 19.88
CA PRO B 377 -20.74 18.95 19.08
C PRO B 377 -22.17 18.62 19.53
N SER B 378 -22.84 17.68 18.83
CA SER B 378 -24.21 17.27 19.18
C SER B 378 -24.33 16.52 20.53
N ASP B 379 -23.21 16.03 21.11
CA ASP B 379 -23.19 15.30 22.39
C ASP B 379 -23.69 16.18 23.50
N ILE B 380 -24.86 15.85 24.08
CA ILE B 380 -25.49 16.66 25.11
C ILE B 380 -26.40 15.79 26.00
N ALA B 381 -26.65 16.26 27.21
CA ALA B 381 -27.56 15.60 28.15
C ALA B 381 -28.54 16.66 28.66
N VAL B 382 -29.83 16.32 28.69
CA VAL B 382 -30.88 17.25 29.16
C VAL B 382 -31.73 16.53 30.19
N GLU B 383 -32.00 17.19 31.33
CA GLU B 383 -32.83 16.63 32.39
C GLU B 383 -33.74 17.71 32.95
N TRP B 384 -34.68 17.31 33.84
CA TRP B 384 -35.60 18.25 34.48
C TRP B 384 -35.64 18.04 35.99
N GLU B 385 -35.85 19.14 36.72
CA GLU B 385 -35.97 19.10 38.19
C GLU B 385 -37.02 20.08 38.70
N SER B 386 -37.41 19.92 39.97
CA SER B 386 -38.33 20.81 40.70
C SER B 386 -38.16 20.54 42.20
N ASN B 387 -37.94 21.61 43.00
CA ASN B 387 -37.77 21.52 44.48
C ASN B 387 -36.64 20.55 44.91
N GLY B 388 -35.52 20.59 44.18
CA GLY B 388 -34.36 19.75 44.44
C GLY B 388 -34.53 18.27 44.16
N GLN B 389 -35.60 17.90 43.41
CA GLN B 389 -35.87 16.51 43.06
C GLN B 389 -36.01 16.32 41.55
N PRO B 390 -35.54 15.18 40.98
CA PRO B 390 -35.66 14.99 39.53
C PRO B 390 -37.10 14.80 39.05
N GLU B 391 -37.41 15.33 37.88
CA GLU B 391 -38.71 15.21 37.22
C GLU B 391 -38.46 14.26 36.05
N ASN B 392 -39.10 13.09 36.03
CA ASN B 392 -38.84 12.06 35.02
C ASN B 392 -39.85 11.96 33.88
N ASN B 393 -40.98 12.67 33.97
CA ASN B 393 -42.02 12.60 32.96
C ASN B 393 -41.72 13.50 31.74
N TYR B 394 -40.55 13.29 31.12
CA TYR B 394 -40.15 14.07 29.97
C TYR B 394 -39.62 13.23 28.82
N LYS B 395 -39.58 13.82 27.63
CA LYS B 395 -38.98 13.22 26.41
C LYS B 395 -38.23 14.34 25.72
N THR B 396 -37.07 14.01 25.16
CA THR B 396 -36.23 14.99 24.47
C THR B 396 -36.03 14.54 23.04
N THR B 397 -36.09 15.47 22.09
CA THR B 397 -35.88 15.12 20.69
C THR B 397 -34.39 14.83 20.49
N PRO B 398 -33.99 14.06 19.45
CA PRO B 398 -32.55 13.94 19.15
C PRO B 398 -32.04 15.32 18.71
N PRO B 399 -30.70 15.58 18.77
CA PRO B 399 -30.19 16.85 18.22
C PRO B 399 -30.47 16.92 16.71
N VAL B 400 -30.78 18.10 16.21
CA VAL B 400 -31.11 18.34 14.81
C VAL B 400 -30.08 19.31 14.26
N LEU B 401 -29.46 18.96 13.12
CA LEU B 401 -28.46 19.83 12.50
C LEU B 401 -29.15 21.05 11.89
N ASP B 402 -28.70 22.23 12.26
CA ASP B 402 -29.22 23.49 11.78
C ASP B 402 -28.44 23.97 10.56
N SER B 403 -28.98 24.98 9.85
CA SER B 403 -28.37 25.55 8.63
C SER B 403 -27.02 26.26 8.88
N ASP B 404 -26.69 26.55 10.14
CA ASP B 404 -25.42 27.20 10.49
C ASP B 404 -24.37 26.20 11.00
N GLY B 405 -24.67 24.91 10.87
CA GLY B 405 -23.77 23.83 11.29
C GLY B 405 -23.82 23.47 12.77
N SER B 406 -24.59 24.24 13.58
CA SER B 406 -24.77 23.93 14.99
C SER B 406 -26.01 23.00 15.12
N PHE B 407 -26.31 22.54 16.33
CA PHE B 407 -27.44 21.68 16.56
C PHE B 407 -28.43 22.34 17.49
N PHE B 408 -29.67 21.88 17.46
CA PHE B 408 -30.71 22.29 18.40
C PHE B 408 -31.54 21.05 18.75
N LEU B 409 -32.28 21.14 19.85
CA LEU B 409 -33.23 20.11 20.25
C LEU B 409 -34.28 20.78 21.13
N TYR B 410 -35.35 20.04 21.41
CA TYR B 410 -36.37 20.46 22.36
C TYR B 410 -36.59 19.33 23.34
N SER B 411 -36.83 19.69 24.60
CA SER B 411 -37.18 18.73 25.63
C SER B 411 -38.56 19.16 26.13
N ARG B 412 -39.46 18.18 26.30
N ARG B 412 -39.46 18.18 26.29
CA ARG B 412 -40.83 18.43 26.76
CA ARG B 412 -40.83 18.43 26.75
C ARG B 412 -41.12 17.70 28.06
C ARG B 412 -41.10 17.70 28.06
N LEU B 413 -41.38 18.46 29.14
CA LEU B 413 -41.71 17.88 30.44
C LEU B 413 -43.23 18.01 30.60
N THR B 414 -43.89 16.89 30.86
CA THR B 414 -45.34 16.89 31.09
C THR B 414 -45.55 16.98 32.59
N VAL B 415 -46.33 17.98 33.03
CA VAL B 415 -46.62 18.20 34.45
C VAL B 415 -48.12 18.32 34.64
N ASP B 416 -48.59 18.00 35.84
CA ASP B 416 -50.00 18.18 36.18
C ASP B 416 -50.26 19.67 36.18
N LYS B 417 -51.37 20.12 35.55
CA LYS B 417 -51.74 21.53 35.49
C LYS B 417 -51.80 22.16 36.91
N SER B 418 -52.28 21.40 37.92
N SER B 418 -52.25 21.39 37.91
CA SER B 418 -52.38 21.83 39.32
CA SER B 418 -52.35 21.87 39.30
C SER B 418 -51.02 22.26 39.88
C SER B 418 -51.01 22.27 39.89
N ARG B 419 -49.95 21.50 39.54
CA ARG B 419 -48.57 21.76 39.98
C ARG B 419 -48.01 23.03 39.32
N TRP B 420 -48.30 23.22 38.03
CA TRP B 420 -47.88 24.41 37.29
C TRP B 420 -48.59 25.65 37.84
N GLN B 421 -49.92 25.56 38.06
CA GLN B 421 -50.72 26.67 38.56
C GLN B 421 -50.41 27.07 40.00
N GLU B 422 -49.90 26.14 40.82
CA GLU B 422 -49.52 26.38 42.21
C GLU B 422 -48.24 27.27 42.31
N GLY B 423 -47.55 27.50 41.20
CA GLY B 423 -46.34 28.30 41.18
C GLY B 423 -45.06 27.51 41.43
N ASN B 424 -45.10 26.18 41.32
CA ASN B 424 -43.90 25.37 41.46
C ASN B 424 -42.87 25.74 40.38
N VAL B 425 -41.60 25.87 40.79
CA VAL B 425 -40.51 26.25 39.88
C VAL B 425 -39.92 24.98 39.26
N PHE B 426 -39.92 24.90 37.93
CA PHE B 426 -39.39 23.74 37.19
C PHE B 426 -38.12 24.17 36.51
N SER B 427 -37.17 23.26 36.41
CA SER B 427 -35.89 23.60 35.81
C SER B 427 -35.44 22.61 34.76
N CYS B 428 -34.92 23.14 33.65
N CYS B 428 -34.95 23.09 33.61
CA CYS B 428 -34.33 22.36 32.57
CA CYS B 428 -34.35 22.18 32.64
C CYS B 428 -32.80 22.44 32.80
C CYS B 428 -32.83 22.36 32.68
N SER B 429 -32.13 21.27 33.02
CA SER B 429 -30.67 21.18 33.23
C SER B 429 -30.03 20.63 31.98
N VAL B 430 -28.94 21.26 31.56
CA VAL B 430 -28.25 20.89 30.33
C VAL B 430 -26.78 20.67 30.64
N MET B 431 -26.24 19.55 30.18
CA MET B 431 -24.82 19.24 30.31
C MET B 431 -24.21 19.16 28.93
N HIS B 432 -23.17 19.99 28.70
CA HIS B 432 -22.49 20.09 27.41
C HIS B 432 -21.06 20.53 27.67
N GLU B 433 -20.11 20.07 26.84
CA GLU B 433 -18.70 20.41 27.04
C GLU B 433 -18.39 21.91 26.97
N ALA B 434 -19.16 22.67 26.16
CA ALA B 434 -18.92 24.09 25.97
C ALA B 434 -19.57 24.98 27.02
N LEU B 435 -20.24 24.39 28.02
CA LEU B 435 -20.80 25.18 29.11
C LEU B 435 -19.79 25.28 30.24
N HIS B 436 -19.83 26.38 30.99
CA HIS B 436 -18.96 26.54 32.16
C HIS B 436 -19.33 25.46 33.17
N ASN B 437 -18.33 24.69 33.64
CA ASN B 437 -18.48 23.54 34.57
C ASN B 437 -19.38 22.44 33.96
N HIS B 438 -19.45 22.40 32.60
CA HIS B 438 -20.25 21.45 31.80
C HIS B 438 -21.73 21.44 32.20
N TYR B 439 -22.22 22.53 32.80
CA TYR B 439 -23.60 22.57 33.33
C TYR B 439 -24.22 23.94 33.30
N THR B 440 -25.53 23.97 32.99
CA THR B 440 -26.40 25.14 33.05
C THR B 440 -27.82 24.69 33.40
N GLN B 441 -28.54 25.54 34.11
CA GLN B 441 -29.91 25.28 34.51
C GLN B 441 -30.75 26.51 34.21
N LYS B 442 -31.97 26.30 33.66
CA LYS B 442 -32.89 27.39 33.36
C LYS B 442 -34.23 27.08 33.99
N SER B 443 -34.73 28.02 34.77
CA SER B 443 -35.99 27.88 35.50
C SER B 443 -37.18 28.38 34.72
N LEU B 444 -38.37 27.87 35.07
CA LEU B 444 -39.65 28.18 34.44
C LEU B 444 -40.73 28.03 35.52
N SER B 445 -41.54 29.07 35.73
CA SER B 445 -42.64 29.06 36.70
C SER B 445 -43.74 29.99 36.22
N LEU B 446 -44.98 29.78 36.71
CA LEU B 446 -46.11 30.62 36.30
C LEU B 446 -45.99 32.00 36.95
N SER B 447 -45.87 33.05 36.10
CA SER B 447 -45.70 34.46 36.50
C SER B 447 -46.74 35.36 35.85
N ASP C 1 -10.49 50.95 10.66
CA ASP C 1 -11.10 50.13 9.61
C ASP C 1 -12.27 49.33 10.19
N ILE C 2 -13.32 49.11 9.38
CA ILE C 2 -14.46 48.29 9.81
C ILE C 2 -14.04 46.81 9.78
N VAL C 3 -14.29 46.09 10.87
CA VAL C 3 -13.96 44.67 10.97
C VAL C 3 -15.23 43.88 10.69
N LEU C 4 -15.12 42.84 9.84
CA LEU C 4 -16.22 41.95 9.50
C LEU C 4 -15.88 40.59 10.06
N THR C 5 -16.72 40.10 10.97
CA THR C 5 -16.52 38.83 11.66
C THR C 5 -17.49 37.83 11.13
N GLN C 6 -16.96 36.82 10.46
CA GLN C 6 -17.77 35.77 9.88
C GLN C 6 -17.90 34.57 10.77
N SER C 7 -19.09 33.98 10.77
N SER C 7 -19.09 33.97 10.76
CA SER C 7 -19.42 32.79 11.56
CA SER C 7 -19.38 32.77 11.54
C SER C 7 -20.37 31.86 10.77
C SER C 7 -20.36 31.86 10.77
N PRO C 8 -20.21 30.52 10.85
CA PRO C 8 -19.13 29.78 11.54
C PRO C 8 -17.87 29.86 10.66
N ALA C 9 -16.68 29.52 11.17
CA ALA C 9 -15.47 29.56 10.32
C ALA C 9 -15.53 28.46 9.26
N THR C 10 -16.13 27.31 9.61
CA THR C 10 -16.29 26.15 8.73
C THR C 10 -17.72 25.64 8.85
N LEU C 11 -18.28 25.19 7.72
CA LEU C 11 -19.65 24.70 7.66
C LEU C 11 -19.68 23.41 6.83
N SER C 12 -20.07 22.29 7.43
CA SER C 12 -20.09 21.01 6.75
C SER C 12 -21.56 20.58 6.62
N LEU C 13 -22.09 20.54 5.39
CA LEU C 13 -23.50 20.21 5.14
C LEU C 13 -23.67 19.35 3.91
N SER C 14 -24.79 18.60 3.85
CA SER C 14 -25.05 17.72 2.72
C SER C 14 -25.69 18.50 1.56
N PRO C 15 -25.56 18.03 0.31
CA PRO C 15 -26.29 18.69 -0.79
C PRO C 15 -27.80 18.60 -0.50
N GLY C 16 -28.52 19.66 -0.85
CA GLY C 16 -29.95 19.74 -0.62
C GLY C 16 -30.31 20.46 0.65
N GLU C 17 -29.33 20.62 1.59
CA GLU C 17 -29.55 21.33 2.85
C GLU C 17 -29.40 22.83 2.67
N ARG C 18 -30.04 23.58 3.54
CA ARG C 18 -29.96 25.02 3.56
C ARG C 18 -28.69 25.41 4.31
N ALA C 19 -27.94 26.39 3.80
CA ALA C 19 -26.75 26.90 4.46
C ALA C 19 -27.00 28.34 4.85
N THR C 20 -26.62 28.71 6.09
CA THR C 20 -26.76 30.07 6.62
C THR C 20 -25.40 30.56 7.11
N LEU C 21 -24.89 31.63 6.47
CA LEU C 21 -23.58 32.22 6.74
C LEU C 21 -23.74 33.62 7.28
N SER C 22 -23.13 33.87 8.44
N SER C 22 -23.13 33.88 8.43
CA SER C 22 -23.24 35.14 9.14
CA SER C 22 -23.24 35.16 9.11
C SER C 22 -22.03 36.04 8.94
C SER C 22 -22.03 36.05 8.96
N CYS C 23 -22.27 37.37 8.88
CA CYS C 23 -21.25 38.40 8.78
C CYS C 23 -21.68 39.50 9.72
N ARG C 24 -20.88 39.75 10.75
CA ARG C 24 -21.15 40.78 11.76
C ARG C 24 -20.12 41.88 11.68
N ALA C 25 -20.60 43.12 11.49
CA ALA C 25 -19.73 44.28 11.34
C ALA C 25 -19.51 44.99 12.67
N SER C 26 -18.30 45.51 12.88
CA SER C 26 -17.89 46.21 14.10
C SER C 26 -18.59 47.58 14.25
N GLN C 27 -19.03 48.16 13.13
CA GLN C 27 -19.71 49.47 13.03
C GLN C 27 -20.81 49.29 11.99
N SER C 28 -21.89 50.11 12.05
CA SER C 28 -22.99 50.02 11.08
C SER C 28 -22.48 50.17 9.63
N VAL C 29 -22.96 49.31 8.73
CA VAL C 29 -22.58 49.33 7.32
C VAL C 29 -23.84 49.61 6.50
N ARG C 30 -23.78 50.61 5.59
CA ARG C 30 -24.89 50.95 4.70
C ARG C 30 -25.07 49.77 3.76
N SER C 31 -26.31 49.25 3.70
CA SER C 31 -26.70 48.05 2.95
C SER C 31 -26.21 48.02 1.51
N ASN C 32 -26.21 49.17 0.80
CA ASN C 32 -25.72 49.22 -0.58
C ASN C 32 -24.23 48.89 -0.71
N TYR C 33 -23.48 49.01 0.40
CA TYR C 33 -22.04 48.79 0.39
C TYR C 33 -21.59 47.51 1.12
N LEU C 34 -22.44 46.48 1.16
CA LEU C 34 -22.09 45.18 1.73
C LEU C 34 -22.21 44.15 0.59
N ALA C 35 -21.12 43.42 0.29
CA ALA C 35 -21.14 42.41 -0.78
C ALA C 35 -20.66 41.04 -0.28
N TRP C 36 -21.02 39.98 -1.01
CA TRP C 36 -20.59 38.62 -0.70
C TRP C 36 -19.87 38.06 -1.90
N TYR C 37 -18.80 37.28 -1.64
CA TYR C 37 -17.97 36.66 -2.67
C TYR C 37 -17.82 35.18 -2.41
N GLN C 38 -17.63 34.41 -3.47
CA GLN C 38 -17.40 32.97 -3.41
C GLN C 38 -16.03 32.72 -4.07
N GLN C 39 -15.15 32.01 -3.35
CA GLN C 39 -13.82 31.70 -3.90
C GLN C 39 -13.55 30.20 -3.91
N LYS C 40 -13.32 29.68 -5.12
CA LYS C 40 -13.02 28.27 -5.36
C LYS C 40 -11.50 28.11 -5.53
N PRO C 41 -10.95 26.90 -5.26
CA PRO C 41 -9.47 26.75 -5.31
C PRO C 41 -8.83 27.19 -6.62
N GLY C 42 -7.75 27.96 -6.49
CA GLY C 42 -6.99 28.44 -7.64
C GLY C 42 -7.65 29.55 -8.44
N GLN C 43 -8.78 30.10 -7.92
CA GLN C 43 -9.49 31.18 -8.63
C GLN C 43 -9.54 32.44 -7.77
N ALA C 44 -9.81 33.57 -8.42
CA ALA C 44 -10.05 34.83 -7.74
C ALA C 44 -11.48 34.74 -7.12
N PRO C 45 -11.78 35.54 -6.07
CA PRO C 45 -13.15 35.57 -5.54
C PRO C 45 -14.12 36.04 -6.61
N ARG C 46 -15.31 35.46 -6.61
CA ARG C 46 -16.38 35.75 -7.56
C ARG C 46 -17.48 36.52 -6.84
N LEU C 47 -17.90 37.68 -7.38
CA LEU C 47 -18.98 38.45 -6.81
C LEU C 47 -20.27 37.63 -6.86
N LEU C 48 -20.91 37.45 -5.71
CA LEU C 48 -22.13 36.63 -5.58
C LEU C 48 -23.35 37.53 -5.31
N ILE C 49 -23.22 38.44 -4.31
CA ILE C 49 -24.27 39.35 -3.86
C ILE C 49 -23.69 40.74 -3.71
N TYR C 50 -24.41 41.78 -4.14
CA TYR C 50 -23.96 43.15 -3.92
C TYR C 50 -25.11 43.92 -3.31
N GLY C 51 -24.81 45.02 -2.63
CA GLY C 51 -25.84 45.83 -1.99
C GLY C 51 -26.70 45.03 -1.02
N ALA C 52 -26.03 44.11 -0.27
CA ALA C 52 -26.58 43.20 0.74
C ALA C 52 -27.53 42.13 0.21
N SER C 53 -28.38 42.44 -0.79
CA SER C 53 -29.41 41.51 -1.23
C SER C 53 -29.59 41.33 -2.75
N ASN C 54 -28.72 41.93 -3.56
CA ASN C 54 -28.84 41.80 -5.01
C ASN C 54 -27.96 40.70 -5.56
N ARG C 55 -28.56 39.73 -6.26
CA ARG C 55 -27.81 38.65 -6.89
C ARG C 55 -27.00 39.25 -8.04
N ALA C 56 -25.70 38.91 -8.10
CA ALA C 56 -24.83 39.38 -9.17
C ALA C 56 -25.15 38.61 -10.47
N THR C 57 -24.64 39.10 -11.61
CA THR C 57 -24.84 38.51 -12.94
C THR C 57 -24.39 37.04 -12.97
N GLY C 58 -25.26 36.17 -13.50
CA GLY C 58 -25.01 34.75 -13.66
C GLY C 58 -25.05 33.94 -12.38
N VAL C 59 -25.41 34.56 -11.25
CA VAL C 59 -25.45 33.86 -9.95
C VAL C 59 -26.77 33.09 -9.83
N PRO C 60 -26.70 31.77 -9.53
CA PRO C 60 -27.93 30.96 -9.37
C PRO C 60 -28.86 31.47 -8.27
N ALA C 61 -30.18 31.26 -8.46
CA ALA C 61 -31.26 31.69 -7.55
C ALA C 61 -31.13 31.16 -6.13
N ARG C 62 -30.43 30.01 -5.91
CA ARG C 62 -30.24 29.44 -4.57
C ARG C 62 -29.44 30.37 -3.63
N PHE C 63 -28.70 31.34 -4.19
CA PHE C 63 -27.94 32.28 -3.38
C PHE C 63 -28.76 33.54 -3.12
N SER C 64 -28.85 33.95 -1.84
CA SER C 64 -29.56 35.17 -1.46
C SER C 64 -28.91 35.83 -0.26
N GLY C 65 -28.92 37.16 -0.27
CA GLY C 65 -28.37 37.94 0.83
C GLY C 65 -29.45 38.70 1.56
N SER C 66 -29.24 38.93 2.87
CA SER C 66 -30.19 39.68 3.71
C SER C 66 -29.46 40.33 4.88
N GLY C 67 -30.19 41.15 5.63
CA GLY C 67 -29.67 41.84 6.80
C GLY C 67 -29.46 43.32 6.57
N SER C 68 -29.04 44.00 7.61
CA SER C 68 -28.80 45.45 7.63
C SER C 68 -28.04 45.78 8.90
N GLY C 69 -27.53 47.01 8.95
CA GLY C 69 -26.80 47.54 10.10
C GLY C 69 -25.48 46.86 10.31
N THR C 70 -25.42 45.99 11.32
CA THR C 70 -24.21 45.24 11.67
C THR C 70 -24.35 43.74 11.43
N ASP C 71 -25.56 43.24 11.07
CA ASP C 71 -25.81 41.81 10.90
C ASP C 71 -26.30 41.45 9.51
N PHE C 72 -25.45 40.73 8.76
CA PHE C 72 -25.73 40.31 7.38
C PHE C 72 -25.67 38.80 7.25
N THR C 73 -26.47 38.27 6.34
CA THR C 73 -26.56 36.83 6.13
C THR C 73 -26.56 36.45 4.66
N LEU C 74 -25.78 35.41 4.33
CA LEU C 74 -25.80 34.79 3.01
C LEU C 74 -26.48 33.44 3.21
N THR C 75 -27.52 33.17 2.42
CA THR C 75 -28.25 31.92 2.49
C THR C 75 -28.09 31.16 1.17
N ILE C 76 -27.85 29.85 1.26
CA ILE C 76 -27.81 28.93 0.12
C ILE C 76 -29.03 28.05 0.40
N SER C 77 -30.14 28.27 -0.32
CA SER C 77 -31.42 27.58 -0.07
C SER C 77 -31.32 26.07 -0.11
N SER C 78 -30.57 25.54 -1.09
CA SER C 78 -30.38 24.11 -1.29
C SER C 78 -28.98 23.90 -1.87
N LEU C 79 -28.05 23.45 -1.03
CA LEU C 79 -26.65 23.26 -1.38
C LEU C 79 -26.42 22.28 -2.53
N GLU C 80 -25.47 22.62 -3.42
CA GLU C 80 -25.05 21.77 -4.52
C GLU C 80 -23.59 21.38 -4.28
N PRO C 81 -23.13 20.19 -4.74
CA PRO C 81 -21.70 19.82 -4.52
C PRO C 81 -20.70 20.86 -5.03
N GLU C 82 -21.04 21.56 -6.13
CA GLU C 82 -20.15 22.59 -6.70
C GLU C 82 -20.07 23.85 -5.81
N ASP C 83 -20.88 23.92 -4.72
CA ASP C 83 -20.88 25.07 -3.80
C ASP C 83 -19.73 25.02 -2.79
N PHE C 84 -18.92 23.96 -2.84
CA PHE C 84 -17.69 23.85 -2.05
C PHE C 84 -16.83 25.09 -2.42
N ALA C 85 -16.56 25.95 -1.44
CA ALA C 85 -15.84 27.21 -1.62
C ALA C 85 -15.68 27.89 -0.28
N VAL C 86 -14.95 29.02 -0.29
CA VAL C 86 -14.82 29.89 0.87
C VAL C 86 -15.66 31.11 0.49
N TYR C 87 -16.55 31.53 1.39
CA TYR C 87 -17.43 32.67 1.16
C TYR C 87 -17.00 33.80 2.05
N TYR C 88 -16.83 35.00 1.45
CA TYR C 88 -16.37 36.19 2.15
C TYR C 88 -17.38 37.32 2.07
N CYS C 89 -17.55 38.06 3.17
CA CYS C 89 -18.36 39.29 3.08
C CYS C 89 -17.37 40.44 2.95
N GLN C 90 -17.83 41.58 2.43
CA GLN C 90 -16.96 42.72 2.15
C GLN C 90 -17.75 44.01 2.32
N GLN C 91 -17.15 45.01 2.93
CA GLN C 91 -17.83 46.30 3.09
C GLN C 91 -17.02 47.44 2.50
N ILE C 92 -17.71 48.49 2.08
CA ILE C 92 -17.10 49.72 1.59
C ILE C 92 -18.04 50.91 1.98
N SER C 93 -18.74 50.76 3.11
CA SER C 93 -19.61 51.79 3.68
C SER C 93 -18.67 52.88 4.19
N ASN C 94 -17.52 52.46 4.75
CA ASN C 94 -16.47 53.34 5.22
C ASN C 94 -15.13 52.87 4.67
N SER C 95 -14.36 53.78 4.05
CA SER C 95 -13.06 53.46 3.48
C SER C 95 -12.03 53.16 4.60
N PRO C 96 -11.08 52.22 4.43
CA PRO C 96 -10.82 51.37 3.27
C PRO C 96 -11.79 50.19 3.13
N PRO C 97 -11.97 49.66 1.90
CA PRO C 97 -12.77 48.43 1.76
C PRO C 97 -12.12 47.32 2.60
N THR C 98 -12.93 46.54 3.32
CA THR C 98 -12.43 45.43 4.14
C THR C 98 -13.23 44.18 3.85
N PHE C 99 -12.62 43.02 4.14
CA PHE C 99 -13.22 41.70 3.94
C PHE C 99 -13.26 40.94 5.25
N GLY C 100 -14.22 40.04 5.37
CA GLY C 100 -14.29 39.07 6.46
C GLY C 100 -13.22 38.00 6.24
N GLN C 101 -13.01 37.12 7.24
CA GLN C 101 -11.99 36.07 7.14
C GLN C 101 -12.50 34.80 6.45
N GLY C 102 -13.78 34.79 6.08
CA GLY C 102 -14.38 33.70 5.33
C GLY C 102 -15.02 32.58 6.12
N THR C 103 -15.97 31.90 5.46
CA THR C 103 -16.59 30.68 5.97
C THR C 103 -16.30 29.64 4.90
N LYS C 104 -15.60 28.56 5.29
CA LYS C 104 -15.29 27.47 4.36
C LYS C 104 -16.43 26.48 4.39
N VAL C 105 -17.10 26.30 3.25
CA VAL C 105 -18.20 25.36 3.12
C VAL C 105 -17.66 24.05 2.58
N GLU C 106 -17.82 22.97 3.36
CA GLU C 106 -17.43 21.60 3.02
C GLU C 106 -18.71 20.81 2.74
N ILE C 107 -18.68 19.95 1.71
CA ILE C 107 -19.84 19.17 1.31
C ILE C 107 -19.78 17.76 1.92
N LYS C 108 -20.83 17.40 2.69
CA LYS C 108 -20.93 16.06 3.29
C LYS C 108 -21.40 15.13 2.21
N ARG C 109 -20.90 13.92 2.25
CA ARG C 109 -21.27 12.87 1.31
C ARG C 109 -21.11 11.55 2.03
N THR C 110 -21.56 10.45 1.42
CA THR C 110 -21.42 9.14 2.04
C THR C 110 -19.93 8.74 2.11
N VAL C 111 -19.60 7.85 3.03
CA VAL C 111 -18.24 7.34 3.20
C VAL C 111 -17.79 6.64 1.90
N ALA C 112 -16.58 6.96 1.43
CA ALA C 112 -15.99 6.36 0.23
C ALA C 112 -14.58 5.92 0.59
N ALA C 113 -14.30 4.61 0.44
CA ALA C 113 -12.98 4.06 0.74
C ALA C 113 -11.99 4.50 -0.35
N PRO C 114 -10.71 4.76 -0.03
CA PRO C 114 -9.76 5.12 -1.10
C PRO C 114 -9.36 3.93 -1.94
N SER C 115 -9.04 4.17 -3.22
CA SER C 115 -8.45 3.18 -4.12
C SER C 115 -6.95 3.48 -3.93
N VAL C 116 -6.17 2.47 -3.56
CA VAL C 116 -4.76 2.63 -3.24
C VAL C 116 -3.84 2.11 -4.35
N PHE C 117 -2.79 2.89 -4.66
CA PHE C 117 -1.79 2.57 -5.69
C PHE C 117 -0.42 2.91 -5.15
N ILE C 118 0.58 2.08 -5.46
CA ILE C 118 1.97 2.31 -5.06
C ILE C 118 2.82 2.42 -6.33
N PHE C 119 3.76 3.37 -6.34
CA PHE C 119 4.65 3.61 -7.45
C PHE C 119 6.09 3.48 -7.02
N PRO C 120 6.87 2.57 -7.63
CA PRO C 120 8.31 2.52 -7.30
C PRO C 120 9.04 3.74 -7.89
N PRO C 121 10.25 4.09 -7.41
CA PRO C 121 10.98 5.17 -8.08
C PRO C 121 11.39 4.68 -9.49
N SER C 122 11.42 5.58 -10.47
CA SER C 122 11.81 5.17 -11.83
C SER C 122 13.32 4.90 -11.86
N ASP C 123 13.78 4.11 -12.84
CA ASP C 123 15.20 3.83 -13.04
C ASP C 123 15.93 5.15 -13.29
N GLU C 124 15.29 6.07 -14.02
CA GLU C 124 15.83 7.38 -14.33
C GLU C 124 16.11 8.20 -13.06
N GLN C 125 15.16 8.26 -12.11
CA GLN C 125 15.42 8.99 -10.87
C GLN C 125 16.49 8.27 -10.03
N LEU C 126 16.50 6.93 -10.02
CA LEU C 126 17.47 6.13 -9.27
C LEU C 126 18.91 6.45 -9.65
N LYS C 127 19.17 6.64 -10.94
CA LYS C 127 20.50 6.98 -11.45
C LYS C 127 20.99 8.35 -10.89
N SER C 128 20.05 9.29 -10.59
CA SER C 128 20.37 10.61 -10.02
C SER C 128 20.78 10.57 -8.52
N GLY C 129 20.59 9.42 -7.87
CA GLY C 129 20.96 9.21 -6.47
C GLY C 129 19.85 9.32 -5.43
N THR C 130 18.59 9.52 -5.88
CA THR C 130 17.43 9.63 -4.98
C THR C 130 16.32 8.66 -5.38
N ALA C 131 15.63 8.10 -4.38
CA ALA C 131 14.51 7.23 -4.59
C ALA C 131 13.28 7.83 -3.93
N SER C 132 12.28 8.18 -4.74
CA SER C 132 11.03 8.72 -4.22
C SER C 132 10.01 7.64 -4.48
N VAL C 133 9.37 7.12 -3.42
CA VAL C 133 8.35 6.08 -3.51
C VAL C 133 7.04 6.78 -3.23
N VAL C 134 6.06 6.63 -4.12
CA VAL C 134 4.79 7.35 -3.97
C VAL C 134 3.61 6.42 -3.75
N CYS C 135 2.78 6.76 -2.78
N CYS C 135 2.76 6.74 -2.76
CA CYS C 135 1.55 6.06 -2.47
CA CYS C 135 1.53 5.98 -2.46
C CYS C 135 0.38 7.00 -2.75
C CYS C 135 0.33 6.91 -2.64
N LEU C 136 -0.59 6.54 -3.55
CA LEU C 136 -1.79 7.31 -3.89
C LEU C 136 -3.05 6.73 -3.25
N LEU C 137 -3.85 7.58 -2.60
CA LEU C 137 -5.15 7.26 -2.00
C LEU C 137 -6.12 8.07 -2.84
N ASN C 138 -6.90 7.39 -3.67
CA ASN C 138 -7.76 8.09 -4.60
C ASN C 138 -9.24 8.10 -4.26
N ASN C 139 -9.84 9.29 -4.37
CA ASN C 139 -11.28 9.57 -4.28
C ASN C 139 -11.95 8.96 -3.05
N PHE C 140 -11.60 9.49 -1.87
CA PHE C 140 -12.14 9.00 -0.62
C PHE C 140 -12.85 10.09 0.16
N TYR C 141 -13.67 9.67 1.14
CA TYR C 141 -14.39 10.57 2.03
C TYR C 141 -14.69 9.78 3.31
N PRO C 142 -14.50 10.34 4.54
CA PRO C 142 -14.02 11.69 4.88
C PRO C 142 -12.53 11.90 4.61
N ARG C 143 -12.06 13.14 4.82
N ARG C 143 -12.04 13.14 4.80
CA ARG C 143 -10.68 13.61 4.64
CA ARG C 143 -10.64 13.52 4.56
C ARG C 143 -9.65 12.80 5.45
C ARG C 143 -9.63 12.76 5.44
N GLU C 144 -10.02 12.40 6.68
CA GLU C 144 -9.18 11.66 7.64
C GLU C 144 -8.73 10.31 7.12
N ALA C 145 -7.40 10.12 7.03
CA ALA C 145 -6.79 8.89 6.54
C ALA C 145 -5.42 8.73 7.16
N LYS C 146 -5.00 7.48 7.38
CA LYS C 146 -3.70 7.17 7.97
C LYS C 146 -2.88 6.37 6.96
N VAL C 147 -1.66 6.82 6.71
CA VAL C 147 -0.75 6.16 5.77
C VAL C 147 0.53 5.78 6.51
N GLN C 148 0.85 4.49 6.52
CA GLN C 148 2.08 4.02 7.16
C GLN C 148 3.00 3.36 6.15
N TRP C 149 4.26 3.78 6.13
CA TRP C 149 5.28 3.18 5.26
C TRP C 149 6.02 2.08 6.02
N LYS C 150 6.13 0.91 5.39
CA LYS C 150 6.85 -0.25 5.92
C LYS C 150 7.88 -0.68 4.90
N VAL C 151 9.16 -0.65 5.30
CA VAL C 151 10.29 -1.04 4.46
C VAL C 151 10.88 -2.32 5.09
N ASP C 152 10.68 -3.47 4.43
CA ASP C 152 11.04 -4.82 4.91
C ASP C 152 10.37 -5.09 6.27
N ASN C 153 9.06 -4.78 6.34
CA ASN C 153 8.14 -4.88 7.49
C ASN C 153 8.49 -3.94 8.66
N ALA C 154 9.47 -3.03 8.48
CA ALA C 154 9.86 -2.08 9.52
C ALA C 154 9.17 -0.72 9.29
N LEU C 155 8.44 -0.24 10.31
CA LEU C 155 7.70 1.02 10.31
C LEU C 155 8.63 2.22 10.13
N GLN C 156 8.28 3.12 9.19
CA GLN C 156 9.07 4.30 8.88
C GLN C 156 8.60 5.55 9.61
N SER C 157 9.53 6.48 9.87
CA SER C 157 9.24 7.71 10.58
C SER C 157 10.17 8.85 10.15
N GLY C 158 9.57 10.01 9.88
CA GLY C 158 10.29 11.23 9.52
C GLY C 158 10.84 11.34 8.10
N ASN C 159 10.61 10.30 7.27
CA ASN C 159 11.11 10.26 5.88
C ASN C 159 9.99 10.28 4.81
N SER C 160 8.77 10.67 5.21
CA SER C 160 7.61 10.74 4.31
C SER C 160 6.85 12.04 4.44
N GLN C 161 6.21 12.47 3.34
CA GLN C 161 5.45 13.72 3.32
C GLN C 161 4.11 13.47 2.64
N GLU C 162 3.05 14.11 3.15
CA GLU C 162 1.68 13.98 2.61
C GLU C 162 1.19 15.25 1.96
N SER C 163 0.38 15.08 0.90
N SER C 163 0.32 15.09 0.95
CA SER C 163 -0.28 16.19 0.22
CA SER C 163 -0.33 16.19 0.24
C SER C 163 -1.70 15.72 -0.08
C SER C 163 -1.76 15.78 -0.12
N VAL C 164 -2.68 16.62 0.08
N VAL C 164 -2.73 16.62 0.19
CA VAL C 164 -4.10 16.31 -0.13
CA VAL C 164 -4.15 16.37 -0.09
C VAL C 164 -4.69 17.31 -1.12
C VAL C 164 -4.69 17.33 -1.13
N THR C 165 -5.57 16.85 -2.02
CA THR C 165 -6.24 17.72 -2.98
C THR C 165 -7.39 18.42 -2.23
N GLU C 166 -7.94 19.47 -2.82
CA GLU C 166 -9.11 20.16 -2.30
C GLU C 166 -10.32 19.29 -2.68
N GLN C 167 -11.42 19.40 -1.92
CA GLN C 167 -12.62 18.62 -2.19
C GLN C 167 -13.08 18.74 -3.64
N ASP C 168 -13.37 17.62 -4.31
CA ASP C 168 -13.81 17.62 -5.70
C ASP C 168 -15.19 18.28 -5.83
N SER C 169 -15.34 19.22 -6.78
CA SER C 169 -16.57 19.98 -7.00
C SER C 169 -17.76 19.11 -7.48
N LYS C 170 -17.48 17.91 -8.00
CA LYS C 170 -18.51 17.02 -8.52
C LYS C 170 -18.82 15.83 -7.60
N ASP C 171 -17.80 15.06 -7.17
CA ASP C 171 -18.05 13.88 -6.37
C ASP C 171 -17.76 14.08 -4.88
N SER C 172 -17.32 15.30 -4.48
CA SER C 172 -17.06 15.67 -3.06
C SER C 172 -16.01 14.80 -2.35
N THR C 173 -15.09 14.19 -3.12
CA THR C 173 -14.05 13.34 -2.52
C THR C 173 -12.70 14.10 -2.45
N TYR C 174 -11.75 13.48 -1.77
CA TYR C 174 -10.38 13.93 -1.62
C TYR C 174 -9.48 12.88 -2.19
N SER C 175 -8.27 13.27 -2.56
CA SER C 175 -7.22 12.33 -2.96
C SER C 175 -5.98 12.73 -2.18
N LEU C 176 -5.10 11.79 -1.92
CA LEU C 176 -3.91 12.02 -1.10
C LEU C 176 -2.71 11.32 -1.68
N SER C 177 -1.55 11.98 -1.60
N SER C 177 -1.53 11.97 -1.60
CA SER C 177 -0.29 11.38 -1.99
CA SER C 177 -0.26 11.43 -2.05
C SER C 177 0.59 11.33 -0.74
C SER C 177 0.73 11.41 -0.89
N SER C 178 1.33 10.25 -0.61
CA SER C 178 2.30 10.09 0.47
C SER C 178 3.60 9.74 -0.23
N THR C 179 4.65 10.54 -0.03
CA THR C 179 5.92 10.32 -0.70
C THR C 179 7.01 9.97 0.31
N LEU C 180 7.62 8.80 0.14
CA LEU C 180 8.73 8.32 0.96
C LEU C 180 10.03 8.65 0.19
N THR C 181 10.92 9.43 0.80
CA THR C 181 12.19 9.81 0.16
C THR C 181 13.38 9.16 0.86
N LEU C 182 14.17 8.41 0.09
CA LEU C 182 15.39 7.75 0.57
C LEU C 182 16.51 7.98 -0.43
N SER C 183 17.77 7.86 0.02
CA SER C 183 18.91 7.97 -0.89
C SER C 183 18.94 6.66 -1.68
N LYS C 184 19.64 6.63 -2.84
CA LYS C 184 19.77 5.44 -3.68
C LYS C 184 20.38 4.28 -2.85
N ALA C 185 21.41 4.60 -2.02
CA ALA C 185 22.11 3.66 -1.15
C ALA C 185 21.15 3.01 -0.14
N ASP C 186 20.36 3.82 0.60
CA ASP C 186 19.39 3.32 1.58
C ASP C 186 18.27 2.53 0.92
N TYR C 187 17.90 2.88 -0.33
CA TYR C 187 16.87 2.20 -1.10
C TYR C 187 17.29 0.79 -1.52
N GLU C 188 18.56 0.62 -1.95
CA GLU C 188 19.07 -0.67 -2.41
C GLU C 188 19.42 -1.63 -1.25
N LYS C 189 19.37 -1.15 0.00
CA LYS C 189 19.60 -1.92 1.22
C LYS C 189 18.42 -2.85 1.55
N HIS C 190 17.21 -2.51 1.09
CA HIS C 190 15.99 -3.27 1.38
C HIS C 190 15.23 -3.74 0.14
N LYS C 191 14.29 -4.70 0.29
CA LYS C 191 13.55 -5.29 -0.81
C LYS C 191 12.05 -4.93 -0.87
N VAL C 192 11.31 -5.13 0.25
CA VAL C 192 9.85 -4.92 0.28
C VAL C 192 9.49 -3.49 0.70
N TYR C 193 8.81 -2.77 -0.20
CA TYR C 193 8.35 -1.40 0.04
C TYR C 193 6.85 -1.42 0.05
N ALA C 194 6.26 -1.04 1.19
CA ALA C 194 4.81 -1.10 1.35
C ALA C 194 4.19 0.12 1.98
N CYS C 195 2.97 0.44 1.51
N CYS C 195 2.99 0.49 1.51
CA CYS C 195 2.13 1.54 1.97
CA CYS C 195 2.22 1.57 2.13
C CYS C 195 0.86 0.93 2.60
C CYS C 195 0.91 0.97 2.62
N GLU C 196 0.64 1.16 3.91
CA GLU C 196 -0.53 0.63 4.61
C GLU C 196 -1.49 1.77 4.89
N VAL C 197 -2.74 1.63 4.43
CA VAL C 197 -3.75 2.67 4.52
C VAL C 197 -4.88 2.30 5.48
N THR C 198 -5.22 3.21 6.37
CA THR C 198 -6.32 3.07 7.33
C THR C 198 -7.32 4.19 7.02
N HIS C 199 -8.60 3.83 6.86
CA HIS C 199 -9.67 4.77 6.56
C HIS C 199 -10.99 4.21 7.03
N GLN C 200 -11.95 5.10 7.37
CA GLN C 200 -13.30 4.77 7.81
C GLN C 200 -14.03 3.82 6.83
N GLY C 201 -13.78 3.98 5.54
CA GLY C 201 -14.39 3.15 4.50
C GLY C 201 -13.81 1.75 4.37
N LEU C 202 -12.70 1.46 5.05
CA LEU C 202 -12.03 0.16 4.98
C LEU C 202 -12.25 -0.63 6.26
N SER C 203 -12.81 -1.85 6.16
CA SER C 203 -13.07 -2.71 7.34
C SER C 203 -11.76 -3.18 8.00
N SER C 204 -10.66 -3.24 7.23
N SER C 204 -10.66 -3.20 7.23
CA SER C 204 -9.32 -3.62 7.66
CA SER C 204 -9.32 -3.60 7.68
C SER C 204 -8.31 -2.83 6.83
C SER C 204 -8.32 -2.81 6.83
N PRO C 205 -7.09 -2.49 7.34
CA PRO C 205 -6.13 -1.70 6.52
C PRO C 205 -5.72 -2.35 5.20
N VAL C 206 -5.57 -1.52 4.15
CA VAL C 206 -5.18 -1.99 2.82
C VAL C 206 -3.70 -1.74 2.62
N THR C 207 -2.97 -2.79 2.19
CA THR C 207 -1.53 -2.70 1.93
C THR C 207 -1.25 -2.90 0.45
N LYS C 208 -0.49 -1.97 -0.14
CA LYS C 208 -0.03 -2.06 -1.51
C LYS C 208 1.48 -2.09 -1.42
N SER C 209 2.11 -3.04 -2.11
CA SER C 209 3.55 -3.22 -2.03
C SER C 209 4.18 -3.65 -3.34
N PHE C 210 5.50 -3.54 -3.40
CA PHE C 210 6.30 -3.99 -4.53
C PHE C 210 7.64 -4.47 -3.99
N ASN C 211 8.29 -5.36 -4.73
CA ASN C 211 9.62 -5.84 -4.36
C ASN C 211 10.61 -5.19 -5.30
N ARG C 212 11.61 -4.48 -4.75
CA ARG C 212 12.69 -3.81 -5.49
C ARG C 212 13.48 -4.89 -6.27
N GLY C 213 13.51 -4.77 -7.59
CA GLY C 213 14.20 -5.72 -8.45
C GLY C 213 13.26 -6.45 -9.38
N GLU C 214 11.95 -6.45 -9.06
CA GLU C 214 10.89 -7.05 -9.85
C GLU C 214 10.25 -6.02 -10.79
N CYS C 215 10.65 -4.74 -10.65
CA CYS C 215 10.15 -3.60 -11.44
C CYS C 215 10.98 -3.34 -12.70
N ASP D 1 63.28 -52.00 -6.17
CA ASP D 1 62.55 -51.40 -7.28
C ASP D 1 63.20 -50.07 -7.67
N ILE D 2 63.09 -49.69 -8.96
CA ILE D 2 63.63 -48.39 -9.42
C ILE D 2 62.71 -47.27 -8.95
N VAL D 3 63.29 -46.26 -8.28
CA VAL D 3 62.52 -45.12 -7.80
C VAL D 3 62.62 -43.99 -8.83
N LEU D 4 61.48 -43.39 -9.17
CA LEU D 4 61.40 -42.24 -10.08
C LEU D 4 60.97 -41.05 -9.25
N THR D 5 61.81 -40.03 -9.22
CA THR D 5 61.57 -38.80 -8.46
C THR D 5 61.22 -37.68 -9.40
N GLN D 6 59.99 -37.20 -9.28
CA GLN D 6 59.46 -36.12 -10.11
C GLN D 6 59.53 -34.77 -9.44
N SER D 7 59.93 -33.76 -10.22
CA SER D 7 60.00 -32.38 -9.76
C SER D 7 59.54 -31.41 -10.85
N PRO D 8 58.91 -30.28 -10.47
CA PRO D 8 58.46 -29.93 -9.11
C PRO D 8 57.22 -30.79 -8.79
N ALA D 9 56.78 -30.87 -7.53
CA ALA D 9 55.57 -31.65 -7.21
C ALA D 9 54.33 -30.96 -7.79
N THR D 10 54.35 -29.61 -7.82
CA THR D 10 53.25 -28.79 -8.35
C THR D 10 53.83 -27.71 -9.23
N LEU D 11 53.12 -27.39 -10.31
CA LEU D 11 53.54 -26.37 -11.26
C LEU D 11 52.32 -25.50 -11.61
N SER D 12 52.37 -24.20 -11.31
CA SER D 12 51.26 -23.28 -11.59
C SER D 12 51.71 -22.33 -12.70
N LEU D 13 51.07 -22.41 -13.87
CA LEU D 13 51.48 -21.61 -15.02
C LEU D 13 50.30 -21.12 -15.81
N SER D 14 50.50 -20.01 -16.55
CA SER D 14 49.46 -19.46 -17.39
C SER D 14 49.44 -20.20 -18.74
N PRO D 15 48.29 -20.24 -19.45
CA PRO D 15 48.29 -20.81 -20.82
C PRO D 15 49.28 -20.00 -21.67
N GLY D 16 49.98 -20.69 -22.55
CA GLY D 16 50.99 -20.09 -23.42
C GLY D 16 52.40 -20.21 -22.88
N GLU D 17 52.53 -20.55 -21.58
CA GLU D 17 53.84 -20.72 -20.98
C GLU D 17 54.38 -22.12 -21.23
N ARG D 18 55.70 -22.24 -21.21
CA ARG D 18 56.38 -23.52 -21.39
C ARG D 18 56.41 -24.21 -20.04
N ALA D 19 56.10 -25.52 -20.01
CA ALA D 19 56.13 -26.35 -18.79
C ALA D 19 57.24 -27.38 -18.89
N THR D 20 58.18 -27.39 -17.92
CA THR D 20 59.29 -28.34 -17.89
C THR D 20 59.12 -29.24 -16.67
N LEU D 21 58.94 -30.54 -16.91
CA LEU D 21 58.70 -31.54 -15.86
C LEU D 21 59.86 -32.52 -15.83
N SER D 22 60.45 -32.71 -14.65
CA SER D 22 61.60 -33.59 -14.51
C SER D 22 61.28 -34.92 -13.87
N CYS D 23 62.00 -35.96 -14.29
CA CYS D 23 61.89 -37.31 -13.76
C CYS D 23 63.30 -37.83 -13.62
N ARG D 24 63.71 -38.09 -12.37
CA ARG D 24 65.05 -38.59 -12.06
C ARG D 24 64.96 -40.00 -11.51
N ALA D 25 65.64 -40.95 -12.18
CA ALA D 25 65.63 -42.37 -11.85
C ALA D 25 66.75 -42.73 -10.85
N SER D 26 66.48 -43.67 -9.91
CA SER D 26 67.45 -44.09 -8.88
C SER D 26 68.55 -45.03 -9.43
N GLN D 27 68.26 -45.70 -10.56
CA GLN D 27 69.18 -46.56 -11.33
C GLN D 27 68.99 -46.19 -12.82
N SER D 28 70.01 -46.42 -13.67
CA SER D 28 69.92 -46.13 -15.11
C SER D 28 68.72 -46.84 -15.73
N VAL D 29 67.98 -46.12 -16.59
CA VAL D 29 66.77 -46.61 -17.26
C VAL D 29 66.99 -46.58 -18.77
N ARG D 30 66.79 -47.74 -19.43
CA ARG D 30 66.87 -47.84 -20.89
C ARG D 30 65.79 -46.91 -21.47
N SER D 31 66.17 -46.00 -22.40
CA SER D 31 65.28 -44.99 -23.00
C SER D 31 63.99 -45.55 -23.58
N ASN D 32 64.03 -46.72 -24.24
CA ASN D 32 62.83 -47.35 -24.79
C ASN D 32 61.79 -47.71 -23.72
N TYR D 33 62.23 -47.84 -22.46
CA TYR D 33 61.35 -48.24 -21.37
C TYR D 33 61.00 -47.12 -20.37
N LEU D 34 61.00 -45.86 -20.82
CA LEU D 34 60.60 -44.72 -20.00
C LEU D 34 59.40 -44.09 -20.69
N ALA D 35 58.26 -43.99 -19.97
CA ALA D 35 57.04 -43.42 -20.53
C ALA D 35 56.47 -42.31 -19.66
N TRP D 36 55.65 -41.43 -20.25
CA TRP D 36 54.98 -40.36 -19.53
C TRP D 36 53.48 -40.52 -19.71
N TYR D 37 52.72 -40.24 -18.64
CA TYR D 37 51.26 -40.34 -18.63
C TYR D 37 50.66 -39.04 -18.16
N GLN D 38 49.43 -38.76 -18.62
CA GLN D 38 48.66 -37.59 -18.23
C GLN D 38 47.37 -38.09 -17.61
N GLN D 39 47.06 -37.67 -16.39
CA GLN D 39 45.83 -38.09 -15.71
C GLN D 39 44.95 -36.92 -15.32
N LYS D 40 43.74 -36.91 -15.89
CA LYS D 40 42.73 -35.89 -15.63
C LYS D 40 41.74 -36.41 -14.60
N PRO D 41 41.07 -35.53 -13.80
CA PRO D 41 40.18 -36.03 -12.75
C PRO D 41 39.11 -37.02 -13.20
N GLY D 42 38.98 -38.09 -12.43
CA GLY D 42 38.00 -39.15 -12.68
C GLY D 42 38.33 -40.06 -13.85
N GLN D 43 39.54 -39.93 -14.42
CA GLN D 43 39.96 -40.76 -15.56
C GLN D 43 41.19 -41.58 -15.23
N ALA D 44 41.42 -42.63 -16.02
CA ALA D 44 42.64 -43.42 -15.92
C ALA D 44 43.78 -42.57 -16.54
N PRO D 45 45.05 -42.84 -16.18
CA PRO D 45 46.17 -42.16 -16.84
C PRO D 45 46.16 -42.46 -18.34
N ARG D 46 46.50 -41.46 -19.15
CA ARG D 46 46.56 -41.54 -20.61
C ARG D 46 48.03 -41.58 -21.02
N LEU D 47 48.41 -42.57 -21.85
CA LEU D 47 49.78 -42.62 -22.38
C LEU D 47 50.04 -41.38 -23.25
N LEU D 48 51.11 -40.66 -22.92
CA LEU D 48 51.45 -39.40 -23.56
C LEU D 48 52.72 -39.51 -24.40
N ILE D 49 53.76 -40.09 -23.80
CA ILE D 49 55.08 -40.27 -24.43
C ILE D 49 55.54 -41.67 -24.11
N TYR D 50 56.12 -42.40 -25.08
CA TYR D 50 56.68 -43.72 -24.82
C TYR D 50 58.10 -43.72 -25.37
N GLY D 51 58.94 -44.62 -24.85
CA GLY D 51 60.32 -44.72 -25.31
C GLY D 51 61.07 -43.41 -25.18
N ALA D 52 60.79 -42.69 -24.07
CA ALA D 52 61.36 -41.39 -23.66
C ALA D 52 61.00 -40.21 -24.55
N SER D 53 60.90 -40.41 -25.89
CA SER D 53 60.71 -39.28 -26.81
C SER D 53 59.66 -39.47 -27.92
N ASN D 54 58.88 -40.55 -27.88
CA ASN D 54 57.88 -40.77 -28.92
C ASN D 54 56.49 -40.34 -28.45
N ARG D 55 55.84 -39.41 -29.18
CA ARG D 55 54.47 -38.96 -28.88
C ARG D 55 53.56 -40.14 -29.15
N ALA D 56 52.69 -40.45 -28.18
CA ALA D 56 51.73 -41.53 -28.35
C ALA D 56 50.62 -41.09 -29.32
N THR D 57 49.79 -42.04 -29.76
CA THR D 57 48.68 -41.83 -30.70
C THR D 57 47.72 -40.75 -30.20
N GLY D 58 47.42 -39.78 -31.07
CA GLY D 58 46.50 -38.68 -30.79
C GLY D 58 47.03 -37.60 -29.87
N VAL D 59 48.31 -37.69 -29.48
CA VAL D 59 48.89 -36.71 -28.55
C VAL D 59 49.32 -35.46 -29.33
N PRO D 60 48.87 -34.26 -28.90
CA PRO D 60 49.28 -33.01 -29.58
C PRO D 60 50.79 -32.76 -29.59
N ALA D 61 51.25 -32.03 -30.63
CA ALA D 61 52.65 -31.69 -30.88
C ALA D 61 53.33 -30.89 -29.75
N ARG D 62 52.56 -30.14 -28.94
CA ARG D 62 53.11 -29.37 -27.82
C ARG D 62 53.78 -30.27 -26.74
N PHE D 63 53.44 -31.57 -26.74
CA PHE D 63 54.05 -32.51 -25.78
C PHE D 63 55.28 -33.16 -26.39
N SER D 64 56.40 -33.14 -25.66
CA SER D 64 57.64 -33.79 -26.11
C SER D 64 58.44 -34.30 -24.94
N GLY D 65 59.07 -35.45 -25.15
CA GLY D 65 59.92 -36.08 -24.15
C GLY D 65 61.37 -36.08 -24.58
N SER D 66 62.29 -36.00 -23.59
CA SER D 66 63.73 -36.03 -23.84
C SER D 66 64.47 -36.61 -22.63
N GLY D 67 65.77 -36.82 -22.79
CA GLY D 67 66.64 -37.34 -21.75
C GLY D 67 67.07 -38.77 -21.96
N SER D 68 67.91 -39.27 -21.06
CA SER D 68 68.47 -40.63 -21.07
C SER D 68 69.10 -40.92 -19.72
N GLY D 69 69.44 -42.18 -19.49
CA GLY D 69 70.11 -42.66 -18.29
C GLY D 69 69.24 -42.56 -17.06
N THR D 70 69.48 -41.54 -16.23
CA THR D 70 68.71 -41.30 -15.00
C THR D 70 67.92 -39.98 -15.05
N ASP D 71 68.08 -39.17 -16.10
CA ASP D 71 67.43 -37.84 -16.20
C ASP D 71 66.54 -37.69 -17.42
N PHE D 72 65.22 -37.62 -17.19
CA PHE D 72 64.21 -37.47 -18.25
C PHE D 72 63.36 -36.23 -18.06
N THR D 73 62.89 -35.67 -19.17
CA THR D 73 62.12 -34.44 -19.15
C THR D 73 60.90 -34.50 -20.06
N LEU D 74 59.77 -34.01 -19.55
CA LEU D 74 58.56 -33.85 -20.34
C LEU D 74 58.40 -32.33 -20.50
N THR D 75 58.29 -31.88 -21.75
CA THR D 75 58.11 -30.46 -22.03
C THR D 75 56.74 -30.24 -22.68
N ILE D 76 56.02 -29.20 -22.22
CA ILE D 76 54.77 -28.74 -22.82
C ILE D 76 55.17 -27.36 -23.36
N SER D 77 55.41 -27.27 -24.68
CA SER D 77 55.93 -26.05 -25.33
C SER D 77 55.11 -24.80 -25.05
N SER D 78 53.79 -24.92 -25.10
CA SER D 78 52.87 -23.82 -24.87
C SER D 78 51.61 -24.41 -24.24
N LEU D 79 51.48 -24.25 -22.93
CA LEU D 79 50.40 -24.76 -22.12
C LEU D 79 49.01 -24.30 -22.55
N GLU D 80 48.07 -25.25 -22.59
CA GLU D 80 46.67 -25.00 -22.90
C GLU D 80 45.82 -25.22 -21.63
N PRO D 81 44.65 -24.54 -21.48
CA PRO D 81 43.84 -24.75 -20.25
C PRO D 81 43.46 -26.22 -20.01
N GLU D 82 43.24 -26.99 -21.09
CA GLU D 82 42.87 -28.43 -20.97
C GLU D 82 44.03 -29.29 -20.49
N ASP D 83 45.24 -28.70 -20.36
CA ASP D 83 46.43 -29.43 -19.90
C ASP D 83 46.48 -29.59 -18.38
N PHE D 84 45.47 -29.05 -17.68
CA PHE D 84 45.33 -29.20 -16.23
C PHE D 84 45.22 -30.72 -16.01
N ALA D 85 46.20 -31.30 -15.28
CA ALA D 85 46.29 -32.75 -15.05
C ALA D 85 47.48 -33.02 -14.15
N VAL D 86 47.64 -34.31 -13.76
CA VAL D 86 48.81 -34.79 -13.04
C VAL D 86 49.57 -35.59 -14.09
N TYR D 87 50.87 -35.36 -14.20
CA TYR D 87 51.73 -36.02 -15.17
C TYR D 87 52.67 -36.94 -14.43
N TYR D 88 52.75 -38.22 -14.87
CA TYR D 88 53.55 -39.24 -14.22
C TYR D 88 54.58 -39.82 -15.16
N CYS D 89 55.81 -40.09 -14.67
CA CYS D 89 56.76 -40.83 -15.50
C CYS D 89 56.69 -42.28 -15.02
N GLN D 90 57.12 -43.22 -15.87
CA GLN D 90 57.01 -44.64 -15.58
C GLN D 90 58.18 -45.36 -16.23
N GLN D 91 58.75 -46.35 -15.54
CA GLN D 91 59.83 -47.16 -16.10
C GLN D 91 59.50 -48.64 -16.06
N ILE D 92 60.05 -49.36 -16.99
CA ILE D 92 59.98 -50.82 -17.11
C ILE D 92 61.33 -51.31 -17.70
N SER D 93 62.40 -50.59 -17.39
CA SER D 93 63.75 -50.95 -17.79
C SER D 93 64.15 -52.17 -16.95
N ASN D 94 63.74 -52.19 -15.68
CA ASN D 94 63.94 -53.29 -14.76
C ASN D 94 62.62 -53.58 -14.06
N SER D 95 62.19 -54.84 -14.04
CA SER D 95 60.95 -55.25 -13.36
C SER D 95 61.07 -55.08 -11.82
N PRO D 96 60.00 -54.69 -11.08
CA PRO D 96 58.65 -54.36 -11.54
C PRO D 96 58.52 -52.98 -12.19
N PRO D 97 57.51 -52.78 -13.07
CA PRO D 97 57.26 -51.41 -13.57
C PRO D 97 56.98 -50.50 -12.38
N THR D 98 57.53 -49.28 -12.40
CA THR D 98 57.30 -48.32 -11.32
C THR D 98 56.92 -46.97 -11.91
N PHE D 99 56.25 -46.14 -11.11
CA PHE D 99 55.80 -44.81 -11.50
C PHE D 99 56.37 -43.77 -10.56
N GLY D 100 56.53 -42.55 -11.07
CA GLY D 100 56.87 -41.39 -10.26
C GLY D 100 55.64 -40.97 -9.46
N GLN D 101 55.80 -40.01 -8.53
CA GLN D 101 54.69 -39.55 -7.70
C GLN D 101 53.86 -38.45 -8.34
N GLY D 102 54.27 -38.01 -9.53
CA GLY D 102 53.54 -37.05 -10.33
C GLY D 102 53.88 -35.59 -10.12
N THR D 103 53.58 -34.78 -11.13
CA THR D 103 53.67 -33.32 -11.09
C THR D 103 52.27 -32.83 -11.42
N LYS D 104 51.65 -32.08 -10.50
CA LYS D 104 50.31 -31.55 -10.73
C LYS D 104 50.46 -30.20 -11.41
N VAL D 105 49.91 -30.07 -12.62
CA VAL D 105 49.96 -28.83 -13.38
C VAL D 105 48.65 -28.07 -13.15
N GLU D 106 48.75 -26.87 -12.56
CA GLU D 106 47.63 -25.98 -12.27
C GLU D 106 47.67 -24.81 -13.27
N ILE D 107 46.50 -24.33 -13.66
CA ILE D 107 46.38 -23.26 -14.66
C ILE D 107 46.10 -21.90 -14.02
N LYS D 108 46.96 -20.93 -14.31
CA LYS D 108 46.77 -19.57 -13.84
C LYS D 108 45.81 -18.84 -14.81
N ARG D 109 44.94 -18.01 -14.26
CA ARG D 109 43.98 -17.21 -15.03
C ARG D 109 43.66 -15.90 -14.30
N THR D 110 42.90 -15.00 -14.94
CA THR D 110 42.50 -13.74 -14.30
C THR D 110 41.53 -14.02 -13.15
N VAL D 111 41.47 -13.11 -12.19
CA VAL D 111 40.57 -13.22 -11.04
C VAL D 111 39.10 -13.24 -11.54
N ALA D 112 38.31 -14.18 -11.01
CA ALA D 112 36.89 -14.34 -11.32
C ALA D 112 36.13 -14.44 -10.01
N ALA D 113 35.20 -13.52 -9.77
CA ALA D 113 34.39 -13.51 -8.55
C ALA D 113 33.37 -14.66 -8.62
N PRO D 114 33.04 -15.32 -7.50
CA PRO D 114 32.02 -16.38 -7.56
C PRO D 114 30.62 -15.82 -7.70
N SER D 115 29.72 -16.58 -8.36
CA SER D 115 28.29 -16.27 -8.40
C SER D 115 27.78 -17.09 -7.23
N VAL D 116 27.09 -16.44 -6.27
CA VAL D 116 26.65 -17.08 -5.03
C VAL D 116 25.15 -17.39 -5.05
N PHE D 117 24.79 -18.60 -4.58
CA PHE D 117 23.42 -19.08 -4.51
C PHE D 117 23.22 -19.81 -3.19
N ILE D 118 22.04 -19.63 -2.57
CA ILE D 118 21.68 -20.29 -1.32
C ILE D 118 20.44 -21.16 -1.57
N PHE D 119 20.44 -22.38 -1.01
CA PHE D 119 19.34 -23.33 -1.14
C PHE D 119 18.80 -23.72 0.22
N PRO D 120 17.50 -23.49 0.48
CA PRO D 120 16.93 -23.95 1.76
C PRO D 120 16.79 -25.49 1.77
N PRO D 121 16.64 -26.15 2.94
CA PRO D 121 16.38 -27.60 2.90
C PRO D 121 15.01 -27.84 2.30
N SER D 122 14.85 -28.95 1.57
CA SER D 122 13.58 -29.30 0.95
C SER D 122 12.61 -29.75 2.03
N ASP D 123 11.30 -29.66 1.74
CA ASP D 123 10.24 -30.10 2.64
C ASP D 123 10.41 -31.61 2.88
N GLU D 124 10.75 -32.37 1.80
CA GLU D 124 11.01 -33.82 1.78
C GLU D 124 12.05 -34.21 2.84
N GLN D 125 13.19 -33.47 2.91
CA GLN D 125 14.22 -33.74 3.90
C GLN D 125 13.76 -33.34 5.29
N LEU D 126 13.12 -32.18 5.42
CA LEU D 126 12.63 -31.67 6.71
C LEU D 126 11.79 -32.68 7.47
N LYS D 127 10.95 -33.45 6.72
CA LYS D 127 10.09 -34.55 7.18
C LYS D 127 10.90 -35.63 7.89
N SER D 128 12.12 -35.89 7.40
CA SER D 128 13.03 -36.92 7.93
C SER D 128 13.76 -36.53 9.23
N GLY D 129 13.66 -35.26 9.64
CA GLY D 129 14.28 -34.76 10.86
C GLY D 129 15.60 -34.03 10.74
N THR D 130 16.09 -33.82 9.50
CA THR D 130 17.35 -33.11 9.25
C THR D 130 17.16 -31.97 8.26
N ALA D 131 17.89 -30.88 8.47
CA ALA D 131 17.87 -29.72 7.59
C ALA D 131 19.29 -29.48 7.08
N SER D 132 19.47 -29.60 5.77
CA SER D 132 20.76 -29.34 5.14
C SER D 132 20.57 -28.07 4.34
N VAL D 133 21.34 -27.02 4.65
CA VAL D 133 21.27 -25.74 3.95
C VAL D 133 22.54 -25.67 3.09
N VAL D 134 22.39 -25.40 1.80
CA VAL D 134 23.53 -25.43 0.88
C VAL D 134 23.83 -24.06 0.28
N CYS D 135 25.10 -23.68 0.30
N CYS D 135 25.11 -23.64 0.29
CA CYS D 135 25.58 -22.45 -0.31
CA CYS D 135 25.56 -22.38 -0.31
C CYS D 135 26.52 -22.84 -1.47
C CYS D 135 26.57 -22.70 -1.42
N LEU D 136 26.27 -22.28 -2.65
CA LEU D 136 27.08 -22.53 -3.85
C LEU D 136 27.87 -21.28 -4.27
N LEU D 137 29.17 -21.47 -4.52
CA LEU D 137 30.09 -20.44 -5.03
C LEU D 137 30.47 -20.98 -6.41
N ASN D 138 29.97 -20.35 -7.46
CA ASN D 138 30.17 -20.86 -8.81
C ASN D 138 31.19 -20.13 -9.66
N ASN D 139 32.08 -20.91 -10.29
CA ASN D 139 33.05 -20.50 -11.30
C ASN D 139 33.91 -19.30 -10.89
N PHE D 140 34.78 -19.52 -9.90
CA PHE D 140 35.65 -18.47 -9.37
C PHE D 140 37.13 -18.83 -9.49
N TYR D 141 37.99 -17.82 -9.37
CA TYR D 141 39.44 -17.97 -9.37
C TYR D 141 40.03 -16.76 -8.64
N PRO D 142 41.03 -16.91 -7.74
CA PRO D 142 41.71 -18.15 -7.30
C PRO D 142 40.85 -19.05 -6.41
N ARG D 143 41.38 -20.22 -6.02
CA ARG D 143 40.72 -21.23 -5.18
C ARG D 143 40.31 -20.69 -3.80
N GLU D 144 41.16 -19.85 -3.22
CA GLU D 144 40.96 -19.27 -1.88
C GLU D 144 39.66 -18.51 -1.77
N ALA D 145 38.81 -18.95 -0.84
CA ALA D 145 37.50 -18.37 -0.59
C ALA D 145 37.11 -18.64 0.85
N LYS D 146 36.37 -17.70 1.45
CA LYS D 146 35.91 -17.82 2.83
C LYS D 146 34.38 -17.83 2.83
N VAL D 147 33.79 -18.82 3.51
CA VAL D 147 32.35 -18.95 3.59
C VAL D 147 31.95 -18.95 5.06
N GLN D 148 31.11 -18.00 5.46
CA GLN D 148 30.64 -17.91 6.84
C GLN D 148 29.12 -18.07 6.90
N TRP D 149 28.65 -18.97 7.76
CA TRP D 149 27.22 -19.18 7.97
C TRP D 149 26.75 -18.33 9.15
N LYS D 150 25.65 -17.59 8.93
CA LYS D 150 25.01 -16.75 9.95
C LYS D 150 23.55 -17.15 10.05
N VAL D 151 23.14 -17.60 11.24
CA VAL D 151 21.77 -18.02 11.53
C VAL D 151 21.22 -16.99 12.54
N ASP D 152 20.28 -16.13 12.07
CA ASP D 152 19.69 -15.00 12.81
C ASP D 152 20.81 -14.05 13.28
N ASN D 153 21.73 -13.73 12.33
CA ASN D 153 22.93 -12.89 12.45
C ASN D 153 24.01 -13.46 13.41
N ALA D 154 23.83 -14.70 13.90
CA ALA D 154 24.81 -15.35 14.78
C ALA D 154 25.74 -16.28 13.97
N LEU D 155 27.05 -16.05 14.09
CA LEU D 155 28.12 -16.80 13.40
C LEU D 155 28.13 -18.27 13.82
N GLN D 156 28.16 -19.18 12.81
CA GLN D 156 28.16 -20.63 13.03
C GLN D 156 29.57 -21.20 13.06
N SER D 157 29.75 -22.31 13.80
CA SER D 157 31.03 -23.00 13.95
C SER D 157 30.86 -24.49 14.18
N GLY D 158 31.61 -25.28 13.41
CA GLY D 158 31.64 -26.74 13.50
C GLY D 158 30.46 -27.52 12.96
N ASN D 159 29.47 -26.83 12.35
CA ASN D 159 28.26 -27.44 11.80
C ASN D 159 28.15 -27.33 10.27
N SER D 160 29.28 -27.02 9.59
CA SER D 160 29.33 -26.87 8.14
C SER D 160 30.49 -27.61 7.50
N GLN D 161 30.33 -28.05 6.24
CA GLN D 161 31.36 -28.79 5.52
C GLN D 161 31.48 -28.22 4.11
N GLU D 162 32.73 -28.13 3.61
CA GLU D 162 33.05 -27.60 2.28
C GLU D 162 33.52 -28.66 1.31
N SER D 163 33.22 -28.46 0.02
CA SER D 163 33.66 -29.36 -1.03
C SER D 163 33.97 -28.52 -2.26
N VAL D 164 35.10 -28.80 -2.93
CA VAL D 164 35.55 -28.03 -4.08
C VAL D 164 35.70 -28.90 -5.28
N THR D 165 35.33 -28.38 -6.47
CA THR D 165 35.54 -29.12 -7.71
C THR D 165 37.01 -28.96 -8.12
N GLU D 166 37.45 -29.80 -9.04
CA GLU D 166 38.78 -29.70 -9.61
C GLU D 166 38.73 -28.57 -10.65
N GLN D 167 39.87 -27.96 -10.94
CA GLN D 167 39.92 -26.85 -11.91
C GLN D 167 39.26 -27.22 -13.24
N ASP D 168 38.39 -26.35 -13.76
CA ASP D 168 37.68 -26.60 -15.03
C ASP D 168 38.66 -26.62 -16.20
N SER D 169 38.55 -27.66 -17.06
CA SER D 169 39.46 -27.85 -18.20
C SER D 169 39.35 -26.74 -19.27
N LYS D 170 38.24 -26.00 -19.27
CA LYS D 170 38.00 -24.95 -20.27
C LYS D 170 38.21 -23.53 -19.74
N ASP D 171 37.56 -23.17 -18.62
CA ASP D 171 37.65 -21.81 -18.10
C ASP D 171 38.60 -21.66 -16.90
N SER D 172 39.24 -22.78 -16.46
CA SER D 172 40.21 -22.82 -15.35
C SER D 172 39.67 -22.32 -13.99
N THR D 173 38.33 -22.34 -13.80
CA THR D 173 37.73 -21.90 -12.54
C THR D 173 37.44 -23.08 -11.60
N TYR D 174 37.04 -22.76 -10.37
CA TYR D 174 36.64 -23.70 -9.34
C TYR D 174 35.21 -23.38 -8.96
N SER D 175 34.53 -24.36 -8.38
CA SER D 175 33.21 -24.17 -7.79
C SER D 175 33.27 -24.78 -6.41
N LEU D 176 32.49 -24.26 -5.47
CA LEU D 176 32.52 -24.71 -4.09
C LEU D 176 31.12 -24.83 -3.53
N SER D 177 30.90 -25.84 -2.71
CA SER D 177 29.64 -26.05 -2.00
C SER D 177 29.96 -26.00 -0.50
N SER D 178 29.12 -25.32 0.29
CA SER D 178 29.24 -25.27 1.74
C SER D 178 27.90 -25.76 2.26
N THR D 179 27.90 -26.82 3.06
CA THR D 179 26.65 -27.38 3.57
C THR D 179 26.57 -27.23 5.09
N LEU D 180 25.51 -26.56 5.55
CA LEU D 180 25.22 -26.36 6.98
C LEU D 180 24.19 -27.44 7.37
N THR D 181 24.53 -28.29 8.35
CA THR D 181 23.63 -29.35 8.81
C THR D 181 23.13 -29.09 10.23
N LEU D 182 21.80 -29.04 10.38
CA LEU D 182 21.11 -28.83 11.66
C LEU D 182 19.98 -29.83 11.77
N SER D 183 19.55 -30.11 13.01
CA SER D 183 18.39 -30.98 13.25
C SER D 183 17.15 -30.15 12.85
N LYS D 184 16.00 -30.82 12.60
CA LYS D 184 14.74 -30.16 12.26
C LYS D 184 14.35 -29.17 13.38
N ALA D 185 14.53 -29.60 14.65
CA ALA D 185 14.24 -28.82 15.86
C ALA D 185 15.07 -27.53 15.91
N ASP D 186 16.41 -27.62 15.74
CA ASP D 186 17.29 -26.45 15.75
C ASP D 186 17.03 -25.53 14.56
N TYR D 187 16.59 -26.10 13.42
CA TYR D 187 16.28 -25.34 12.21
C TYR D 187 15.02 -24.47 12.39
N GLU D 188 13.98 -25.01 13.04
CA GLU D 188 12.71 -24.30 13.26
C GLU D 188 12.78 -23.26 14.39
N LYS D 189 13.90 -23.23 15.14
CA LYS D 189 14.16 -22.28 16.22
C LYS D 189 14.51 -20.89 15.68
N HIS D 190 15.05 -20.81 14.44
CA HIS D 190 15.50 -19.54 13.85
C HIS D 190 14.84 -19.23 12.50
N LYS D 191 14.95 -17.97 12.02
CA LYS D 191 14.30 -17.51 10.80
C LYS D 191 15.26 -17.19 9.63
N VAL D 192 16.28 -16.35 9.87
CA VAL D 192 17.21 -15.89 8.82
C VAL D 192 18.42 -16.81 8.69
N TYR D 193 18.58 -17.41 7.50
CA TYR D 193 19.70 -18.30 7.18
C TYR D 193 20.50 -17.63 6.10
N ALA D 194 21.77 -17.34 6.39
CA ALA D 194 22.63 -16.62 5.46
C ALA D 194 24.03 -17.17 5.30
N CYS D 195 24.54 -17.06 4.06
N CYS D 195 24.55 -17.11 4.07
CA CYS D 195 25.87 -17.48 3.64
CA CYS D 195 25.93 -17.49 3.82
C CYS D 195 26.65 -16.22 3.22
C CYS D 195 26.66 -16.27 3.26
N GLU D 196 27.75 -15.90 3.92
CA GLU D 196 28.58 -14.73 3.60
C GLU D 196 29.86 -15.20 2.96
N VAL D 197 30.12 -14.72 1.74
CA VAL D 197 31.26 -15.11 0.91
C VAL D 197 32.32 -14.02 0.77
N THR D 198 33.58 -14.34 1.11
CA THR D 198 34.73 -13.45 0.97
C THR D 198 35.62 -14.04 -0.11
N HIS D 199 35.96 -13.23 -1.13
CA HIS D 199 36.81 -13.65 -2.24
CA HIS D 199 36.82 -13.66 -2.24
C HIS D 199 37.53 -12.45 -2.84
N GLN D 200 38.74 -12.67 -3.41
CA GLN D 200 39.57 -11.66 -4.05
C GLN D 200 38.82 -10.86 -5.14
N GLY D 201 37.92 -11.52 -5.86
CA GLY D 201 37.12 -10.90 -6.92
C GLY D 201 35.97 -10.05 -6.44
N LEU D 202 35.67 -10.07 -5.12
CA LEU D 202 34.58 -9.29 -4.53
C LEU D 202 35.11 -8.11 -3.75
N SER D 203 34.65 -6.88 -4.11
CA SER D 203 35.01 -5.60 -3.46
C SER D 203 34.66 -5.58 -1.97
N SER D 204 33.55 -6.24 -1.62
CA SER D 204 33.02 -6.39 -0.25
C SER D 204 32.33 -7.77 -0.17
N PRO D 205 32.29 -8.44 1.02
CA PRO D 205 31.64 -9.76 1.09
C PRO D 205 30.20 -9.79 0.58
N VAL D 206 29.83 -10.88 -0.11
CA VAL D 206 28.50 -11.07 -0.68
C VAL D 206 27.70 -11.99 0.24
N THR D 207 26.49 -11.55 0.62
CA THR D 207 25.58 -12.32 1.47
C THR D 207 24.34 -12.74 0.69
N LYS D 208 24.04 -14.04 0.73
CA LYS D 208 22.83 -14.61 0.14
C LYS D 208 22.07 -15.21 1.30
N SER D 209 20.78 -14.89 1.39
CA SER D 209 19.96 -15.35 2.51
C SER D 209 18.52 -15.68 2.11
N PHE D 210 17.82 -16.37 3.01
CA PHE D 210 16.41 -16.70 2.88
C PHE D 210 15.80 -16.70 4.27
N ASN D 211 14.49 -16.48 4.34
CA ASN D 211 13.76 -16.52 5.60
C ASN D 211 12.95 -17.81 5.61
N ARG D 212 13.15 -18.67 6.64
CA ARG D 212 12.38 -19.92 6.71
C ARG D 212 10.92 -19.61 7.03
N GLY D 213 10.06 -20.10 6.16
CA GLY D 213 8.62 -19.84 6.21
C GLY D 213 8.14 -19.16 4.94
N GLU D 214 9.07 -18.52 4.21
CA GLU D 214 8.81 -17.85 2.94
C GLU D 214 9.08 -18.78 1.75
N CYS D 215 9.62 -19.99 2.03
CA CYS D 215 9.97 -21.00 1.02
C CYS D 215 8.83 -21.99 0.76
C1 NAG E . -21.23 5.06 -5.56
C2 NAG E . -21.34 4.37 -4.20
C3 NAG E . -22.81 4.18 -3.82
C4 NAG E . -23.56 5.51 -3.90
C5 NAG E . -23.38 6.13 -5.28
C6 NAG E . -24.01 7.49 -5.41
C7 NAG E . -19.42 2.88 -3.70
C8 NAG E . -18.93 1.47 -3.72
N2 NAG E . -20.65 3.09 -4.21
O3 NAG E . -22.84 3.66 -2.49
O4 NAG E . -24.95 5.37 -3.61
O5 NAG E . -21.98 6.29 -5.57
O6 NAG E . -23.66 8.34 -4.31
O7 NAG E . -18.75 3.80 -3.22
C1 NAG E . -25.37 5.53 -2.26
C2 NAG E . -26.83 6.01 -2.24
C3 NAG E . -27.30 6.11 -0.79
C4 NAG E . -27.08 4.78 -0.05
C5 NAG E . -25.64 4.31 -0.22
C6 NAG E . -25.40 2.91 0.32
C7 NAG E . -27.87 7.46 -3.92
C8 NAG E . -27.99 8.87 -4.45
N2 NAG E . -26.99 7.28 -2.93
O3 NAG E . -28.69 6.44 -0.78
O4 NAG E . -27.32 4.92 1.34
O5 NAG E . -25.31 4.27 -1.62
O6 NAG E . -24.02 2.59 0.25
O7 NAG E . -28.56 6.55 -4.37
C1 BMA E . -28.63 4.75 1.81
C2 BMA E . -28.58 4.14 3.21
C3 BMA E . -29.99 4.08 3.78
C4 BMA E . -30.69 5.43 3.72
C5 BMA E . -30.63 5.99 2.31
C6 BMA E . -31.14 7.40 2.21
O2 BMA E . -27.72 4.90 4.06
O3 BMA E . -29.99 3.59 5.11
O4 BMA E . -32.06 5.29 4.09
O5 BMA E . -29.26 6.03 1.86
O6 BMA E . -31.14 7.82 0.87
C1 MAN E . -31.83 9.02 0.66
C2 MAN E . -32.07 9.19 -0.84
C3 MAN E . -30.74 9.48 -1.54
C4 MAN E . -30.03 10.67 -0.92
C5 MAN E . -29.88 10.49 0.59
C6 MAN E . -29.38 11.73 1.30
O2 MAN E . -32.95 10.30 -1.04
O3 MAN E . -30.99 9.73 -2.91
O4 MAN E . -28.73 10.82 -1.49
O5 MAN E . -31.16 10.17 1.19
O6 MAN E . -29.23 11.50 2.70
C1 NAG E . -34.34 10.05 -0.92
C2 NAG E . -35.03 11.36 -0.54
C3 NAG E . -36.54 11.17 -0.54
C4 NAG E . -37.04 10.55 -1.84
C5 NAG E . -36.26 9.26 -2.11
C6 NAG E . -36.60 8.62 -3.44
C7 NAG E . -33.61 12.75 0.93
C8 NAG E . -33.18 12.97 2.35
N2 NAG E . -34.57 11.82 0.75
O3 NAG E . -37.18 12.44 -0.34
O4 NAG E . -38.43 10.25 -1.73
O5 NAG E . -34.86 9.53 -2.15
O6 NAG E . -36.22 9.43 -4.53
O7 NAG E . -33.11 13.35 0.00
C1 MAN E . -30.81 2.48 5.40
C2 MAN E . -31.25 2.57 6.86
C3 MAN E . -30.07 2.31 7.79
C4 MAN E . -29.32 1.03 7.42
C5 MAN E . -28.95 1.05 5.95
C6 MAN E . -28.30 -0.22 5.46
O2 MAN E . -32.33 1.69 7.12
O3 MAN E . -30.51 2.28 9.14
O4 MAN E . -28.14 0.90 8.20
O5 MAN E . -30.13 1.25 5.15
O6 MAN E . -27.70 -0.03 4.17
C1 FUC E . -24.14 9.66 -4.41
C2 FUC E . -24.29 10.23 -2.98
C3 FUC E . -22.91 10.49 -2.36
C4 FUC E . -22.05 11.36 -3.27
C5 FUC E . -21.93 10.71 -4.65
C6 FUC E . -21.17 11.53 -5.66
O2 FUC E . -25.04 9.34 -2.17
O3 FUC E . -23.05 11.09 -1.08
O4 FUC E . -22.62 12.66 -3.36
O5 FUC E . -23.25 10.46 -5.19
C1 NAG F . -29.87 -10.59 14.86
C2 NAG F . -29.55 -9.71 13.65
C3 NAG F . -28.53 -8.63 14.05
C4 NAG F . -29.03 -7.86 15.28
C5 NAG F . -29.33 -8.83 16.43
C6 NAG F . -29.93 -8.16 17.65
C7 NAG F . -29.79 -10.86 11.49
C8 NAG F . -29.07 -11.59 10.40
N2 NAG F . -29.05 -10.50 12.55
O3 NAG F . -28.39 -7.77 12.93
O4 NAG F . -28.08 -6.90 15.71
O5 NAG F . -30.28 -9.81 15.99
O6 NAG F . -31.00 -7.30 17.28
O7 NAG F . -30.99 -10.61 11.42
C1 NAG F . -28.21 -5.59 15.21
C2 NAG F . -27.66 -4.59 16.21
C3 NAG F . -27.77 -3.18 15.61
C4 NAG F . -27.12 -3.12 14.23
C5 NAG F . -27.65 -4.24 13.33
C6 NAG F . -26.94 -4.34 12.00
C7 NAG F . -27.73 -4.87 18.66
C8 NAG F . -28.60 -4.81 19.88
N2 NAG F . -28.36 -4.65 17.49
O3 NAG F . -27.15 -2.26 16.49
O4 NAG F . -27.43 -1.89 13.58
O5 NAG F . -27.47 -5.49 14.00
O6 NAG F . -27.55 -5.31 11.17
O7 NAG F . -26.53 -5.10 18.72
C1 BMA F . -26.60 -0.80 13.83
C2 BMA F . -26.53 0.05 12.57
C3 BMA F . -25.73 1.32 12.87
C4 BMA F . -26.27 2.07 14.08
C5 BMA F . -26.39 1.12 15.27
C6 BMA F . -27.11 1.75 16.44
O2 BMA F . -27.85 0.37 12.14
O3 BMA F . -25.78 2.17 11.73
O4 BMA F . -25.41 3.15 14.41
O5 BMA F . -27.16 -0.03 14.90
O6 BMA F . -27.18 0.83 17.53
C1 MAN F . -27.60 1.40 18.73
C2 MAN F . -27.27 0.41 19.87
C3 MAN F . -28.16 -0.82 19.79
C4 MAN F . -29.64 -0.43 19.75
C5 MAN F . -29.90 0.60 18.64
C6 MAN F . -31.29 1.18 18.71
O2 MAN F . -27.51 1.05 21.11
O3 MAN F . -27.91 -1.67 20.91
O4 MAN F . -30.41 -1.59 19.52
O5 MAN F . -29.00 1.71 18.75
O6 MAN F . -31.51 2.14 17.69
C1 NAG F . -26.46 1.84 21.63
C2 NAG F . -27.08 2.85 22.59
C3 NAG F . -25.98 3.65 23.30
C4 NAG F . -24.96 2.71 23.94
C5 NAG F . -24.41 1.73 22.89
C6 NAG F . -23.44 0.71 23.44
C7 NAG F . -29.31 3.59 21.80
C8 NAG F . -30.04 4.51 20.87
N2 NAG F . -27.97 3.74 21.85
O3 NAG F . -26.58 4.45 24.31
O4 NAG F . -23.89 3.47 24.48
O5 NAG F . -25.51 1.01 22.31
O6 NAG F . -24.05 -0.16 24.38
O7 NAG F . -29.90 2.73 22.45
C1 MAN F . -24.57 2.64 11.18
C2 MAN F . -24.88 3.98 10.48
C3 MAN F . -25.73 3.76 9.23
C4 MAN F . -25.13 2.70 8.31
C5 MAN F . -24.86 1.42 9.10
C6 MAN F . -24.17 0.34 8.30
O2 MAN F . -23.69 4.69 10.19
O3 MAN F . -25.94 4.99 8.54
O4 MAN F . -26.05 2.41 7.27
O5 MAN F . -24.03 1.70 10.24
O6 MAN F . -24.28 -0.92 8.96
C1 FUC F . -31.68 -6.71 18.36
C2 FUC F . -32.29 -5.38 17.88
C3 FUC F . -33.45 -5.63 16.93
C4 FUC F . -34.50 -6.55 17.56
C5 FUC F . -33.83 -7.86 17.99
C6 FUC F . -34.76 -8.78 18.74
O2 FUC F . -31.30 -4.59 17.24
O3 FUC F . -34.06 -4.40 16.53
O4 FUC F . -35.12 -5.90 18.66
O5 FUC F . -32.71 -7.57 18.85
CA CA G . -18.73 51.12 -14.95
CA CA H . -15.14 23.15 27.53
C ACT I . 50.61 -45.69 -28.86
O ACT I . 49.68 -44.95 -28.45
OXT ACT I . 50.82 -46.83 -28.44
CH3 ACT I . 51.53 -45.18 -29.96
C ACT J . -23.20 42.16 -11.36
O ACT J . -24.37 41.92 -11.72
OXT ACT J . -22.16 41.53 -11.66
CH3 ACT J . -23.03 43.34 -10.43
C ACT K . -17.52 32.72 15.66
O ACT K . -17.87 33.21 16.75
OXT ACT K . -17.93 31.65 15.17
CH3 ACT K . -16.50 33.51 14.81
#